data_1WWV
#
_entry.id   1WWV
#
_entity_poly.entity_id   1
_entity_poly.type   'polypeptide(L)'
_entity_poly.pdbx_seq_one_letter_code
;GSSGSSGMEPVETWTPGKVATWLRGLDDSLQDYPFEDWQLPGKNLLQLCPQSLEALAVRSLGHQELILGGVEQLQALSSR
LQTENSGPSSG
;
_entity_poly.pdbx_strand_id   A
#
# COMPACT_ATOMS: atom_id res chain seq x y z
N GLY A 1 -10.83 -2.32 18.90
CA GLY A 1 -12.04 -1.64 18.45
C GLY A 1 -12.07 -1.46 16.95
N SER A 2 -13.06 -0.70 16.47
CA SER A 2 -13.21 -0.45 15.04
C SER A 2 -13.61 1.00 14.78
N SER A 3 -12.80 1.70 13.99
CA SER A 3 -13.07 3.09 13.66
C SER A 3 -14.04 3.20 12.50
N GLY A 4 -14.76 4.32 12.42
CA GLY A 4 -15.72 4.52 11.35
C GLY A 4 -15.24 5.54 10.34
N SER A 5 -14.37 5.10 9.42
CA SER A 5 -13.83 5.99 8.39
C SER A 5 -13.47 7.35 8.99
N SER A 6 -12.94 7.34 10.21
CA SER A 6 -12.56 8.56 10.88
C SER A 6 -11.04 8.61 11.10
N GLY A 7 -10.38 9.53 10.42
CA GLY A 7 -8.95 9.66 10.54
C GLY A 7 -8.19 8.90 9.48
N MET A 8 -6.96 9.33 9.20
CA MET A 8 -6.14 8.66 8.19
C MET A 8 -4.97 7.93 8.84
N GLU A 9 -5.23 6.72 9.31
CA GLU A 9 -4.20 5.91 9.97
C GLU A 9 -3.13 5.50 8.96
N PRO A 10 -1.91 5.24 9.47
CA PRO A 10 -0.78 4.83 8.63
C PRO A 10 -0.95 3.43 8.06
N VAL A 11 -0.44 3.22 6.85
CA VAL A 11 -0.55 1.92 6.20
C VAL A 11 0.32 0.88 6.91
N GLU A 12 1.40 1.34 7.52
CA GLU A 12 2.31 0.44 8.23
C GLU A 12 1.58 -0.27 9.38
N THR A 13 0.39 0.21 9.70
CA THR A 13 -0.41 -0.38 10.77
C THR A 13 -1.62 -1.12 10.22
N TRP A 14 -2.04 -0.74 9.02
CA TRP A 14 -3.18 -1.37 8.37
C TRP A 14 -3.11 -2.89 8.51
N THR A 15 -4.27 -3.54 8.44
CA THR A 15 -4.35 -4.99 8.55
C THR A 15 -4.21 -5.66 7.18
N PRO A 16 -3.82 -6.94 7.20
CA PRO A 16 -3.64 -7.72 5.96
C PRO A 16 -4.97 -8.03 5.28
N GLY A 17 -6.05 -7.51 5.83
CA GLY A 17 -7.37 -7.74 5.27
C GLY A 17 -7.89 -6.53 4.52
N LYS A 18 -7.31 -5.37 4.79
CA LYS A 18 -7.73 -4.14 4.14
C LYS A 18 -6.93 -3.89 2.87
N VAL A 19 -5.63 -4.20 2.93
CA VAL A 19 -4.76 -4.00 1.77
C VAL A 19 -5.43 -4.49 0.49
N ALA A 20 -5.99 -5.69 0.54
CA ALA A 20 -6.66 -6.28 -0.61
C ALA A 20 -7.58 -5.26 -1.28
N THR A 21 -8.20 -4.40 -0.47
CA THR A 21 -9.09 -3.38 -0.99
C THR A 21 -8.32 -2.24 -1.64
N TRP A 22 -7.15 -1.94 -1.10
CA TRP A 22 -6.31 -0.88 -1.62
C TRP A 22 -5.53 -1.34 -2.85
N LEU A 23 -5.40 -2.66 -3.00
CA LEU A 23 -4.68 -3.24 -4.13
C LEU A 23 -5.61 -3.40 -5.33
N ARG A 24 -6.83 -3.84 -5.06
CA ARG A 24 -7.82 -4.04 -6.13
C ARG A 24 -8.22 -2.72 -6.75
N GLY A 25 -8.16 -1.64 -5.96
CA GLY A 25 -8.52 -0.34 -6.47
C GLY A 25 -7.44 0.27 -7.34
N LEU A 26 -6.19 0.06 -6.97
CA LEU A 26 -5.06 0.58 -7.72
C LEU A 26 -5.32 0.49 -9.23
N ASP A 27 -5.69 -0.70 -9.68
CA ASP A 27 -5.97 -0.93 -11.10
C ASP A 27 -6.52 -2.33 -11.32
N ASP A 28 -7.14 -2.54 -12.48
CA ASP A 28 -7.72 -3.83 -12.82
C ASP A 28 -6.63 -4.85 -13.13
N SER A 29 -5.59 -4.40 -13.82
CA SER A 29 -4.48 -5.26 -14.20
C SER A 29 -3.94 -6.01 -12.98
N LEU A 30 -4.23 -5.49 -11.79
CA LEU A 30 -3.79 -6.10 -10.55
C LEU A 30 -4.94 -6.81 -9.84
N GLN A 31 -6.16 -6.38 -10.15
CA GLN A 31 -7.35 -6.97 -9.54
C GLN A 31 -7.37 -8.48 -9.74
N ASP A 32 -6.55 -8.95 -10.68
CA ASP A 32 -6.47 -10.39 -10.97
C ASP A 32 -5.74 -11.13 -9.86
N TYR A 33 -4.61 -10.58 -9.45
CA TYR A 33 -3.81 -11.20 -8.39
C TYR A 33 -4.66 -11.53 -7.17
N PRO A 34 -4.43 -12.72 -6.60
CA PRO A 34 -5.18 -13.18 -5.42
C PRO A 34 -4.81 -12.39 -4.16
N PHE A 35 -5.40 -11.21 -4.03
CA PHE A 35 -5.14 -10.35 -2.87
C PHE A 35 -5.71 -10.97 -1.60
N GLU A 36 -6.98 -11.39 -1.67
CA GLU A 36 -7.64 -12.00 -0.52
C GLU A 36 -6.80 -13.12 0.06
N ASP A 37 -5.92 -13.69 -0.77
CA ASP A 37 -5.04 -14.77 -0.33
C ASP A 37 -3.69 -14.24 0.13
N TRP A 38 -3.22 -13.20 -0.52
CA TRP A 38 -1.95 -12.59 -0.18
C TRP A 38 -1.81 -12.43 1.34
N GLN A 39 -2.93 -12.18 2.00
CA GLN A 39 -2.93 -12.00 3.44
C GLN A 39 -1.69 -11.24 3.91
N LEU A 40 -1.28 -10.26 3.13
CA LEU A 40 -0.11 -9.46 3.45
C LEU A 40 -0.49 -8.24 4.28
N PRO A 41 0.10 -8.13 5.48
CA PRO A 41 -0.16 -7.02 6.40
C PRO A 41 0.41 -5.71 5.89
N GLY A 42 -0.14 -4.60 6.39
CA GLY A 42 0.33 -3.28 5.97
C GLY A 42 1.82 -3.10 6.21
N LYS A 43 2.25 -3.38 7.44
CA LYS A 43 3.65 -3.24 7.81
C LYS A 43 4.56 -3.78 6.71
N ASN A 44 4.09 -4.80 6.01
CA ASN A 44 4.85 -5.40 4.93
C ASN A 44 4.55 -4.72 3.59
N LEU A 45 3.37 -4.12 3.50
CA LEU A 45 2.95 -3.44 2.28
C LEU A 45 3.83 -2.22 2.02
N LEU A 46 4.24 -1.55 3.09
CA LEU A 46 5.09 -0.37 2.98
C LEU A 46 6.57 -0.76 2.90
N GLN A 47 6.87 -2.00 3.27
CA GLN A 47 8.24 -2.49 3.22
C GLN A 47 8.42 -3.51 2.11
N LEU A 48 7.55 -3.45 1.11
CA LEU A 48 7.62 -4.37 -0.02
C LEU A 48 8.85 -4.11 -0.87
N CYS A 49 9.08 -4.97 -1.85
CA CYS A 49 10.23 -4.82 -2.74
C CYS A 49 10.04 -5.65 -4.01
N PRO A 50 10.80 -5.31 -5.06
CA PRO A 50 10.74 -6.02 -6.34
C PRO A 50 11.31 -7.43 -6.26
N GLN A 51 12.01 -7.72 -5.17
CA GLN A 51 12.61 -9.04 -4.97
C GLN A 51 11.64 -9.98 -4.26
N SER A 52 10.71 -9.39 -3.50
CA SER A 52 9.72 -10.18 -2.77
C SER A 52 8.48 -10.42 -3.63
N LEU A 53 7.88 -9.34 -4.11
CA LEU A 53 6.69 -9.43 -4.94
C LEU A 53 6.76 -10.64 -5.86
N GLU A 54 7.92 -10.88 -6.44
CA GLU A 54 8.12 -12.01 -7.33
C GLU A 54 7.52 -13.28 -6.74
N ALA A 55 7.82 -13.55 -5.47
CA ALA A 55 7.32 -14.73 -4.79
C ALA A 55 5.80 -14.84 -4.95
N LEU A 56 5.13 -13.70 -4.98
CA LEU A 56 3.68 -13.67 -5.13
C LEU A 56 3.27 -13.76 -6.60
N ALA A 57 4.16 -14.33 -7.41
CA ALA A 57 3.90 -14.49 -8.83
C ALA A 57 3.85 -13.14 -9.54
N VAL A 58 4.62 -12.19 -9.03
CA VAL A 58 4.67 -10.85 -9.61
C VAL A 58 6.06 -10.53 -10.16
N ARG A 59 6.42 -11.19 -11.25
CA ARG A 59 7.73 -10.98 -11.87
C ARG A 59 7.69 -9.79 -12.82
N SER A 60 6.64 -9.70 -13.63
CA SER A 60 6.48 -8.62 -14.58
C SER A 60 6.80 -7.27 -13.92
N LEU A 61 7.39 -6.37 -14.70
CA LEU A 61 7.75 -5.05 -14.21
C LEU A 61 6.55 -4.12 -14.20
N GLY A 62 5.88 -4.03 -15.34
CA GLY A 62 4.70 -3.17 -15.46
C GLY A 62 3.82 -3.23 -14.22
N HIS A 63 3.52 -4.45 -13.78
CA HIS A 63 2.67 -4.65 -12.60
C HIS A 63 3.35 -4.10 -11.35
N GLN A 64 4.66 -4.30 -11.25
CA GLN A 64 5.42 -3.83 -10.10
C GLN A 64 5.39 -2.31 -10.02
N GLU A 65 5.61 -1.65 -11.16
CA GLU A 65 5.61 -0.20 -11.22
C GLU A 65 4.27 0.37 -10.77
N LEU A 66 3.19 -0.30 -11.17
CA LEU A 66 1.85 0.13 -10.81
C LEU A 66 1.69 0.23 -9.29
N ILE A 67 2.03 -0.85 -8.60
CA ILE A 67 1.94 -0.88 -7.15
C ILE A 67 3.05 -0.06 -6.50
N LEU A 68 4.28 -0.54 -6.62
CA LEU A 68 5.43 0.15 -6.05
C LEU A 68 5.27 1.66 -6.17
N GLY A 69 4.77 2.10 -7.32
CA GLY A 69 4.56 3.53 -7.55
C GLY A 69 3.65 4.15 -6.52
N GLY A 70 2.47 3.56 -6.35
CA GLY A 70 1.50 4.08 -5.39
C GLY A 70 2.00 3.98 -3.96
N VAL A 71 2.71 2.91 -3.65
CA VAL A 71 3.25 2.70 -2.31
C VAL A 71 4.15 3.86 -1.89
N GLU A 72 4.96 4.34 -2.81
CA GLU A 72 5.87 5.45 -2.54
C GLU A 72 5.12 6.62 -1.93
N GLN A 73 3.89 6.83 -2.37
CA GLN A 73 3.07 7.92 -1.87
C GLN A 73 2.58 7.63 -0.45
N LEU A 74 2.29 6.36 -0.19
CA LEU A 74 1.81 5.93 1.12
C LEU A 74 2.90 6.12 2.18
N GLN A 75 4.07 5.54 1.92
CA GLN A 75 5.18 5.64 2.85
C GLN A 75 5.32 7.05 3.39
N ALA A 76 4.86 8.02 2.62
CA ALA A 76 4.93 9.42 3.03
C ALA A 76 3.85 9.74 4.05
N LEU A 77 2.59 9.70 3.63
CA LEU A 77 1.47 9.98 4.52
C LEU A 77 1.55 9.14 5.79
N SER A 78 2.02 7.90 5.64
CA SER A 78 2.15 7.00 6.78
C SER A 78 3.27 7.44 7.71
N SER A 79 4.46 7.63 7.14
CA SER A 79 5.62 8.04 7.91
C SER A 79 5.57 9.54 8.21
N ARG A 80 5.03 9.87 9.38
CA ARG A 80 4.92 11.27 9.79
C ARG A 80 6.00 11.63 10.80
N LEU A 81 6.16 12.93 11.05
CA LEU A 81 7.16 13.40 11.99
C LEU A 81 6.52 13.81 13.31
N GLN A 82 6.67 12.97 14.32
CA GLN A 82 6.10 13.25 15.64
C GLN A 82 4.71 13.87 15.52
N THR A 83 3.84 13.21 14.75
CA THR A 83 2.49 13.71 14.55
C THR A 83 1.64 13.54 15.81
N GLU A 84 1.98 12.54 16.61
CA GLU A 84 1.26 12.28 17.85
C GLU A 84 1.05 13.56 18.65
N ASN A 85 2.11 14.36 18.76
CA ASN A 85 2.04 15.61 19.50
C ASN A 85 1.47 16.73 18.61
N SER A 86 2.09 16.93 17.46
CA SER A 86 1.65 17.97 16.53
C SER A 86 2.11 17.66 15.11
N GLY A 87 1.25 17.92 14.14
CA GLY A 87 1.60 17.68 12.76
C GLY A 87 1.26 18.85 11.85
N PRO A 88 1.36 18.63 10.53
CA PRO A 88 1.07 19.66 9.53
C PRO A 88 -0.41 20.01 9.47
N SER A 89 -0.72 21.24 9.07
CA SER A 89 -2.09 21.70 8.97
C SER A 89 -2.44 22.08 7.53
N SER A 90 -3.43 21.41 6.96
CA SER A 90 -3.86 21.67 5.60
C SER A 90 -5.04 22.63 5.57
N GLY A 91 -4.76 23.90 5.34
CA GLY A 91 -5.81 24.89 5.30
C GLY A 91 -5.35 26.21 4.72
N GLY A 1 -10.73 7.16 21.24
CA GLY A 1 -11.70 7.72 20.31
C GLY A 1 -12.69 6.68 19.80
N SER A 2 -13.80 7.15 19.25
CA SER A 2 -14.83 6.26 18.73
C SER A 2 -15.79 7.00 17.80
N SER A 3 -16.71 6.27 17.20
CA SER A 3 -17.68 6.85 16.28
C SER A 3 -17.05 8.00 15.49
N GLY A 4 -15.82 7.78 15.02
CA GLY A 4 -15.14 8.80 14.26
C GLY A 4 -13.68 8.45 13.98
N SER A 5 -13.14 8.98 12.90
CA SER A 5 -11.76 8.71 12.53
C SER A 5 -11.02 10.00 12.17
N SER A 6 -10.16 10.46 13.06
CA SER A 6 -9.40 11.68 12.84
C SER A 6 -8.17 11.41 11.97
N GLY A 7 -7.82 12.39 11.14
CA GLY A 7 -6.68 12.25 10.26
C GLY A 7 -6.68 10.92 9.52
N MET A 8 -5.51 10.53 9.02
CA MET A 8 -5.39 9.27 8.28
C MET A 8 -4.46 8.31 9.01
N GLU A 9 -4.82 7.03 8.99
CA GLU A 9 -4.01 6.01 9.65
C GLU A 9 -2.86 5.56 8.76
N PRO A 10 -1.70 5.32 9.37
CA PRO A 10 -0.50 4.87 8.65
C PRO A 10 -0.64 3.46 8.11
N VAL A 11 -0.38 3.29 6.82
CA VAL A 11 -0.48 1.98 6.19
C VAL A 11 0.39 0.95 6.91
N GLU A 12 1.52 1.41 7.45
CA GLU A 12 2.43 0.53 8.16
C GLU A 12 1.71 -0.19 9.30
N THR A 13 0.53 0.30 9.66
CA THR A 13 -0.26 -0.30 10.72
C THR A 13 -1.49 -1.01 10.17
N TRP A 14 -1.94 -0.57 8.99
CA TRP A 14 -3.12 -1.16 8.37
C TRP A 14 -3.10 -2.68 8.50
N THR A 15 -4.29 -3.28 8.51
CA THR A 15 -4.41 -4.72 8.63
C THR A 15 -4.26 -5.41 7.28
N PRO A 16 -3.88 -6.70 7.30
CA PRO A 16 -3.70 -7.50 6.09
C PRO A 16 -5.02 -7.79 5.39
N GLY A 17 -6.11 -7.25 5.92
CA GLY A 17 -7.42 -7.46 5.33
C GLY A 17 -7.92 -6.25 4.56
N LYS A 18 -7.28 -5.11 4.78
CA LYS A 18 -7.66 -3.87 4.12
C LYS A 18 -6.87 -3.69 2.82
N VAL A 19 -5.58 -3.94 2.88
CA VAL A 19 -4.72 -3.81 1.71
C VAL A 19 -5.39 -4.37 0.47
N ALA A 20 -6.12 -5.47 0.64
CA ALA A 20 -6.81 -6.11 -0.47
C ALA A 20 -7.62 -5.09 -1.27
N THR A 21 -8.27 -4.17 -0.57
CA THR A 21 -9.07 -3.14 -1.23
C THR A 21 -8.18 -2.12 -1.93
N TRP A 22 -7.19 -1.61 -1.21
CA TRP A 22 -6.28 -0.61 -1.76
C TRP A 22 -5.53 -1.18 -2.97
N LEU A 23 -5.39 -2.50 -3.00
CA LEU A 23 -4.70 -3.17 -4.10
C LEU A 23 -5.65 -3.41 -5.27
N ARG A 24 -6.88 -3.80 -4.97
CA ARG A 24 -7.87 -4.07 -5.99
C ARG A 24 -8.26 -2.78 -6.72
N GLY A 25 -8.37 -1.70 -5.97
CA GLY A 25 -8.74 -0.42 -6.56
C GLY A 25 -7.66 0.11 -7.49
N LEU A 26 -6.41 -0.08 -7.10
CA LEU A 26 -5.28 0.39 -7.90
C LEU A 26 -5.59 0.30 -9.38
N ASP A 27 -5.88 -0.92 -9.86
CA ASP A 27 -6.20 -1.13 -11.26
C ASP A 27 -6.62 -2.58 -11.50
N ASP A 28 -7.34 -2.81 -12.59
CA ASP A 28 -7.80 -4.14 -12.94
C ASP A 28 -6.63 -5.07 -13.22
N SER A 29 -5.63 -4.55 -13.91
CA SER A 29 -4.45 -5.34 -14.26
C SER A 29 -3.88 -6.03 -13.02
N LEU A 30 -4.27 -5.54 -11.85
CA LEU A 30 -3.79 -6.11 -10.59
C LEU A 30 -4.94 -6.77 -9.83
N GLN A 31 -6.16 -6.29 -10.06
CA GLN A 31 -7.34 -6.84 -9.40
C GLN A 31 -7.47 -8.33 -9.67
N ASP A 32 -6.70 -8.81 -10.64
CA ASP A 32 -6.74 -10.23 -11.01
C ASP A 32 -6.02 -11.08 -9.96
N TYR A 33 -4.89 -10.58 -9.48
CA TYR A 33 -4.12 -11.29 -8.47
C TYR A 33 -4.94 -11.52 -7.21
N PRO A 34 -4.78 -12.71 -6.60
CA PRO A 34 -5.50 -13.08 -5.38
C PRO A 34 -5.02 -12.30 -4.17
N PHE A 35 -5.51 -11.08 -4.03
CA PHE A 35 -5.12 -10.22 -2.91
C PHE A 35 -5.65 -10.77 -1.60
N GLU A 36 -6.95 -11.12 -1.59
CA GLU A 36 -7.57 -11.67 -0.39
C GLU A 36 -6.80 -12.87 0.14
N ASP A 37 -5.95 -13.43 -0.71
CA ASP A 37 -5.14 -14.59 -0.33
C ASP A 37 -3.75 -14.17 0.12
N TRP A 38 -3.30 -13.00 -0.36
CA TRP A 38 -1.99 -12.49 -0.01
C TRP A 38 -1.87 -12.29 1.50
N GLN A 39 -3.01 -12.03 2.15
CA GLN A 39 -3.03 -11.82 3.59
C GLN A 39 -1.78 -11.07 4.05
N LEU A 40 -1.36 -10.09 3.27
CA LEU A 40 -0.19 -9.29 3.59
C LEU A 40 -0.56 -8.06 4.42
N PRO A 41 0.01 -7.95 5.62
CA PRO A 41 -0.25 -6.83 6.53
C PRO A 41 0.34 -5.52 6.01
N GLY A 42 -0.22 -4.40 6.45
CA GLY A 42 0.27 -3.11 6.03
C GLY A 42 1.72 -2.88 6.40
N LYS A 43 2.08 -3.26 7.62
CA LYS A 43 3.45 -3.10 8.10
C LYS A 43 4.45 -3.62 7.07
N ASN A 44 4.10 -4.71 6.42
CA ASN A 44 4.97 -5.31 5.41
C ASN A 44 4.70 -4.70 4.03
N LEU A 45 3.47 -4.25 3.82
CA LEU A 45 3.08 -3.64 2.55
C LEU A 45 4.01 -2.49 2.19
N LEU A 46 4.41 -1.71 3.21
CA LEU A 46 5.29 -0.57 3.00
C LEU A 46 6.74 -1.02 2.93
N GLN A 47 7.00 -2.25 3.38
CA GLN A 47 8.35 -2.80 3.37
C GLN A 47 8.58 -3.67 2.14
N LEU A 48 7.51 -3.90 1.38
CA LEU A 48 7.59 -4.73 0.18
C LEU A 48 8.67 -4.19 -0.76
N CYS A 49 9.03 -5.01 -1.75
CA CYS A 49 10.06 -4.63 -2.72
C CYS A 49 9.74 -5.22 -4.09
N PRO A 50 10.35 -4.62 -5.14
CA PRO A 50 10.15 -5.07 -6.52
C PRO A 50 10.78 -6.43 -6.79
N GLN A 51 11.75 -6.80 -5.95
CA GLN A 51 12.43 -8.08 -6.11
C GLN A 51 11.68 -9.19 -5.36
N SER A 52 10.95 -8.81 -4.32
CA SER A 52 10.19 -9.76 -3.53
C SER A 52 8.87 -10.10 -4.19
N LEU A 53 8.11 -9.06 -4.55
CA LEU A 53 6.83 -9.24 -5.20
C LEU A 53 6.85 -10.44 -6.15
N GLU A 54 7.98 -10.65 -6.80
CA GLU A 54 8.14 -11.76 -7.72
C GLU A 54 7.62 -13.06 -7.11
N ALA A 55 8.08 -13.36 -5.89
CA ALA A 55 7.66 -14.57 -5.20
C ALA A 55 6.15 -14.70 -5.20
N LEU A 56 5.46 -13.57 -5.24
CA LEU A 56 4.00 -13.56 -5.25
C LEU A 56 3.45 -13.71 -6.66
N ALA A 57 4.30 -14.21 -7.56
CA ALA A 57 3.90 -14.41 -8.95
C ALA A 57 3.80 -13.07 -9.69
N VAL A 58 4.56 -12.09 -9.22
CA VAL A 58 4.56 -10.76 -9.83
C VAL A 58 5.92 -10.44 -10.44
N ARG A 59 6.19 -10.99 -11.62
CA ARG A 59 7.45 -10.76 -12.31
C ARG A 59 7.33 -9.60 -13.30
N SER A 60 6.20 -9.53 -13.98
CA SER A 60 5.96 -8.48 -14.97
C SER A 60 6.29 -7.11 -14.38
N LEU A 61 7.46 -6.59 -14.74
CA LEU A 61 7.90 -5.29 -14.25
C LEU A 61 6.73 -4.30 -14.20
N GLY A 62 6.13 -4.05 -15.36
CA GLY A 62 5.00 -3.13 -15.43
C GLY A 62 4.10 -3.23 -14.21
N HIS A 63 3.68 -4.45 -13.88
CA HIS A 63 2.81 -4.67 -12.74
C HIS A 63 3.40 -4.05 -11.47
N GLN A 64 4.68 -4.30 -11.25
CA GLN A 64 5.37 -3.76 -10.07
C GLN A 64 5.23 -2.25 -10.01
N GLU A 65 5.63 -1.57 -11.07
CA GLU A 65 5.55 -0.11 -11.13
C GLU A 65 4.18 0.37 -10.68
N LEU A 66 3.14 -0.24 -11.23
CA LEU A 66 1.77 0.13 -10.88
C LEU A 66 1.59 0.18 -9.36
N ILE A 67 1.89 -0.91 -8.69
CA ILE A 67 1.77 -0.98 -7.23
C ILE A 67 2.79 -0.07 -6.55
N LEU A 68 4.07 -0.36 -6.79
CA LEU A 68 5.14 0.43 -6.20
C LEU A 68 4.81 1.92 -6.23
N GLY A 69 4.21 2.37 -7.33
CA GLY A 69 3.85 3.76 -7.46
C GLY A 69 3.00 4.25 -6.31
N GLY A 70 2.02 3.44 -5.91
CA GLY A 70 1.15 3.81 -4.81
C GLY A 70 1.80 3.62 -3.46
N VAL A 71 2.63 2.59 -3.34
CA VAL A 71 3.32 2.30 -2.09
C VAL A 71 4.29 3.42 -1.73
N GLU A 72 5.16 3.76 -2.67
CA GLU A 72 6.14 4.82 -2.45
C GLU A 72 5.48 6.07 -1.88
N GLN A 73 4.27 6.35 -2.35
CA GLN A 73 3.53 7.53 -1.91
C GLN A 73 2.96 7.31 -0.51
N LEU A 74 2.59 6.06 -0.22
CA LEU A 74 2.03 5.71 1.08
C LEU A 74 3.05 5.92 2.19
N GLN A 75 4.23 5.32 2.03
CA GLN A 75 5.29 5.45 3.02
C GLN A 75 5.44 6.90 3.48
N ALA A 76 5.04 7.83 2.61
CA ALA A 76 5.13 9.25 2.94
C ALA A 76 4.02 9.67 3.89
N LEU A 77 2.78 9.61 3.41
CA LEU A 77 1.63 9.98 4.22
C LEU A 77 1.62 9.22 5.54
N SER A 78 1.85 7.91 5.46
CA SER A 78 1.87 7.07 6.65
C SER A 78 2.79 7.66 7.72
N SER A 79 4.08 7.63 7.47
CA SER A 79 5.07 8.15 8.41
C SER A 79 5.89 9.28 7.78
N ARG A 80 6.06 10.36 8.52
CA ARG A 80 6.82 11.51 8.03
C ARG A 80 8.10 11.70 8.85
N LEU A 81 9.21 11.22 8.30
CA LEU A 81 10.50 11.34 8.99
C LEU A 81 11.10 12.73 8.77
N GLN A 82 11.50 13.01 7.53
CA GLN A 82 12.09 14.29 7.18
C GLN A 82 11.75 14.68 5.75
N THR A 83 11.48 15.97 5.54
CA THR A 83 11.15 16.47 4.21
C THR A 83 12.24 17.38 3.68
N GLU A 84 13.09 16.83 2.81
CA GLU A 84 14.19 17.60 2.22
C GLU A 84 13.68 18.49 1.10
N ASN A 85 14.50 19.46 0.71
CA ASN A 85 14.13 20.39 -0.35
C ASN A 85 15.18 20.38 -1.46
N SER A 86 14.73 20.11 -2.68
CA SER A 86 15.63 20.07 -3.84
C SER A 86 16.29 21.42 -4.07
N GLY A 87 15.46 22.43 -4.34
CA GLY A 87 15.98 23.77 -4.58
C GLY A 87 15.37 24.42 -5.80
N PRO A 88 15.20 25.75 -5.74
CA PRO A 88 14.62 26.52 -6.84
C PRO A 88 15.54 26.60 -8.05
N SER A 89 16.71 25.96 -7.94
CA SER A 89 17.68 25.96 -9.02
C SER A 89 17.00 25.78 -10.37
N SER A 90 16.80 26.89 -11.08
CA SER A 90 16.15 26.85 -12.38
C SER A 90 15.03 25.83 -12.40
N GLY A 91 14.40 25.60 -11.25
CA GLY A 91 13.32 24.65 -11.16
C GLY A 91 12.32 24.79 -12.27
N GLY A 1 0.07 4.46 23.42
CA GLY A 1 -0.30 4.69 22.03
C GLY A 1 -1.74 5.11 21.87
N SER A 2 -1.99 6.41 21.97
CA SER A 2 -3.34 6.94 21.84
C SER A 2 -3.34 8.22 21.00
N SER A 3 -4.28 8.30 20.06
CA SER A 3 -4.39 9.46 19.19
C SER A 3 -5.67 10.24 19.48
N GLY A 4 -5.60 11.56 19.29
CA GLY A 4 -6.76 12.40 19.53
C GLY A 4 -7.42 12.88 18.25
N SER A 5 -6.60 13.31 17.30
CA SER A 5 -7.11 13.80 16.02
C SER A 5 -7.18 12.68 15.00
N SER A 6 -8.37 12.49 14.41
CA SER A 6 -8.58 11.45 13.42
C SER A 6 -8.26 11.96 12.02
N GLY A 7 -7.11 11.54 11.48
CA GLY A 7 -6.72 11.98 10.16
C GLY A 7 -6.67 10.82 9.17
N MET A 8 -5.63 10.00 9.27
CA MET A 8 -5.48 8.86 8.37
C MET A 8 -4.44 7.88 8.92
N GLU A 9 -4.91 6.71 9.34
CA GLU A 9 -4.02 5.68 9.88
C GLU A 9 -2.90 5.36 8.90
N PRO A 10 -1.71 5.09 9.44
CA PRO A 10 -0.52 4.76 8.62
C PRO A 10 -0.64 3.39 7.96
N VAL A 11 -0.33 3.34 6.67
CA VAL A 11 -0.40 2.09 5.92
C VAL A 11 0.54 1.04 6.51
N GLU A 12 1.43 1.47 7.39
CA GLU A 12 2.38 0.58 8.03
C GLU A 12 1.72 -0.20 9.17
N THR A 13 0.59 0.31 9.63
CA THR A 13 -0.14 -0.34 10.72
C THR A 13 -1.38 -1.06 10.21
N TRP A 14 -1.77 -0.75 8.97
CA TRP A 14 -2.93 -1.37 8.36
C TRP A 14 -2.90 -2.88 8.52
N THR A 15 -4.07 -3.51 8.47
CA THR A 15 -4.16 -4.96 8.60
C THR A 15 -4.05 -5.65 7.24
N PRO A 16 -3.67 -6.93 7.26
CA PRO A 16 -3.52 -7.73 6.04
C PRO A 16 -4.86 -8.04 5.38
N GLY A 17 -5.93 -7.51 5.96
CA GLY A 17 -7.26 -7.73 5.40
C GLY A 17 -7.78 -6.53 4.63
N LYS A 18 -7.15 -5.37 4.83
CA LYS A 18 -7.55 -4.16 4.15
C LYS A 18 -6.75 -3.95 2.87
N VAL A 19 -5.47 -4.27 2.93
CA VAL A 19 -4.58 -4.13 1.78
C VAL A 19 -5.26 -4.63 0.51
N ALA A 20 -5.83 -5.83 0.58
CA ALA A 20 -6.51 -6.42 -0.57
C ALA A 20 -7.48 -5.41 -1.21
N THR A 21 -8.09 -4.58 -0.37
CA THR A 21 -9.05 -3.59 -0.85
C THR A 21 -8.32 -2.40 -1.47
N TRP A 22 -7.09 -2.16 -1.03
CA TRP A 22 -6.29 -1.05 -1.54
C TRP A 22 -5.52 -1.48 -2.79
N LEU A 23 -5.44 -2.77 -3.02
CA LEU A 23 -4.73 -3.31 -4.17
C LEU A 23 -5.68 -3.51 -5.35
N ARG A 24 -6.85 -4.06 -5.07
CA ARG A 24 -7.85 -4.29 -6.12
C ARG A 24 -8.31 -2.98 -6.74
N GLY A 25 -8.15 -1.89 -5.99
CA GLY A 25 -8.56 -0.58 -6.49
C GLY A 25 -7.47 0.09 -7.30
N LEU A 26 -6.22 -0.14 -6.92
CA LEU A 26 -5.08 0.45 -7.62
C LEU A 26 -5.35 0.53 -9.12
N ASP A 27 -5.71 -0.59 -9.70
CA ASP A 27 -6.01 -0.65 -11.14
C ASP A 27 -6.62 -1.99 -11.51
N ASP A 28 -7.17 -2.07 -12.72
CA ASP A 28 -7.80 -3.30 -13.20
C ASP A 28 -6.73 -4.31 -13.62
N SER A 29 -5.55 -3.82 -13.96
CA SER A 29 -4.45 -4.69 -14.39
C SER A 29 -3.93 -5.51 -13.22
N LEU A 30 -4.22 -5.05 -12.00
CA LEU A 30 -3.78 -5.75 -10.80
C LEU A 30 -4.92 -6.52 -10.16
N GLN A 31 -6.10 -6.43 -10.77
CA GLN A 31 -7.28 -7.12 -10.27
C GLN A 31 -7.32 -8.57 -10.77
N ASP A 32 -6.15 -9.17 -10.88
CA ASP A 32 -6.05 -10.55 -11.35
C ASP A 32 -5.38 -11.43 -10.30
N TYR A 33 -4.54 -10.82 -9.47
CA TYR A 33 -3.83 -11.55 -8.42
C TYR A 33 -4.73 -11.77 -7.21
N PRO A 34 -4.61 -12.95 -6.59
CA PRO A 34 -5.41 -13.31 -5.41
C PRO A 34 -4.99 -12.52 -4.17
N PHE A 35 -5.49 -11.29 -4.07
CA PHE A 35 -5.16 -10.43 -2.93
C PHE A 35 -5.74 -11.00 -1.64
N GLU A 36 -6.94 -11.57 -1.73
CA GLU A 36 -7.60 -12.15 -0.56
C GLU A 36 -6.77 -13.27 0.03
N ASP A 37 -5.86 -13.81 -0.77
CA ASP A 37 -4.99 -14.90 -0.33
C ASP A 37 -3.65 -14.36 0.16
N TRP A 38 -3.19 -13.29 -0.46
CA TRP A 38 -1.92 -12.69 -0.09
C TRP A 38 -1.80 -12.52 1.42
N GLN A 39 -2.90 -12.12 2.05
CA GLN A 39 -2.92 -11.94 3.50
C GLN A 39 -1.67 -11.20 3.97
N LEU A 40 -1.21 -10.25 3.17
CA LEU A 40 -0.02 -9.48 3.51
C LEU A 40 -0.39 -8.25 4.34
N PRO A 41 0.22 -8.15 5.54
CA PRO A 41 -0.02 -7.04 6.46
C PRO A 41 0.56 -5.73 5.94
N GLY A 42 0.01 -4.61 6.40
CA GLY A 42 0.50 -3.31 5.97
C GLY A 42 1.97 -3.10 6.30
N LYS A 43 2.34 -3.39 7.54
CA LYS A 43 3.72 -3.23 7.98
C LYS A 43 4.69 -3.65 6.89
N ASN A 44 4.32 -4.69 6.14
CA ASN A 44 5.16 -5.18 5.06
C ASN A 44 4.85 -4.47 3.75
N LEU A 45 3.58 -4.12 3.56
CA LEU A 45 3.14 -3.43 2.35
C LEU A 45 4.09 -2.28 2.01
N LEU A 46 4.48 -1.51 3.03
CA LEU A 46 5.38 -0.39 2.83
C LEU A 46 6.83 -0.86 2.76
N GLN A 47 7.07 -2.08 3.23
CA GLN A 47 8.41 -2.64 3.23
C GLN A 47 8.56 -3.68 2.11
N LEU A 48 7.68 -3.61 1.12
CA LEU A 48 7.71 -4.53 0.00
C LEU A 48 8.91 -4.25 -0.91
N CYS A 49 8.99 -4.99 -2.01
CA CYS A 49 10.09 -4.81 -2.96
C CYS A 49 9.81 -5.55 -4.26
N PRO A 50 10.51 -5.17 -5.33
CA PRO A 50 10.35 -5.79 -6.66
C PRO A 50 10.87 -7.21 -6.69
N GLN A 51 11.69 -7.57 -5.71
CA GLN A 51 12.25 -8.91 -5.63
C GLN A 51 11.34 -9.85 -4.84
N SER A 52 10.70 -9.31 -3.82
CA SER A 52 9.80 -10.11 -2.98
C SER A 52 8.48 -10.37 -3.70
N LEU A 53 7.93 -9.32 -4.30
CA LEU A 53 6.66 -9.45 -5.01
C LEU A 53 6.67 -10.67 -5.93
N GLU A 54 7.83 -10.99 -6.47
CA GLU A 54 7.98 -12.14 -7.35
C GLU A 54 7.44 -13.41 -6.69
N ALA A 55 7.68 -13.53 -5.39
CA ALA A 55 7.22 -14.69 -4.64
C ALA A 55 5.71 -14.87 -4.77
N LEU A 56 5.00 -13.75 -4.83
CA LEU A 56 3.55 -13.78 -4.96
C LEU A 56 3.12 -13.87 -6.42
N ALA A 57 4.01 -14.41 -7.25
CA ALA A 57 3.73 -14.56 -8.67
C ALA A 57 3.70 -13.21 -9.38
N VAL A 58 4.46 -12.25 -8.84
CA VAL A 58 4.53 -10.92 -9.42
C VAL A 58 5.95 -10.58 -9.84
N ARG A 59 6.30 -10.94 -11.07
CA ARG A 59 7.63 -10.67 -11.61
C ARG A 59 7.58 -9.54 -12.61
N SER A 60 6.57 -9.54 -13.47
CA SER A 60 6.42 -8.50 -14.48
C SER A 60 6.65 -7.11 -13.88
N LEU A 61 7.54 -6.34 -14.51
CA LEU A 61 7.85 -5.00 -14.04
C LEU A 61 6.62 -4.12 -14.06
N GLY A 62 5.99 -4.01 -15.23
CA GLY A 62 4.81 -3.18 -15.36
C GLY A 62 3.92 -3.25 -14.13
N HIS A 63 3.61 -4.47 -13.69
CA HIS A 63 2.77 -4.66 -12.52
C HIS A 63 3.39 -4.03 -11.28
N GLN A 64 4.65 -4.40 -11.01
CA GLN A 64 5.36 -3.87 -9.86
C GLN A 64 5.29 -2.35 -9.81
N GLU A 65 5.55 -1.73 -10.96
CA GLU A 65 5.51 -0.28 -11.05
C GLU A 65 4.15 0.27 -10.62
N LEU A 66 3.09 -0.35 -11.13
CA LEU A 66 1.73 0.07 -10.81
C LEU A 66 1.54 0.16 -9.31
N ILE A 67 1.82 -0.93 -8.61
CA ILE A 67 1.68 -0.97 -7.15
C ILE A 67 2.74 -0.10 -6.47
N LEU A 68 3.99 -0.49 -6.61
CA LEU A 68 5.10 0.25 -6.02
C LEU A 68 4.85 1.76 -6.09
N GLY A 69 4.37 2.22 -7.24
CA GLY A 69 4.09 3.62 -7.41
C GLY A 69 3.24 4.19 -6.29
N GLY A 70 2.09 3.56 -6.05
CA GLY A 70 1.20 4.03 -5.00
C GLY A 70 1.82 3.87 -3.62
N VAL A 71 2.53 2.76 -3.40
CA VAL A 71 3.15 2.50 -2.12
C VAL A 71 4.15 3.60 -1.76
N GLU A 72 4.91 4.05 -2.75
CA GLU A 72 5.90 5.10 -2.54
C GLU A 72 5.26 6.35 -1.95
N GLN A 73 4.09 6.72 -2.49
CA GLN A 73 3.37 7.90 -2.02
C GLN A 73 2.88 7.69 -0.59
N LEU A 74 2.39 6.49 -0.29
CA LEU A 74 1.89 6.17 1.03
C LEU A 74 2.99 6.32 2.08
N GLN A 75 4.09 5.63 1.88
CA GLN A 75 5.22 5.68 2.80
C GLN A 75 5.41 7.10 3.33
N ALA A 76 5.00 8.09 2.53
CA ALA A 76 5.14 9.49 2.91
C ALA A 76 4.06 9.89 3.91
N LEU A 77 2.81 9.94 3.46
CA LEU A 77 1.70 10.31 4.30
C LEU A 77 1.71 9.51 5.60
N SER A 78 2.02 8.22 5.49
CA SER A 78 2.08 7.35 6.66
C SER A 78 3.17 7.80 7.63
N SER A 79 4.42 7.60 7.24
CA SER A 79 5.56 7.98 8.06
C SER A 79 5.26 9.26 8.83
N ARG A 80 5.00 10.34 8.11
CA ARG A 80 4.70 11.63 8.72
C ARG A 80 3.24 12.02 8.48
N LEU A 81 2.52 12.25 9.56
CA LEU A 81 1.10 12.63 9.48
C LEU A 81 0.90 14.07 9.97
N GLN A 82 0.30 14.89 9.11
CA GLN A 82 0.05 16.29 9.46
C GLN A 82 -1.43 16.52 9.70
N THR A 83 -2.09 15.54 10.30
CA THR A 83 -3.52 15.63 10.58
C THR A 83 -4.28 16.22 9.41
N GLU A 84 -3.91 15.79 8.21
CA GLU A 84 -4.56 16.27 6.99
C GLU A 84 -5.58 15.26 6.48
N ASN A 85 -6.31 15.63 5.44
CA ASN A 85 -7.32 14.76 4.85
C ASN A 85 -7.13 14.65 3.34
N SER A 86 -6.88 13.43 2.87
CA SER A 86 -6.67 13.18 1.45
C SER A 86 -7.72 12.22 0.91
N GLY A 87 -8.46 12.64 -0.11
CA GLY A 87 -9.47 11.79 -0.70
C GLY A 87 -10.27 12.52 -1.77
N PRO A 88 -9.74 12.53 -3.00
CA PRO A 88 -10.39 13.18 -4.14
C PRO A 88 -11.64 12.45 -4.59
N SER A 89 -11.80 11.22 -4.13
CA SER A 89 -12.96 10.41 -4.49
C SER A 89 -13.85 10.15 -3.27
N SER A 90 -14.69 11.12 -2.95
CA SER A 90 -15.59 11.01 -1.81
C SER A 90 -16.19 9.62 -1.72
N GLY A 91 -16.74 9.14 -2.85
CA GLY A 91 -17.33 7.83 -2.88
C GLY A 91 -16.39 6.77 -3.41
N GLY A 1 -24.57 -1.79 5.36
CA GLY A 1 -23.80 -0.57 5.54
C GLY A 1 -22.40 -0.84 6.06
N SER A 2 -21.76 -1.86 5.51
CA SER A 2 -20.40 -2.22 5.91
C SER A 2 -19.41 -1.11 5.55
N SER A 3 -19.29 -0.13 6.44
CA SER A 3 -18.39 0.98 6.21
C SER A 3 -17.99 1.63 7.54
N GLY A 4 -16.80 2.22 7.57
CA GLY A 4 -16.33 2.88 8.77
C GLY A 4 -14.91 3.39 8.64
N SER A 5 -14.55 4.38 9.46
CA SER A 5 -13.22 4.96 9.42
C SER A 5 -13.00 5.89 10.60
N SER A 6 -12.10 5.52 11.50
CA SER A 6 -11.80 6.33 12.68
C SER A 6 -10.30 6.63 12.77
N GLY A 7 -9.89 7.74 12.19
CA GLY A 7 -8.48 8.12 12.22
C GLY A 7 -7.70 7.51 11.07
N MET A 8 -7.14 8.36 10.22
CA MET A 8 -6.36 7.90 9.08
C MET A 8 -5.10 7.17 9.54
N GLU A 9 -5.27 5.92 9.95
CA GLU A 9 -4.14 5.11 10.41
C GLU A 9 -3.12 4.90 9.29
N PRO A 10 -1.85 4.74 9.69
CA PRO A 10 -0.75 4.53 8.74
C PRO A 10 -0.82 3.17 8.06
N VAL A 11 -0.51 3.14 6.77
CA VAL A 11 -0.54 1.89 6.01
C VAL A 11 0.38 0.85 6.62
N GLU A 12 1.31 1.30 7.45
CA GLU A 12 2.26 0.40 8.11
C GLU A 12 1.57 -0.37 9.23
N THR A 13 0.57 0.24 9.85
CA THR A 13 -0.17 -0.40 10.93
C THR A 13 -1.35 -1.20 10.40
N TRP A 14 -1.85 -0.80 9.24
CA TRP A 14 -2.97 -1.48 8.62
C TRP A 14 -2.84 -3.00 8.76
N THR A 15 -3.95 -3.71 8.58
CA THR A 15 -3.95 -5.16 8.69
C THR A 15 -3.86 -5.81 7.31
N PRO A 16 -3.44 -7.08 7.28
CA PRO A 16 -3.30 -7.84 6.04
C PRO A 16 -4.65 -8.18 5.41
N GLY A 17 -5.72 -7.69 6.03
CA GLY A 17 -7.05 -7.95 5.51
C GLY A 17 -7.65 -6.75 4.82
N LYS A 18 -7.10 -5.57 5.09
CA LYS A 18 -7.58 -4.34 4.48
C LYS A 18 -6.82 -4.04 3.19
N VAL A 19 -5.52 -4.31 3.20
CA VAL A 19 -4.68 -4.07 2.03
C VAL A 19 -5.36 -4.57 0.76
N ALA A 20 -5.75 -5.84 0.77
CA ALA A 20 -6.42 -6.45 -0.38
C ALA A 20 -7.37 -5.46 -1.05
N THR A 21 -7.89 -4.52 -0.26
CA THR A 21 -8.81 -3.52 -0.77
C THR A 21 -8.08 -2.43 -1.54
N TRP A 22 -7.00 -1.92 -0.97
CA TRP A 22 -6.21 -0.87 -1.60
C TRP A 22 -5.54 -1.40 -2.87
N LEU A 23 -5.04 -2.64 -2.80
CA LEU A 23 -4.38 -3.26 -3.94
C LEU A 23 -5.35 -3.43 -5.11
N ARG A 24 -6.58 -3.81 -4.79
CA ARG A 24 -7.59 -4.02 -5.81
C ARG A 24 -8.02 -2.70 -6.43
N GLY A 25 -7.99 -1.64 -5.62
CA GLY A 25 -8.37 -0.33 -6.11
C GLY A 25 -7.29 0.34 -6.93
N LEU A 26 -6.06 -0.11 -6.74
CA LEU A 26 -4.92 0.46 -7.47
C LEU A 26 -5.23 0.54 -8.96
N ASP A 27 -5.28 -0.61 -9.63
CA ASP A 27 -5.57 -0.65 -11.05
C ASP A 27 -6.42 -1.88 -11.39
N ASP A 28 -6.89 -1.94 -12.63
CA ASP A 28 -7.72 -3.05 -13.08
C ASP A 28 -6.85 -4.23 -13.52
N SER A 29 -5.58 -3.93 -13.83
CA SER A 29 -4.65 -4.96 -14.27
C SER A 29 -4.06 -5.70 -13.07
N LEU A 30 -4.23 -5.13 -11.88
CA LEU A 30 -3.70 -5.74 -10.66
C LEU A 30 -4.82 -6.41 -9.86
N GLN A 31 -6.04 -5.88 -10.01
CA GLN A 31 -7.19 -6.43 -9.31
C GLN A 31 -7.33 -7.93 -9.58
N ASP A 32 -6.70 -8.39 -10.65
CA ASP A 32 -6.76 -9.80 -11.02
C ASP A 32 -6.05 -10.66 -9.98
N TYR A 33 -4.80 -10.30 -9.68
CA TYR A 33 -4.01 -11.04 -8.70
C TYR A 33 -4.83 -11.34 -7.45
N PRO A 34 -4.66 -12.55 -6.91
CA PRO A 34 -5.37 -12.99 -5.70
C PRO A 34 -4.89 -12.27 -4.45
N PHE A 35 -5.39 -11.06 -4.25
CA PHE A 35 -5.01 -10.24 -3.09
C PHE A 35 -5.58 -10.85 -1.80
N GLU A 36 -6.85 -11.22 -1.85
CA GLU A 36 -7.52 -11.80 -0.69
C GLU A 36 -6.78 -13.06 -0.22
N ASP A 37 -5.88 -13.56 -1.05
CA ASP A 37 -5.11 -14.74 -0.72
C ASP A 37 -3.62 -14.41 -0.60
N TRP A 38 -3.32 -13.15 -0.34
CA TRP A 38 -1.94 -12.71 -0.19
C TRP A 38 -1.52 -12.69 1.27
N GLN A 39 -2.44 -12.32 2.14
CA GLN A 39 -2.16 -12.26 3.58
C GLN A 39 -0.95 -11.39 3.86
N LEU A 40 -0.87 -10.25 3.19
CA LEU A 40 0.24 -9.33 3.37
C LEU A 40 -0.17 -8.14 4.26
N PRO A 41 0.46 -8.06 5.44
CA PRO A 41 0.18 -6.99 6.41
C PRO A 41 0.69 -5.63 5.92
N GLY A 42 0.12 -4.56 6.46
CA GLY A 42 0.53 -3.22 6.08
C GLY A 42 2.00 -2.97 6.34
N LYS A 43 2.43 -3.20 7.57
CA LYS A 43 3.82 -3.00 7.94
C LYS A 43 4.76 -3.49 6.84
N ASN A 44 4.40 -4.61 6.22
CA ASN A 44 5.21 -5.19 5.15
C ASN A 44 4.90 -4.52 3.82
N LEU A 45 3.63 -4.15 3.63
CA LEU A 45 3.19 -3.50 2.39
C LEU A 45 4.14 -2.36 2.02
N LEU A 46 4.58 -1.62 3.02
CA LEU A 46 5.49 -0.50 2.80
C LEU A 46 6.94 -0.97 2.72
N GLN A 47 7.18 -2.20 3.17
CA GLN A 47 8.52 -2.77 3.17
C GLN A 47 8.68 -3.72 1.99
N LEU A 48 7.64 -3.85 1.17
CA LEU A 48 7.67 -4.73 0.01
C LEU A 48 8.88 -4.42 -0.87
N CYS A 49 9.04 -5.21 -1.93
CA CYS A 49 10.15 -5.01 -2.86
C CYS A 49 9.85 -5.67 -4.21
N PRO A 50 10.59 -5.24 -5.25
CA PRO A 50 10.42 -5.77 -6.61
C PRO A 50 10.89 -7.22 -6.73
N GLN A 51 11.73 -7.64 -5.78
CA GLN A 51 12.27 -9.00 -5.79
C GLN A 51 11.36 -9.93 -5.01
N SER A 52 10.91 -9.48 -3.84
CA SER A 52 10.04 -10.28 -2.99
C SER A 52 8.69 -10.51 -3.65
N LEU A 53 8.16 -9.47 -4.28
CA LEU A 53 6.87 -9.55 -4.96
C LEU A 53 6.79 -10.81 -5.83
N GLU A 54 7.91 -11.14 -6.47
CA GLU A 54 7.97 -12.32 -7.33
C GLU A 54 7.37 -13.54 -6.63
N ALA A 55 7.58 -13.62 -5.32
CA ALA A 55 7.06 -14.73 -4.55
C ALA A 55 5.54 -14.84 -4.67
N LEU A 56 4.88 -13.69 -4.75
CA LEU A 56 3.43 -13.65 -4.89
C LEU A 56 3.01 -13.76 -6.34
N ALA A 57 3.88 -14.34 -7.17
CA ALA A 57 3.60 -14.51 -8.58
C ALA A 57 3.56 -13.17 -9.30
N VAL A 58 4.38 -12.23 -8.83
CA VAL A 58 4.44 -10.90 -9.43
C VAL A 58 5.85 -10.56 -9.91
N ARG A 59 6.18 -11.02 -11.10
CA ARG A 59 7.50 -10.77 -11.68
C ARG A 59 7.44 -9.67 -12.73
N SER A 60 6.35 -9.64 -13.48
CA SER A 60 6.16 -8.64 -14.53
C SER A 60 6.44 -7.24 -14.00
N LEU A 61 7.32 -6.51 -14.68
CA LEU A 61 7.67 -5.16 -14.28
C LEU A 61 6.45 -4.24 -14.32
N GLY A 62 5.87 -4.07 -15.51
CA GLY A 62 4.70 -3.23 -15.65
C GLY A 62 3.79 -3.28 -14.44
N HIS A 63 3.49 -4.49 -13.98
CA HIS A 63 2.63 -4.68 -12.83
C HIS A 63 3.27 -4.12 -11.56
N GLN A 64 4.53 -4.47 -11.35
CA GLN A 64 5.27 -4.00 -10.18
C GLN A 64 5.27 -2.48 -10.11
N GLU A 65 5.80 -1.85 -11.16
CA GLU A 65 5.87 -0.39 -11.22
C GLU A 65 4.53 0.23 -10.82
N LEU A 66 3.45 -0.34 -11.34
CA LEU A 66 2.11 0.15 -11.04
C LEU A 66 1.86 0.22 -9.54
N ILE A 67 2.22 -0.86 -8.85
CA ILE A 67 2.04 -0.93 -7.41
C ILE A 67 3.09 -0.08 -6.68
N LEU A 68 4.35 -0.47 -6.83
CA LEU A 68 5.45 0.25 -6.19
C LEU A 68 5.19 1.75 -6.20
N GLY A 69 4.70 2.26 -7.32
CA GLY A 69 4.42 3.68 -7.43
C GLY A 69 3.46 4.17 -6.35
N GLY A 70 2.35 3.45 -6.18
CA GLY A 70 1.38 3.83 -5.18
C GLY A 70 1.91 3.69 -3.76
N VAL A 71 2.55 2.56 -3.49
CA VAL A 71 3.12 2.30 -2.17
C VAL A 71 4.00 3.45 -1.72
N GLU A 72 5.01 3.77 -2.53
CA GLU A 72 5.93 4.85 -2.21
C GLU A 72 5.17 6.11 -1.79
N GLN A 73 4.02 6.33 -2.42
CA GLN A 73 3.20 7.50 -2.11
C GLN A 73 2.52 7.36 -0.75
N LEU A 74 2.18 6.12 -0.40
CA LEU A 74 1.53 5.85 0.88
C LEU A 74 2.49 6.07 2.04
N GLN A 75 3.66 5.44 1.97
CA GLN A 75 4.67 5.58 3.01
C GLN A 75 4.78 7.03 3.46
N ALA A 76 4.56 7.95 2.54
CA ALA A 76 4.64 9.38 2.85
C ALA A 76 3.53 9.80 3.80
N LEU A 77 2.30 9.80 3.31
CA LEU A 77 1.15 10.19 4.11
C LEU A 77 1.09 9.37 5.39
N SER A 78 1.75 8.22 5.39
CA SER A 78 1.78 7.34 6.54
C SER A 78 2.77 7.83 7.59
N SER A 79 3.91 8.32 7.13
CA SER A 79 4.95 8.82 8.02
C SER A 79 4.34 9.72 9.09
N ARG A 80 3.67 10.78 8.66
CA ARG A 80 3.04 11.72 9.58
C ARG A 80 1.53 11.66 9.48
N LEU A 81 0.86 11.74 10.63
CA LEU A 81 -0.60 11.69 10.67
C LEU A 81 -1.20 13.08 10.46
N GLN A 82 -2.49 13.13 10.19
CA GLN A 82 -3.19 14.39 9.98
C GLN A 82 -2.53 15.19 8.86
N THR A 83 -2.35 14.56 7.71
CA THR A 83 -1.73 15.21 6.56
C THR A 83 -2.68 16.19 5.90
N GLU A 84 -2.15 17.07 5.05
CA GLU A 84 -2.95 18.05 4.36
C GLU A 84 -2.76 17.95 2.85
N ASN A 85 -3.84 18.20 2.09
CA ASN A 85 -3.77 18.12 0.64
C ASN A 85 -4.98 18.83 0.02
N SER A 86 -4.90 19.09 -1.28
CA SER A 86 -5.98 19.76 -2.00
C SER A 86 -6.42 18.95 -3.21
N GLY A 87 -7.57 18.29 -3.09
CA GLY A 87 -8.09 17.48 -4.18
C GLY A 87 -7.92 16.00 -3.94
N PRO A 88 -8.86 15.41 -3.19
CA PRO A 88 -8.83 13.97 -2.87
C PRO A 88 -9.09 13.10 -4.09
N SER A 89 -9.66 13.70 -5.13
CA SER A 89 -9.98 12.97 -6.36
C SER A 89 -8.75 12.24 -6.88
N SER A 90 -7.63 12.95 -6.95
CA SER A 90 -6.38 12.38 -7.43
C SER A 90 -6.59 11.72 -8.79
N GLY A 91 -7.32 12.39 -9.66
CA GLY A 91 -7.58 11.85 -10.99
C GLY A 91 -9.06 11.58 -11.23
N GLY A 1 -20.29 -0.52 10.09
CA GLY A 1 -20.41 0.47 11.13
C GLY A 1 -19.39 0.28 12.24
N SER A 2 -18.33 1.08 12.22
CA SER A 2 -17.28 0.98 13.24
C SER A 2 -17.65 1.78 14.48
N SER A 3 -17.14 1.35 15.63
CA SER A 3 -17.42 2.03 16.89
C SER A 3 -17.25 3.53 16.75
N GLY A 4 -16.17 3.93 16.09
CA GLY A 4 -15.90 5.35 15.89
C GLY A 4 -14.86 5.61 14.82
N SER A 5 -14.38 6.84 14.74
CA SER A 5 -13.39 7.21 13.75
C SER A 5 -12.43 8.26 14.30
N SER A 6 -11.23 8.31 13.74
CA SER A 6 -10.22 9.27 14.19
C SER A 6 -9.77 10.16 13.03
N GLY A 7 -9.40 9.54 11.93
CA GLY A 7 -8.95 10.30 10.77
C GLY A 7 -8.30 9.42 9.72
N MET A 8 -6.96 9.41 9.71
CA MET A 8 -6.21 8.61 8.75
C MET A 8 -5.03 7.92 9.43
N GLU A 9 -5.12 6.60 9.58
CA GLU A 9 -4.07 5.83 10.22
C GLU A 9 -2.99 5.45 9.20
N PRO A 10 -1.76 5.23 9.71
CA PRO A 10 -0.62 4.86 8.87
C PRO A 10 -0.75 3.45 8.31
N VAL A 11 -0.23 3.25 7.10
CA VAL A 11 -0.29 1.94 6.45
C VAL A 11 0.61 0.94 7.17
N GLU A 12 1.74 1.42 7.68
CA GLU A 12 2.67 0.55 8.39
C GLU A 12 1.99 -0.20 9.52
N THR A 13 0.78 0.25 9.87
CA THR A 13 0.01 -0.38 10.93
C THR A 13 -1.19 -1.14 10.38
N TRP A 14 -1.63 -0.72 9.20
CA TRP A 14 -2.78 -1.36 8.55
C TRP A 14 -2.71 -2.88 8.68
N THR A 15 -3.86 -3.54 8.60
CA THR A 15 -3.92 -4.99 8.71
C THR A 15 -3.81 -5.65 7.35
N PRO A 16 -3.40 -6.92 7.33
CA PRO A 16 -3.24 -7.69 6.10
C PRO A 16 -4.57 -8.02 5.45
N GLY A 17 -5.65 -7.52 6.03
CA GLY A 17 -6.98 -7.78 5.49
C GLY A 17 -7.55 -6.56 4.77
N LYS A 18 -6.95 -5.40 4.99
CA LYS A 18 -7.39 -4.17 4.35
C LYS A 18 -6.62 -3.92 3.05
N VAL A 19 -5.32 -4.19 3.07
CA VAL A 19 -4.49 -4.00 1.89
C VAL A 19 -5.14 -4.59 0.65
N ALA A 20 -5.75 -5.76 0.81
CA ALA A 20 -6.42 -6.43 -0.30
C ALA A 20 -7.31 -5.46 -1.07
N THR A 21 -7.88 -4.50 -0.35
CA THR A 21 -8.76 -3.51 -0.95
C THR A 21 -7.97 -2.41 -1.63
N TRP A 22 -6.89 -1.98 -0.99
CA TRP A 22 -6.04 -0.92 -1.53
C TRP A 22 -5.26 -1.43 -2.75
N LEU A 23 -5.02 -2.73 -2.78
CA LEU A 23 -4.28 -3.33 -3.89
C LEU A 23 -5.18 -3.53 -5.11
N ARG A 24 -6.33 -4.17 -4.90
CA ARG A 24 -7.27 -4.42 -5.98
C ARG A 24 -7.83 -3.11 -6.53
N GLY A 25 -7.74 -2.05 -5.73
CA GLY A 25 -8.23 -0.75 -6.16
C GLY A 25 -7.20 0.02 -6.95
N LEU A 26 -5.94 -0.14 -6.59
CA LEU A 26 -4.85 0.56 -7.27
C LEU A 26 -5.12 0.65 -8.76
N ASP A 27 -5.58 -0.46 -9.34
CA ASP A 27 -5.88 -0.50 -10.77
C ASP A 27 -6.52 -1.83 -11.16
N ASP A 28 -7.25 -1.84 -12.26
CA ASP A 28 -7.91 -3.04 -12.74
C ASP A 28 -6.89 -4.11 -13.13
N SER A 29 -5.87 -3.70 -13.88
CA SER A 29 -4.83 -4.61 -14.33
C SER A 29 -4.24 -5.38 -13.15
N LEU A 30 -4.47 -4.87 -11.95
CA LEU A 30 -3.96 -5.50 -10.73
C LEU A 30 -5.05 -6.30 -10.04
N GLN A 31 -6.31 -5.91 -10.27
CA GLN A 31 -7.44 -6.60 -9.67
C GLN A 31 -7.40 -8.09 -9.99
N ASP A 32 -6.58 -8.47 -10.96
CA ASP A 32 -6.45 -9.87 -11.34
C ASP A 32 -5.78 -10.69 -10.23
N TYR A 33 -4.62 -10.22 -9.79
CA TYR A 33 -3.87 -10.91 -8.75
C TYR A 33 -4.76 -11.18 -7.54
N PRO A 34 -4.64 -12.39 -6.98
CA PRO A 34 -5.43 -12.80 -5.81
C PRO A 34 -5.00 -12.07 -4.54
N PHE A 35 -5.51 -10.86 -4.37
CA PHE A 35 -5.17 -10.05 -3.20
C PHE A 35 -5.89 -10.59 -1.95
N GLU A 36 -6.90 -11.41 -2.17
CA GLU A 36 -7.67 -11.99 -1.07
C GLU A 36 -6.93 -13.18 -0.46
N ASP A 37 -5.98 -13.73 -1.21
CA ASP A 37 -5.19 -14.87 -0.73
C ASP A 37 -3.74 -14.47 -0.51
N TRP A 38 -3.49 -13.17 -0.45
CA TRP A 38 -2.14 -12.66 -0.22
C TRP A 38 -1.80 -12.63 1.26
N GLN A 39 -2.72 -12.11 2.06
CA GLN A 39 -2.51 -12.02 3.50
C GLN A 39 -1.28 -11.18 3.83
N LEU A 40 -1.06 -10.13 3.04
CA LEU A 40 0.09 -9.25 3.24
C LEU A 40 -0.29 -8.06 4.13
N PRO A 41 0.33 -7.99 5.31
CA PRO A 41 0.08 -6.90 6.27
C PRO A 41 0.62 -5.57 5.79
N GLY A 42 0.06 -4.49 6.32
CA GLY A 42 0.51 -3.16 5.93
C GLY A 42 1.98 -2.92 6.22
N LYS A 43 2.39 -3.17 7.46
CA LYS A 43 3.78 -2.99 7.85
C LYS A 43 4.73 -3.45 6.75
N ASN A 44 4.40 -4.59 6.13
CA ASN A 44 5.22 -5.14 5.06
C ASN A 44 4.92 -4.44 3.73
N LEU A 45 3.67 -4.01 3.55
CA LEU A 45 3.26 -3.33 2.34
C LEU A 45 4.22 -2.19 2.01
N LEU A 46 4.60 -1.44 3.02
CA LEU A 46 5.52 -0.32 2.84
C LEU A 46 6.96 -0.78 2.80
N GLN A 47 7.20 -2.00 3.27
CA GLN A 47 8.54 -2.58 3.28
C GLN A 47 8.72 -3.55 2.13
N LEU A 48 7.71 -3.64 1.27
CA LEU A 48 7.76 -4.54 0.12
C LEU A 48 8.98 -4.25 -0.75
N CYS A 49 9.10 -4.98 -1.85
CA CYS A 49 10.22 -4.81 -2.76
C CYS A 49 9.93 -5.45 -4.12
N PRO A 50 10.69 -5.04 -5.15
CA PRO A 50 10.53 -5.56 -6.50
C PRO A 50 10.98 -7.02 -6.62
N GLN A 51 11.82 -7.45 -5.68
CA GLN A 51 12.32 -8.82 -5.69
C GLN A 51 11.40 -9.74 -4.90
N SER A 52 10.87 -9.24 -3.79
CA SER A 52 9.97 -10.01 -2.95
C SER A 52 8.66 -10.28 -3.67
N LEU A 53 8.09 -9.24 -4.27
CA LEU A 53 6.82 -9.36 -4.98
C LEU A 53 6.81 -10.61 -5.85
N GLU A 54 7.93 -10.88 -6.52
CA GLU A 54 8.04 -12.05 -7.38
C GLU A 54 7.48 -13.29 -6.69
N ALA A 55 7.72 -13.39 -5.38
CA ALA A 55 7.26 -14.53 -4.61
C ALA A 55 5.74 -14.67 -4.71
N LEU A 56 5.05 -13.55 -4.80
CA LEU A 56 3.59 -13.56 -4.90
C LEU A 56 3.16 -13.65 -6.35
N ALA A 57 3.98 -14.30 -7.18
CA ALA A 57 3.67 -14.47 -8.59
C ALA A 57 3.60 -13.12 -9.30
N VAL A 58 4.41 -12.17 -8.84
CA VAL A 58 4.44 -10.83 -9.43
C VAL A 58 5.83 -10.49 -9.93
N ARG A 59 6.14 -10.93 -11.15
CA ARG A 59 7.44 -10.67 -11.75
C ARG A 59 7.36 -9.53 -12.75
N SER A 60 6.31 -9.55 -13.57
CA SER A 60 6.11 -8.51 -14.58
C SER A 60 6.39 -7.12 -14.01
N LEU A 61 7.31 -6.40 -14.64
CA LEU A 61 7.67 -5.06 -14.20
C LEU A 61 6.47 -4.12 -14.27
N GLY A 62 5.80 -4.12 -15.42
CA GLY A 62 4.64 -3.27 -15.59
C GLY A 62 3.69 -3.31 -14.41
N HIS A 63 3.50 -4.52 -13.86
CA HIS A 63 2.61 -4.70 -12.72
C HIS A 63 3.28 -4.24 -11.43
N GLN A 64 4.55 -4.59 -11.26
CA GLN A 64 5.29 -4.21 -10.07
C GLN A 64 5.31 -2.69 -9.90
N GLU A 65 5.44 -1.98 -11.01
CA GLU A 65 5.48 -0.52 -10.99
C GLU A 65 4.12 0.04 -10.56
N LEU A 66 3.05 -0.54 -11.09
CA LEU A 66 1.71 -0.09 -10.77
C LEU A 66 1.50 -0.03 -9.25
N ILE A 67 1.99 -1.04 -8.56
CA ILE A 67 1.87 -1.11 -7.11
C ILE A 67 3.00 -0.34 -6.43
N LEU A 68 4.22 -0.86 -6.54
CA LEU A 68 5.38 -0.22 -5.93
C LEU A 68 5.27 1.30 -6.02
N GLY A 69 4.86 1.80 -7.18
CA GLY A 69 4.72 3.23 -7.37
C GLY A 69 3.73 3.85 -6.41
N GLY A 70 2.54 3.26 -6.32
CA GLY A 70 1.52 3.77 -5.42
C GLY A 70 1.94 3.71 -3.96
N VAL A 71 2.60 2.62 -3.59
CA VAL A 71 3.06 2.44 -2.23
C VAL A 71 3.99 3.57 -1.80
N GLU A 72 5.01 3.83 -2.61
CA GLU A 72 5.97 4.88 -2.33
C GLU A 72 5.26 6.16 -1.88
N GLN A 73 4.09 6.42 -2.46
CA GLN A 73 3.32 7.60 -2.13
C GLN A 73 2.73 7.49 -0.73
N LEU A 74 2.39 6.26 -0.33
CA LEU A 74 1.82 6.03 0.99
C LEU A 74 2.84 6.32 2.08
N GLN A 75 3.99 5.68 1.99
CA GLN A 75 5.06 5.88 2.98
C GLN A 75 5.10 7.32 3.46
N ALA A 76 4.71 8.24 2.58
CA ALA A 76 4.70 9.66 2.91
C ALA A 76 3.56 10.00 3.87
N LEU A 77 2.34 9.93 3.38
CA LEU A 77 1.17 10.23 4.20
C LEU A 77 1.16 9.39 5.47
N SER A 78 1.35 8.08 5.31
CA SER A 78 1.37 7.17 6.44
C SER A 78 2.13 7.78 7.62
N SER A 79 3.34 8.23 7.36
CA SER A 79 4.18 8.84 8.39
C SER A 79 5.39 9.52 7.78
N ARG A 80 5.44 10.85 7.89
CA ARG A 80 6.55 11.62 7.34
C ARG A 80 7.81 11.41 8.17
N LEU A 81 8.74 10.63 7.63
CA LEU A 81 9.99 10.34 8.31
C LEU A 81 11.18 10.94 7.56
N GLN A 82 11.45 12.21 7.81
CA GLN A 82 12.55 12.90 7.14
C GLN A 82 13.90 12.38 7.66
N THR A 83 14.34 11.25 7.11
CA THR A 83 15.60 10.65 7.52
C THR A 83 16.77 11.26 6.75
N GLU A 84 17.85 11.55 7.46
CA GLU A 84 19.04 12.14 6.85
C GLU A 84 19.71 11.15 5.91
N ASN A 85 19.26 11.11 4.67
CA ASN A 85 19.83 10.20 3.68
C ASN A 85 19.74 10.80 2.28
N SER A 86 20.71 10.45 1.43
CA SER A 86 20.75 10.96 0.07
C SER A 86 19.92 10.09 -0.87
N GLY A 87 18.97 10.72 -1.56
CA GLY A 87 18.11 9.98 -2.48
C GLY A 87 18.87 9.44 -3.68
N PRO A 88 18.15 9.16 -4.77
CA PRO A 88 18.74 8.64 -6.00
C PRO A 88 19.60 9.68 -6.72
N SER A 89 19.73 10.85 -6.12
CA SER A 89 20.53 11.93 -6.70
C SER A 89 21.73 11.36 -7.45
N SER A 90 22.52 10.55 -6.77
CA SER A 90 23.71 9.95 -7.35
C SER A 90 23.76 8.45 -7.10
N GLY A 91 22.68 7.93 -6.52
CA GLY A 91 22.61 6.51 -6.22
C GLY A 91 22.00 6.23 -4.86
N GLY A 1 -12.51 -1.89 17.57
CA GLY A 1 -13.05 -1.01 18.60
C GLY A 1 -14.49 -0.63 18.34
N SER A 2 -14.89 0.54 18.82
CA SER A 2 -16.26 1.02 18.64
C SER A 2 -16.62 1.09 17.17
N SER A 3 -17.90 1.28 16.89
CA SER A 3 -18.39 1.36 15.52
C SER A 3 -18.14 2.74 14.93
N GLY A 4 -17.36 2.79 13.85
CA GLY A 4 -17.05 4.06 13.21
C GLY A 4 -15.85 4.74 13.82
N SER A 5 -14.98 5.28 12.98
CA SER A 5 -13.78 5.96 13.45
C SER A 5 -13.23 6.89 12.37
N SER A 6 -13.01 8.15 12.74
CA SER A 6 -12.49 9.14 11.81
C SER A 6 -10.96 9.20 11.88
N GLY A 7 -10.35 9.85 10.89
CA GLY A 7 -8.91 9.96 10.86
C GLY A 7 -8.29 9.15 9.74
N MET A 8 -7.00 9.37 9.50
CA MET A 8 -6.29 8.64 8.44
C MET A 8 -5.10 7.89 9.02
N GLU A 9 -5.37 6.70 9.55
CA GLU A 9 -4.32 5.87 10.13
C GLU A 9 -3.26 5.51 9.09
N PRO A 10 -2.04 5.25 9.57
CA PRO A 10 -0.91 4.90 8.70
C PRO A 10 -1.07 3.51 8.07
N VAL A 11 -0.51 3.33 6.89
CA VAL A 11 -0.59 2.06 6.19
C VAL A 11 0.25 0.99 6.89
N GLU A 12 1.28 1.42 7.60
CA GLU A 12 2.16 0.50 8.33
C GLU A 12 1.40 -0.20 9.44
N THR A 13 0.27 0.37 9.84
CA THR A 13 -0.55 -0.20 10.90
C THR A 13 -1.76 -0.93 10.33
N TRP A 14 -2.08 -0.63 9.08
CA TRP A 14 -3.22 -1.27 8.41
C TRP A 14 -3.14 -2.78 8.54
N THR A 15 -4.29 -3.45 8.44
CA THR A 15 -4.36 -4.90 8.54
C THR A 15 -4.18 -5.56 7.19
N PRO A 16 -3.78 -6.84 7.20
CA PRO A 16 -3.56 -7.61 5.97
C PRO A 16 -4.87 -7.93 5.25
N GLY A 17 -5.98 -7.41 5.79
CA GLY A 17 -7.28 -7.65 5.18
C GLY A 17 -7.80 -6.45 4.44
N LYS A 18 -7.19 -5.29 4.68
CA LYS A 18 -7.60 -4.06 4.03
C LYS A 18 -6.77 -3.80 2.77
N VAL A 19 -5.49 -4.13 2.84
CA VAL A 19 -4.58 -3.94 1.72
C VAL A 19 -5.21 -4.44 0.42
N ALA A 20 -5.99 -5.51 0.53
CA ALA A 20 -6.66 -6.09 -0.63
C ALA A 20 -7.57 -5.08 -1.31
N THR A 21 -8.20 -4.23 -0.51
CA THR A 21 -9.11 -3.21 -1.02
C THR A 21 -8.33 -2.06 -1.67
N TRP A 22 -7.16 -1.78 -1.12
CA TRP A 22 -6.31 -0.71 -1.64
C TRP A 22 -5.54 -1.16 -2.87
N LEU A 23 -5.44 -2.48 -3.06
CA LEU A 23 -4.74 -3.04 -4.20
C LEU A 23 -5.68 -3.26 -5.37
N ARG A 24 -6.92 -3.66 -5.06
CA ARG A 24 -7.91 -3.91 -6.10
C ARG A 24 -8.36 -2.60 -6.75
N GLY A 25 -8.16 -1.49 -6.04
CA GLY A 25 -8.54 -0.20 -6.57
C GLY A 25 -7.44 0.45 -7.37
N LEU A 26 -6.19 0.12 -7.04
CA LEU A 26 -5.04 0.68 -7.74
C LEU A 26 -5.23 0.61 -9.25
N ASP A 27 -5.60 -0.58 -9.74
CA ASP A 27 -5.83 -0.78 -11.16
C ASP A 27 -6.47 -2.14 -11.43
N ASP A 28 -7.02 -2.30 -12.62
CA ASP A 28 -7.66 -3.55 -13.01
C ASP A 28 -6.63 -4.59 -13.42
N SER A 29 -5.48 -4.13 -13.89
CA SER A 29 -4.42 -5.02 -14.33
C SER A 29 -3.89 -5.85 -13.16
N LEU A 30 -4.19 -5.41 -11.95
CA LEU A 30 -3.75 -6.10 -10.74
C LEU A 30 -4.92 -6.81 -10.06
N GLN A 31 -6.14 -6.35 -10.36
CA GLN A 31 -7.33 -6.95 -9.79
C GLN A 31 -7.34 -8.46 -9.96
N ASP A 32 -6.59 -8.94 -10.95
CA ASP A 32 -6.50 -10.36 -11.23
C ASP A 32 -5.79 -11.09 -10.10
N TYR A 33 -4.62 -10.60 -9.72
CA TYR A 33 -3.84 -11.20 -8.63
C TYR A 33 -4.69 -11.38 -7.38
N PRO A 34 -4.64 -12.59 -6.80
CA PRO A 34 -5.39 -12.92 -5.59
C PRO A 34 -4.85 -12.19 -4.36
N PHE A 35 -5.34 -10.97 -4.14
CA PHE A 35 -4.89 -10.17 -3.00
C PHE A 35 -5.40 -10.78 -1.70
N GLU A 36 -6.59 -11.38 -1.74
CA GLU A 36 -7.18 -11.99 -0.56
C GLU A 36 -6.34 -13.17 -0.08
N ASP A 37 -5.50 -13.70 -0.97
CA ASP A 37 -4.64 -14.82 -0.64
C ASP A 37 -3.29 -14.34 -0.12
N TRP A 38 -2.84 -13.18 -0.60
CA TRP A 38 -1.57 -12.62 -0.19
C TRP A 38 -1.51 -12.49 1.33
N GLN A 39 -2.61 -12.09 1.94
CA GLN A 39 -2.69 -11.92 3.38
C GLN A 39 -1.45 -11.17 3.90
N LEU A 40 -1.08 -10.12 3.19
CA LEU A 40 0.08 -9.31 3.58
C LEU A 40 -0.35 -8.10 4.40
N PRO A 41 0.20 -7.98 5.63
CA PRO A 41 -0.11 -6.88 6.53
C PRO A 41 0.46 -5.54 6.03
N GLY A 42 -0.14 -4.45 6.48
CA GLY A 42 0.32 -3.14 6.06
C GLY A 42 1.79 -2.91 6.38
N LYS A 43 2.20 -3.32 7.57
CA LYS A 43 3.59 -3.17 7.99
C LYS A 43 4.54 -3.59 6.88
N ASN A 44 4.22 -4.68 6.21
CA ASN A 44 5.06 -5.19 5.12
C ASN A 44 4.75 -4.46 3.82
N LEU A 45 3.48 -4.11 3.63
CA LEU A 45 3.06 -3.39 2.42
C LEU A 45 4.01 -2.25 2.10
N LEU A 46 4.38 -1.49 3.13
CA LEU A 46 5.29 -0.36 2.96
C LEU A 46 6.73 -0.84 2.84
N GLN A 47 7.01 -2.02 3.40
CA GLN A 47 8.35 -2.58 3.36
C GLN A 47 8.48 -3.61 2.23
N LEU A 48 7.58 -3.51 1.26
CA LEU A 48 7.60 -4.43 0.12
C LEU A 48 8.76 -4.13 -0.81
N CYS A 49 8.88 -4.91 -1.88
CA CYS A 49 9.95 -4.73 -2.85
C CYS A 49 9.70 -5.57 -4.10
N PRO A 50 10.33 -5.18 -5.22
CA PRO A 50 10.20 -5.88 -6.49
C PRO A 50 10.86 -7.25 -6.48
N GLN A 51 11.63 -7.52 -5.43
CA GLN A 51 12.32 -8.80 -5.29
C GLN A 51 11.45 -9.81 -4.57
N SER A 52 10.60 -9.33 -3.67
CA SER A 52 9.72 -10.19 -2.90
C SER A 52 8.43 -10.47 -3.67
N LEU A 53 7.83 -9.40 -4.21
CA LEU A 53 6.60 -9.52 -4.97
C LEU A 53 6.64 -10.71 -5.92
N GLU A 54 7.83 -10.96 -6.47
CA GLU A 54 8.02 -12.07 -7.40
C GLU A 54 7.51 -13.38 -6.81
N ALA A 55 7.79 -13.58 -5.51
CA ALA A 55 7.36 -14.78 -4.82
C ALA A 55 5.86 -14.98 -4.94
N LEU A 56 5.12 -13.88 -4.99
CA LEU A 56 3.66 -13.94 -5.10
C LEU A 56 3.24 -14.00 -6.55
N ALA A 57 4.11 -14.54 -7.40
CA ALA A 57 3.82 -14.66 -8.83
C ALA A 57 3.73 -13.28 -9.49
N VAL A 58 4.45 -12.31 -8.92
CA VAL A 58 4.45 -10.96 -9.45
C VAL A 58 5.85 -10.56 -9.92
N ARG A 59 6.18 -10.92 -11.16
CA ARG A 59 7.48 -10.60 -11.73
C ARG A 59 7.38 -9.46 -12.72
N SER A 60 6.36 -9.50 -13.57
CA SER A 60 6.15 -8.46 -14.58
C SER A 60 6.42 -7.08 -13.98
N LEU A 61 7.37 -6.37 -14.58
CA LEU A 61 7.73 -5.04 -14.11
C LEU A 61 6.52 -4.11 -14.14
N GLY A 62 5.89 -4.01 -15.31
CA GLY A 62 4.73 -3.14 -15.45
C GLY A 62 3.77 -3.27 -14.29
N HIS A 63 3.51 -4.51 -13.87
CA HIS A 63 2.60 -4.76 -12.75
C HIS A 63 3.19 -4.23 -11.44
N GLN A 64 4.47 -4.47 -11.24
CA GLN A 64 5.16 -4.02 -10.03
C GLN A 64 5.12 -2.50 -9.92
N GLU A 65 5.30 -1.82 -11.06
CA GLU A 65 5.30 -0.36 -11.08
C GLU A 65 3.95 0.18 -10.63
N LEU A 66 2.87 -0.50 -11.01
CA LEU A 66 1.53 -0.09 -10.64
C LEU A 66 1.39 0.02 -9.12
N ILE A 67 1.76 -1.05 -8.42
CA ILE A 67 1.67 -1.08 -6.97
C ILE A 67 2.80 -0.26 -6.34
N LEU A 68 4.04 -0.68 -6.60
CA LEU A 68 5.20 0.01 -6.06
C LEU A 68 5.00 1.53 -6.09
N GLY A 69 4.46 2.03 -7.20
CA GLY A 69 4.22 3.45 -7.32
C GLY A 69 3.35 4.00 -6.21
N GLY A 70 2.18 3.39 -6.02
CA GLY A 70 1.27 3.83 -4.98
C GLY A 70 1.89 3.77 -3.60
N VAL A 71 2.63 2.69 -3.33
CA VAL A 71 3.28 2.52 -2.03
C VAL A 71 4.19 3.71 -1.72
N GLU A 72 5.10 4.01 -2.63
CA GLU A 72 6.03 5.13 -2.44
C GLU A 72 5.31 6.35 -1.88
N GLN A 73 4.08 6.57 -2.35
CA GLN A 73 3.28 7.71 -1.90
C GLN A 73 2.77 7.48 -0.48
N LEU A 74 2.38 6.24 -0.20
CA LEU A 74 1.86 5.89 1.12
C LEU A 74 2.92 6.09 2.20
N GLN A 75 4.08 5.47 2.00
CA GLN A 75 5.17 5.59 2.96
C GLN A 75 5.29 7.02 3.48
N ALA A 76 4.94 7.99 2.64
CA ALA A 76 5.00 9.39 3.01
C ALA A 76 3.85 9.76 3.96
N LEU A 77 2.64 9.79 3.41
CA LEU A 77 1.46 10.13 4.20
C LEU A 77 1.40 9.30 5.47
N SER A 78 2.03 8.13 5.44
CA SER A 78 2.06 7.24 6.60
C SER A 78 3.06 7.71 7.64
N SER A 79 4.27 8.02 7.18
CA SER A 79 5.34 8.48 8.07
C SER A 79 5.14 9.95 8.43
N ARG A 80 5.32 10.82 7.45
CA ARG A 80 5.15 12.26 7.67
C ARG A 80 6.10 12.75 8.77
N LEU A 81 7.25 12.09 8.89
CA LEU A 81 8.24 12.46 9.89
C LEU A 81 9.05 13.66 9.43
N GLN A 82 9.87 14.20 10.34
CA GLN A 82 10.70 15.35 10.03
C GLN A 82 9.89 16.44 9.32
N THR A 83 8.64 16.60 9.73
CA THR A 83 7.76 17.61 9.15
C THR A 83 8.37 19.00 9.27
N GLU A 84 8.87 19.53 8.16
CA GLU A 84 9.47 20.85 8.15
C GLU A 84 8.44 21.92 7.79
N ASN A 85 7.91 22.60 8.81
CA ASN A 85 6.91 23.64 8.60
C ASN A 85 7.57 24.97 8.27
N SER A 86 8.41 25.46 9.18
CA SER A 86 9.11 26.72 8.98
C SER A 86 10.16 26.60 7.88
N GLY A 87 11.14 25.73 8.11
CA GLY A 87 12.20 25.53 7.13
C GLY A 87 13.42 26.40 7.41
N PRO A 88 14.60 25.87 7.10
CA PRO A 88 15.86 26.58 7.31
C PRO A 88 16.03 27.76 6.36
N SER A 89 15.02 28.00 5.54
CA SER A 89 15.05 29.09 4.58
C SER A 89 15.75 30.31 5.16
N SER A 90 15.32 30.72 6.35
CA SER A 90 15.91 31.88 7.02
C SER A 90 17.27 31.53 7.62
N GLY A 91 18.33 32.09 7.03
CA GLY A 91 19.66 31.82 7.52
C GLY A 91 20.43 30.87 6.62
N GLY A 1 -18.19 1.30 18.46
CA GLY A 1 -17.04 0.42 18.55
C GLY A 1 -15.72 1.16 18.41
N SER A 2 -15.50 2.13 19.30
CA SER A 2 -14.27 2.92 19.28
C SER A 2 -13.90 3.29 17.84
N SER A 3 -14.89 3.70 17.06
CA SER A 3 -14.68 4.08 15.68
C SER A 3 -14.95 5.57 15.47
N GLY A 4 -14.12 6.21 14.65
CA GLY A 4 -14.28 7.62 14.38
C GLY A 4 -12.97 8.38 14.49
N SER A 5 -12.37 8.68 13.35
CA SER A 5 -11.11 9.41 13.32
C SER A 5 -11.14 10.52 12.27
N SER A 6 -10.29 11.53 12.45
CA SER A 6 -10.22 12.65 11.53
C SER A 6 -9.70 12.20 10.16
N GLY A 7 -8.44 11.75 10.13
CA GLY A 7 -7.85 11.30 8.89
C GLY A 7 -7.97 9.80 8.70
N MET A 8 -6.83 9.13 8.56
CA MET A 8 -6.80 7.69 8.37
C MET A 8 -5.55 7.08 9.00
N GLU A 9 -5.68 5.87 9.54
CA GLU A 9 -4.57 5.18 10.17
C GLU A 9 -3.46 4.90 9.15
N PRO A 10 -2.22 4.77 9.65
CA PRO A 10 -1.05 4.51 8.80
C PRO A 10 -1.06 3.09 8.23
N VAL A 11 -0.52 2.94 7.03
CA VAL A 11 -0.47 1.65 6.37
C VAL A 11 0.41 0.68 7.15
N GLU A 12 1.53 1.18 7.66
CA GLU A 12 2.47 0.36 8.42
C GLU A 12 1.75 -0.36 9.57
N THR A 13 0.54 0.09 9.88
CA THR A 13 -0.24 -0.51 10.94
C THR A 13 -1.43 -1.29 10.38
N TRP A 14 -1.85 -0.94 9.18
CA TRP A 14 -2.97 -1.62 8.53
C TRP A 14 -2.82 -3.13 8.63
N THR A 15 -3.94 -3.84 8.60
CA THR A 15 -3.94 -5.29 8.67
C THR A 15 -3.81 -5.92 7.29
N PRO A 16 -3.31 -7.17 7.25
CA PRO A 16 -3.13 -7.90 6.00
C PRO A 16 -4.45 -8.29 5.35
N GLY A 17 -5.56 -7.86 5.96
CA GLY A 17 -6.87 -8.18 5.43
C GLY A 17 -7.52 -6.99 4.74
N LYS A 18 -6.98 -5.80 4.99
CA LYS A 18 -7.51 -4.58 4.40
C LYS A 18 -6.80 -4.27 3.08
N VAL A 19 -5.48 -4.42 3.07
CA VAL A 19 -4.69 -4.16 1.89
C VAL A 19 -5.36 -4.71 0.64
N ALA A 20 -5.84 -5.94 0.72
CA ALA A 20 -6.52 -6.58 -0.41
C ALA A 20 -7.40 -5.59 -1.15
N THR A 21 -8.03 -4.69 -0.40
CA THR A 21 -8.91 -3.68 -1.00
C THR A 21 -8.11 -2.61 -1.73
N TRP A 22 -7.24 -1.92 -0.99
CA TRP A 22 -6.42 -0.87 -1.57
C TRP A 22 -5.68 -1.39 -2.81
N LEU A 23 -5.28 -2.65 -2.78
CA LEU A 23 -4.57 -3.25 -3.89
C LEU A 23 -5.49 -3.40 -5.10
N ARG A 24 -6.73 -3.79 -4.85
CA ARG A 24 -7.71 -3.98 -5.93
C ARG A 24 -8.06 -2.65 -6.58
N GLY A 25 -8.15 -1.60 -5.76
CA GLY A 25 -8.48 -0.28 -6.27
C GLY A 25 -7.37 0.30 -7.11
N LEU A 26 -6.13 0.04 -6.73
CA LEU A 26 -4.97 0.54 -7.46
C LEU A 26 -5.24 0.59 -8.95
N ASP A 27 -5.57 -0.57 -9.52
CA ASP A 27 -5.87 -0.67 -10.94
C ASP A 27 -6.57 -1.98 -11.27
N ASP A 28 -7.15 -2.05 -12.46
CA ASP A 28 -7.84 -3.26 -12.90
C ASP A 28 -6.86 -4.36 -13.26
N SER A 29 -5.85 -4.02 -14.06
CA SER A 29 -4.84 -4.98 -14.48
C SER A 29 -4.32 -5.76 -13.28
N LEU A 30 -4.42 -5.18 -12.10
CA LEU A 30 -3.95 -5.83 -10.88
C LEU A 30 -5.12 -6.44 -10.11
N GLN A 31 -6.28 -5.78 -10.17
CA GLN A 31 -7.47 -6.27 -9.49
C GLN A 31 -7.66 -7.77 -9.71
N ASP A 32 -7.06 -8.28 -10.78
CA ASP A 32 -7.16 -9.70 -11.11
C ASP A 32 -6.34 -10.54 -10.13
N TYR A 33 -5.12 -10.09 -9.85
CA TYR A 33 -4.24 -10.81 -8.93
C TYR A 33 -4.99 -11.21 -7.67
N PRO A 34 -4.69 -12.42 -7.17
CA PRO A 34 -5.31 -12.96 -5.96
C PRO A 34 -4.87 -12.23 -4.70
N PHE A 35 -5.46 -11.06 -4.45
CA PHE A 35 -5.11 -10.26 -3.29
C PHE A 35 -5.67 -10.90 -2.01
N GLU A 36 -6.76 -11.64 -2.16
CA GLU A 36 -7.39 -12.31 -1.02
C GLU A 36 -6.55 -13.47 -0.53
N ASP A 37 -5.56 -13.86 -1.33
CA ASP A 37 -4.67 -14.96 -0.97
C ASP A 37 -3.23 -14.47 -0.79
N TRP A 38 -3.09 -13.19 -0.45
CA TRP A 38 -1.77 -12.60 -0.25
C TRP A 38 -1.41 -12.56 1.23
N GLN A 39 -2.38 -12.18 2.05
CA GLN A 39 -2.17 -12.10 3.50
C GLN A 39 -0.93 -11.26 3.81
N LEU A 40 -0.76 -10.17 3.08
CA LEU A 40 0.37 -9.28 3.28
C LEU A 40 0.01 -8.13 4.22
N PRO A 41 0.66 -8.10 5.40
CA PRO A 41 0.43 -7.05 6.40
C PRO A 41 0.95 -5.69 5.96
N GLY A 42 0.25 -4.63 6.36
CA GLY A 42 0.67 -3.29 5.99
C GLY A 42 2.11 -3.01 6.33
N LYS A 43 2.50 -3.31 7.56
CA LYS A 43 3.87 -3.09 8.01
C LYS A 43 4.86 -3.46 6.91
N ASN A 44 4.57 -4.52 6.19
CA ASN A 44 5.45 -4.98 5.11
C ASN A 44 5.06 -4.31 3.79
N LEU A 45 3.76 -4.10 3.59
CA LEU A 45 3.25 -3.48 2.37
C LEU A 45 4.10 -2.27 2.00
N LEU A 46 4.53 -1.51 3.00
CA LEU A 46 5.34 -0.32 2.78
C LEU A 46 6.82 -0.70 2.67
N GLN A 47 7.17 -1.86 3.22
CA GLN A 47 8.56 -2.33 3.17
C GLN A 47 8.73 -3.42 2.13
N LEU A 48 7.82 -3.45 1.17
CA LEU A 48 7.88 -4.45 0.10
C LEU A 48 9.09 -4.23 -0.80
N CYS A 49 9.20 -5.04 -1.85
CA CYS A 49 10.31 -4.94 -2.78
C CYS A 49 9.99 -5.64 -4.10
N PRO A 50 10.73 -5.30 -5.15
CA PRO A 50 10.55 -5.90 -6.49
C PRO A 50 10.98 -7.36 -6.52
N GLN A 51 11.85 -7.74 -5.60
CA GLN A 51 12.33 -9.11 -5.53
C GLN A 51 11.39 -10.00 -4.72
N SER A 52 10.80 -9.43 -3.68
CA SER A 52 9.87 -10.16 -2.83
C SER A 52 8.53 -10.35 -3.53
N LEU A 53 8.00 -9.29 -4.11
CA LEU A 53 6.73 -9.33 -4.81
C LEU A 53 6.63 -10.59 -5.67
N GLU A 54 7.75 -10.99 -6.27
CA GLU A 54 7.79 -12.17 -7.11
C GLU A 54 7.15 -13.37 -6.40
N ALA A 55 7.44 -13.51 -5.11
CA ALA A 55 6.90 -14.61 -4.33
C ALA A 55 5.38 -14.66 -4.42
N LEU A 56 4.76 -13.49 -4.51
CA LEU A 56 3.30 -13.39 -4.61
C LEU A 56 2.86 -13.48 -6.06
N ALA A 57 3.66 -14.16 -6.88
CA ALA A 57 3.33 -14.32 -8.30
C ALA A 57 3.37 -12.98 -9.03
N VAL A 58 4.28 -12.10 -8.60
CA VAL A 58 4.42 -10.79 -9.21
C VAL A 58 5.85 -10.54 -9.66
N ARG A 59 6.19 -11.02 -10.86
CA ARG A 59 7.53 -10.85 -11.40
C ARG A 59 7.54 -9.73 -12.45
N SER A 60 6.52 -9.70 -13.29
CA SER A 60 6.43 -8.69 -14.34
C SER A 60 6.66 -7.30 -13.77
N LEU A 61 7.56 -6.54 -14.41
CA LEU A 61 7.88 -5.19 -13.98
C LEU A 61 6.65 -4.28 -14.07
N GLY A 62 6.11 -4.14 -15.27
CA GLY A 62 4.94 -3.30 -15.47
C GLY A 62 3.99 -3.34 -14.29
N HIS A 63 3.58 -4.54 -13.90
CA HIS A 63 2.66 -4.71 -12.78
C HIS A 63 3.28 -4.15 -11.50
N GLN A 64 4.52 -4.54 -11.22
CA GLN A 64 5.22 -4.08 -10.03
C GLN A 64 5.23 -2.56 -9.96
N GLU A 65 5.59 -1.92 -11.06
CA GLU A 65 5.65 -0.47 -11.13
C GLU A 65 4.33 0.15 -10.64
N LEU A 66 3.22 -0.39 -11.13
CA LEU A 66 1.90 0.11 -10.74
C LEU A 66 1.76 0.17 -9.22
N ILE A 67 2.03 -0.96 -8.56
CA ILE A 67 1.94 -1.03 -7.11
C ILE A 67 3.03 -0.20 -6.45
N LEU A 68 4.29 -0.59 -6.68
CA LEU A 68 5.42 0.11 -6.10
C LEU A 68 5.22 1.63 -6.19
N GLY A 69 4.77 2.09 -7.35
CA GLY A 69 4.55 3.51 -7.54
C GLY A 69 3.58 4.09 -6.54
N GLY A 70 2.42 3.44 -6.39
CA GLY A 70 1.43 3.91 -5.44
C GLY A 70 1.91 3.84 -4.00
N VAL A 71 2.60 2.77 -3.67
CA VAL A 71 3.12 2.58 -2.32
C VAL A 71 4.03 3.73 -1.92
N GLU A 72 4.91 4.13 -2.83
CA GLU A 72 5.84 5.23 -2.57
C GLU A 72 5.12 6.41 -1.93
N GLN A 73 3.94 6.73 -2.45
CA GLN A 73 3.15 7.84 -1.94
C GLN A 73 2.63 7.53 -0.54
N LEU A 74 2.28 6.28 -0.30
CA LEU A 74 1.76 5.85 0.99
C LEU A 74 2.82 6.04 2.09
N GLN A 75 3.99 5.45 1.88
CA GLN A 75 5.08 5.56 2.83
C GLN A 75 5.21 6.98 3.36
N ALA A 76 4.81 7.95 2.54
CA ALA A 76 4.88 9.35 2.93
C ALA A 76 3.75 9.72 3.89
N LEU A 77 2.52 9.73 3.37
CA LEU A 77 1.36 10.05 4.19
C LEU A 77 1.37 9.28 5.50
N SER A 78 1.64 7.98 5.41
CA SER A 78 1.68 7.13 6.58
C SER A 78 2.63 7.69 7.64
N SER A 79 3.87 7.97 7.22
CA SER A 79 4.87 8.51 8.13
C SER A 79 4.80 10.03 8.17
N ARG A 80 4.20 10.57 9.22
CA ARG A 80 4.06 12.00 9.39
C ARG A 80 4.44 12.43 10.80
N LEU A 81 4.85 13.68 10.95
CA LEU A 81 5.25 14.22 12.25
C LEU A 81 4.92 15.70 12.35
N GLN A 82 4.99 16.24 13.57
CA GLN A 82 4.70 17.65 13.80
C GLN A 82 5.68 18.25 14.80
N THR A 83 6.23 19.41 14.47
CA THR A 83 7.18 20.08 15.34
C THR A 83 6.58 20.32 16.73
N GLU A 84 5.41 20.93 16.76
CA GLU A 84 4.73 21.22 18.03
C GLU A 84 3.46 20.39 18.15
N ASN A 85 3.17 19.93 19.37
CA ASN A 85 1.98 19.13 19.63
C ASN A 85 0.72 19.96 19.45
N SER A 86 0.02 19.74 18.33
CA SER A 86 -1.20 20.47 18.05
C SER A 86 -1.94 19.85 16.86
N GLY A 87 -3.14 20.35 16.58
CA GLY A 87 -3.93 19.84 15.47
C GLY A 87 -3.68 20.60 14.19
N PRO A 88 -4.52 20.34 13.17
CA PRO A 88 -4.39 20.98 11.86
C PRO A 88 -4.77 22.46 11.92
N SER A 89 -3.77 23.31 12.19
CA SER A 89 -3.99 24.74 12.27
C SER A 89 -4.95 25.22 11.17
N SER A 90 -5.98 25.94 11.57
CA SER A 90 -6.97 26.44 10.61
C SER A 90 -6.30 27.25 9.52
N GLY A 91 -6.45 26.80 8.27
CA GLY A 91 -5.86 27.51 7.15
C GLY A 91 -4.47 28.02 7.46
N GLY A 1 -15.10 10.07 25.14
CA GLY A 1 -15.98 10.40 24.03
C GLY A 1 -15.77 11.82 23.55
N SER A 2 -16.81 12.39 22.95
CA SER A 2 -16.74 13.75 22.43
C SER A 2 -15.54 13.92 21.50
N SER A 3 -15.34 12.95 20.62
CA SER A 3 -14.22 12.99 19.68
C SER A 3 -14.72 13.24 18.26
N GLY A 4 -13.86 13.86 17.44
CA GLY A 4 -14.23 14.16 16.07
C GLY A 4 -13.19 13.67 15.08
N SER A 5 -13.32 14.10 13.83
CA SER A 5 -12.39 13.70 12.78
C SER A 5 -10.96 14.12 13.13
N SER A 6 -10.00 13.32 12.68
CA SER A 6 -8.59 13.60 12.95
C SER A 6 -7.77 13.48 11.67
N GLY A 7 -7.83 12.32 11.03
CA GLY A 7 -7.09 12.10 9.81
C GLY A 7 -7.21 10.67 9.30
N MET A 8 -6.13 10.15 8.74
CA MET A 8 -6.11 8.79 8.22
C MET A 8 -4.99 7.97 8.83
N GLU A 9 -5.34 6.83 9.42
CA GLU A 9 -4.35 5.97 10.05
C GLU A 9 -3.26 5.58 9.05
N PRO A 10 -2.06 5.31 9.58
CA PRO A 10 -0.90 4.93 8.76
C PRO A 10 -1.05 3.53 8.17
N VAL A 11 -0.44 3.32 7.01
CA VAL A 11 -0.51 2.03 6.34
C VAL A 11 0.33 0.98 7.07
N GLU A 12 1.43 1.42 7.66
CA GLU A 12 2.32 0.52 8.38
C GLU A 12 1.56 -0.20 9.50
N THR A 13 0.36 0.29 9.79
CA THR A 13 -0.47 -0.30 10.84
C THR A 13 -1.67 -1.03 10.26
N TRP A 14 -2.09 -0.61 9.07
CA TRP A 14 -3.23 -1.23 8.40
C TRP A 14 -3.18 -2.75 8.53
N THR A 15 -4.34 -3.39 8.46
CA THR A 15 -4.43 -4.84 8.57
C THR A 15 -4.26 -5.50 7.21
N PRO A 16 -3.87 -6.79 7.23
CA PRO A 16 -3.67 -7.57 6.01
C PRO A 16 -4.98 -7.87 5.29
N GLY A 17 -6.08 -7.33 5.82
CA GLY A 17 -7.38 -7.56 5.21
C GLY A 17 -7.87 -6.35 4.44
N LYS A 18 -7.29 -5.19 4.71
CA LYS A 18 -7.66 -3.96 4.03
C LYS A 18 -6.83 -3.74 2.78
N VAL A 19 -5.54 -4.06 2.87
CA VAL A 19 -4.63 -3.90 1.74
C VAL A 19 -5.25 -4.43 0.46
N ALA A 20 -5.92 -5.57 0.57
CA ALA A 20 -6.57 -6.20 -0.59
C ALA A 20 -7.52 -5.21 -1.28
N THR A 21 -8.17 -4.36 -0.49
CA THR A 21 -9.10 -3.38 -1.01
C THR A 21 -8.36 -2.21 -1.67
N TRP A 22 -7.18 -1.89 -1.13
CA TRP A 22 -6.38 -0.80 -1.65
C TRP A 22 -5.57 -1.24 -2.86
N LEU A 23 -5.28 -2.54 -2.93
CA LEU A 23 -4.51 -3.09 -4.03
C LEU A 23 -5.41 -3.34 -5.25
N ARG A 24 -6.62 -3.82 -5.00
CA ARG A 24 -7.57 -4.09 -6.07
C ARG A 24 -8.01 -2.79 -6.75
N GLY A 25 -8.09 -1.72 -5.96
CA GLY A 25 -8.50 -0.43 -6.50
C GLY A 25 -7.42 0.21 -7.35
N LEU A 26 -6.16 -0.04 -6.99
CA LEU A 26 -5.03 0.51 -7.73
C LEU A 26 -5.28 0.46 -9.24
N ASP A 27 -5.72 -0.70 -9.71
CA ASP A 27 -6.00 -0.88 -11.13
C ASP A 27 -6.63 -2.25 -11.39
N ASP A 28 -7.32 -2.37 -12.52
CA ASP A 28 -7.97 -3.63 -12.88
C ASP A 28 -6.95 -4.68 -13.28
N SER A 29 -5.91 -4.25 -14.00
CA SER A 29 -4.86 -5.16 -14.44
C SER A 29 -4.31 -5.97 -13.28
N LEU A 30 -4.47 -5.45 -12.06
CA LEU A 30 -3.99 -6.12 -10.86
C LEU A 30 -5.14 -6.81 -10.13
N GLN A 31 -6.33 -6.23 -10.23
CA GLN A 31 -7.51 -6.79 -9.58
C GLN A 31 -7.58 -8.29 -9.78
N ASP A 32 -6.91 -8.79 -10.82
CA ASP A 32 -6.90 -10.21 -11.12
C ASP A 32 -6.13 -10.98 -10.04
N TYR A 33 -4.95 -10.49 -9.70
CA TYR A 33 -4.11 -11.14 -8.69
C TYR A 33 -4.91 -11.40 -7.41
N PRO A 34 -4.76 -12.61 -6.87
CA PRO A 34 -5.46 -13.02 -5.65
C PRO A 34 -4.93 -12.30 -4.41
N PHE A 35 -5.40 -11.07 -4.20
CA PHE A 35 -4.98 -10.28 -3.06
C PHE A 35 -5.47 -10.89 -1.75
N GLU A 36 -6.73 -11.31 -1.75
CA GLU A 36 -7.32 -11.91 -0.55
C GLU A 36 -6.46 -13.08 -0.05
N ASP A 37 -5.58 -13.57 -0.91
CA ASP A 37 -4.70 -14.68 -0.57
C ASP A 37 -3.37 -14.17 0.00
N TRP A 38 -2.88 -13.08 -0.57
CA TRP A 38 -1.63 -12.48 -0.12
C TRP A 38 -1.58 -12.38 1.40
N GLN A 39 -2.72 -12.05 1.99
CA GLN A 39 -2.81 -11.90 3.44
C GLN A 39 -1.59 -11.16 3.99
N LEU A 40 -1.15 -10.13 3.27
CA LEU A 40 0.00 -9.35 3.69
C LEU A 40 -0.45 -8.11 4.48
N PRO A 41 0.09 -7.97 5.70
CA PRO A 41 -0.22 -6.86 6.58
C PRO A 41 0.35 -5.53 6.07
N GLY A 42 -0.24 -4.42 6.52
CA GLY A 42 0.23 -3.12 6.09
C GLY A 42 1.68 -2.89 6.44
N LYS A 43 2.08 -3.25 7.65
CA LYS A 43 3.45 -3.08 8.11
C LYS A 43 4.43 -3.62 7.07
N ASN A 44 4.02 -4.66 6.36
CA ASN A 44 4.87 -5.27 5.34
C ASN A 44 4.67 -4.59 3.99
N LEU A 45 3.42 -4.23 3.69
CA LEU A 45 3.09 -3.57 2.43
C LEU A 45 4.12 -2.49 2.11
N LEU A 46 4.38 -1.62 3.08
CA LEU A 46 5.34 -0.54 2.89
C LEU A 46 6.76 -1.06 2.86
N GLN A 47 6.96 -2.25 3.44
CA GLN A 47 8.28 -2.86 3.48
C GLN A 47 8.44 -3.85 2.33
N LEU A 48 7.54 -3.78 1.36
CA LEU A 48 7.59 -4.66 0.20
C LEU A 48 8.74 -4.30 -0.72
N CYS A 49 9.08 -5.20 -1.64
CA CYS A 49 10.16 -4.97 -2.59
C CYS A 49 9.87 -5.64 -3.93
N PRO A 50 10.57 -5.20 -4.97
CA PRO A 50 10.41 -5.74 -6.33
C PRO A 50 10.94 -7.16 -6.45
N GLN A 51 11.74 -7.58 -5.47
CA GLN A 51 12.31 -8.92 -5.48
C GLN A 51 11.40 -9.89 -4.75
N SER A 52 10.68 -9.40 -3.75
CA SER A 52 9.77 -10.24 -2.97
C SER A 52 8.46 -10.46 -3.72
N LEU A 53 7.97 -9.40 -4.36
CA LEU A 53 6.72 -9.48 -5.11
C LEU A 53 6.74 -10.66 -6.07
N GLU A 54 7.91 -10.92 -6.66
CA GLU A 54 8.07 -12.02 -7.60
C GLU A 54 7.58 -13.33 -6.99
N ALA A 55 7.79 -13.49 -5.69
CA ALA A 55 7.38 -14.69 -4.98
C ALA A 55 5.86 -14.87 -5.04
N LEU A 56 5.14 -13.75 -5.04
CA LEU A 56 3.68 -13.79 -5.10
C LEU A 56 3.19 -13.87 -6.54
N ALA A 57 4.04 -14.40 -7.42
CA ALA A 57 3.69 -14.54 -8.82
C ALA A 57 3.62 -13.18 -9.51
N VAL A 58 4.39 -12.23 -9.00
CA VAL A 58 4.42 -10.88 -9.57
C VAL A 58 5.82 -10.52 -10.03
N ARG A 59 6.14 -10.88 -11.27
CA ARG A 59 7.45 -10.59 -11.86
C ARG A 59 7.37 -9.43 -12.83
N SER A 60 6.35 -9.46 -13.70
CA SER A 60 6.16 -8.41 -14.69
C SER A 60 6.42 -7.03 -14.08
N LEU A 61 7.42 -6.34 -14.62
CA LEU A 61 7.78 -5.01 -14.14
C LEU A 61 6.59 -4.07 -14.21
N GLY A 62 5.92 -4.04 -15.36
CA GLY A 62 4.76 -3.18 -15.53
C GLY A 62 3.78 -3.28 -14.38
N HIS A 63 3.48 -4.51 -13.97
CA HIS A 63 2.55 -4.73 -12.86
C HIS A 63 3.14 -4.21 -11.55
N GLN A 64 4.43 -4.46 -11.33
CA GLN A 64 5.10 -4.02 -10.12
C GLN A 64 5.04 -2.50 -9.99
N GLU A 65 5.53 -1.80 -11.01
CA GLU A 65 5.54 -0.34 -11.01
C GLU A 65 4.20 0.20 -10.51
N LEU A 66 3.11 -0.34 -11.04
CA LEU A 66 1.78 0.09 -10.66
C LEU A 66 1.63 0.13 -9.14
N ILE A 67 2.10 -0.92 -8.48
CA ILE A 67 2.03 -1.00 -7.03
C ILE A 67 3.10 -0.14 -6.37
N LEU A 68 4.35 -0.52 -6.56
CA LEU A 68 5.48 0.23 -5.99
C LEU A 68 5.20 1.72 -6.01
N GLY A 69 4.73 2.23 -7.14
CA GLY A 69 4.43 3.64 -7.27
C GLY A 69 3.53 4.14 -6.15
N GLY A 70 2.33 3.58 -6.06
CA GLY A 70 1.38 3.98 -5.04
C GLY A 70 1.95 3.81 -3.64
N VAL A 71 2.63 2.69 -3.40
CA VAL A 71 3.22 2.41 -2.11
C VAL A 71 4.20 3.52 -1.70
N GLU A 72 5.03 3.94 -2.64
CA GLU A 72 6.01 4.99 -2.38
C GLU A 72 5.34 6.21 -1.76
N GLN A 73 4.24 6.65 -2.36
CA GLN A 73 3.51 7.81 -1.87
C GLN A 73 2.93 7.54 -0.49
N LEU A 74 2.48 6.31 -0.27
CA LEU A 74 1.91 5.93 1.01
C LEU A 74 2.91 6.11 2.15
N GLN A 75 4.06 5.46 2.02
CA GLN A 75 5.11 5.55 3.03
C GLN A 75 5.27 6.98 3.52
N ALA A 76 5.01 7.94 2.64
CA ALA A 76 5.11 9.35 2.99
C ALA A 76 3.96 9.78 3.90
N LEU A 77 2.77 9.85 3.31
CA LEU A 77 1.59 10.26 4.07
C LEU A 77 1.47 9.47 5.37
N SER A 78 1.60 8.14 5.26
CA SER A 78 1.51 7.26 6.42
C SER A 78 2.44 7.74 7.53
N SER A 79 3.73 7.83 7.22
CA SER A 79 4.72 8.27 8.20
C SER A 79 4.77 9.79 8.27
N ARG A 80 3.60 10.42 8.40
CA ARG A 80 3.51 11.87 8.49
C ARG A 80 2.48 12.29 9.54
N LEU A 81 2.92 13.11 10.48
CA LEU A 81 2.02 13.60 11.54
C LEU A 81 0.95 14.51 10.98
N GLN A 82 -0.23 13.93 10.71
CA GLN A 82 -1.34 14.70 10.17
C GLN A 82 -1.82 15.75 11.18
N THR A 83 -1.13 16.88 11.22
CA THR A 83 -1.49 17.96 12.14
C THR A 83 -3.01 18.09 12.26
N GLU A 84 -3.51 17.95 13.48
CA GLU A 84 -4.95 18.06 13.73
C GLU A 84 -5.47 19.43 13.28
N ASN A 85 -6.79 19.50 13.07
CA ASN A 85 -7.42 20.74 12.64
C ASN A 85 -7.01 21.08 11.21
N SER A 86 -6.88 20.07 10.36
CA SER A 86 -6.49 20.27 8.98
C SER A 86 -7.70 20.62 8.12
N GLY A 87 -8.72 19.78 8.16
CA GLY A 87 -9.92 20.03 7.37
C GLY A 87 -10.71 18.76 7.12
N PRO A 88 -11.96 18.92 6.66
CA PRO A 88 -12.86 17.80 6.36
C PRO A 88 -12.40 17.01 5.14
N SER A 89 -11.51 17.61 4.35
CA SER A 89 -11.01 16.95 3.15
C SER A 89 -10.48 15.56 3.46
N SER A 90 -11.09 14.55 2.86
CA SER A 90 -10.69 13.17 3.07
C SER A 90 -9.35 12.89 2.42
N GLY A 91 -9.17 13.39 1.20
CA GLY A 91 -7.93 13.18 0.48
C GLY A 91 -7.61 11.70 0.28
N GLY A 1 -12.70 -1.69 13.48
CA GLY A 1 -13.38 -0.50 13.94
C GLY A 1 -12.48 0.71 13.99
N SER A 2 -13.05 1.88 13.74
CA SER A 2 -12.28 3.12 13.75
C SER A 2 -13.20 4.32 13.95
N SER A 3 -12.90 5.12 14.98
CA SER A 3 -13.70 6.30 15.29
C SER A 3 -12.80 7.50 15.55
N GLY A 4 -13.40 8.70 15.49
CA GLY A 4 -12.64 9.91 15.71
C GLY A 4 -11.23 9.83 15.18
N SER A 5 -10.26 10.32 15.96
CA SER A 5 -8.87 10.31 15.55
C SER A 5 -8.67 11.08 14.26
N SER A 6 -9.25 12.28 14.19
CA SER A 6 -9.13 13.11 13.00
C SER A 6 -7.70 13.12 12.47
N GLY A 7 -7.53 12.69 11.24
CA GLY A 7 -6.20 12.66 10.63
C GLY A 7 -6.07 11.56 9.59
N MET A 8 -5.30 10.54 9.92
CA MET A 8 -5.09 9.42 9.01
C MET A 8 -4.29 8.31 9.68
N GLU A 9 -4.69 7.06 9.42
CA GLU A 9 -4.02 5.91 10.00
C GLU A 9 -2.85 5.46 9.13
N PRO A 10 -1.74 5.10 9.78
CA PRO A 10 -0.52 4.64 9.08
C PRO A 10 -0.71 3.28 8.44
N VAL A 11 -0.29 3.16 7.18
CA VAL A 11 -0.41 1.91 6.45
C VAL A 11 0.47 0.83 7.07
N GLU A 12 1.60 1.24 7.62
CA GLU A 12 2.54 0.31 8.24
C GLU A 12 1.85 -0.52 9.32
N THR A 13 0.67 -0.07 9.73
CA THR A 13 -0.11 -0.77 10.75
C THR A 13 -1.34 -1.43 10.16
N TRP A 14 -1.81 -0.91 9.03
CA TRP A 14 -2.98 -1.46 8.36
C TRP A 14 -2.98 -2.98 8.43
N THR A 15 -4.17 -3.57 8.54
CA THR A 15 -4.30 -5.01 8.61
C THR A 15 -4.08 -5.66 7.25
N PRO A 16 -3.66 -6.92 7.26
CA PRO A 16 -3.40 -7.68 6.02
C PRO A 16 -4.69 -8.00 5.26
N GLY A 17 -5.81 -7.49 5.77
CA GLY A 17 -7.08 -7.75 5.12
C GLY A 17 -7.60 -6.52 4.37
N LYS A 18 -6.97 -5.38 4.60
CA LYS A 18 -7.36 -4.14 3.95
C LYS A 18 -6.55 -3.90 2.68
N VAL A 19 -5.25 -4.14 2.77
CA VAL A 19 -4.35 -3.95 1.63
C VAL A 19 -4.98 -4.47 0.35
N ALA A 20 -5.74 -5.56 0.47
CA ALA A 20 -6.40 -6.16 -0.68
C ALA A 20 -7.31 -5.16 -1.38
N THR A 21 -8.05 -4.39 -0.59
CA THR A 21 -8.96 -3.38 -1.12
C THR A 21 -8.20 -2.28 -1.85
N TRP A 22 -7.22 -1.69 -1.15
CA TRP A 22 -6.42 -0.62 -1.72
C TRP A 22 -5.71 -1.09 -2.99
N LEU A 23 -5.35 -2.37 -3.03
CA LEU A 23 -4.66 -2.94 -4.18
C LEU A 23 -5.63 -3.16 -5.34
N ARG A 24 -6.87 -3.52 -5.01
CA ARG A 24 -7.88 -3.76 -6.02
C ARG A 24 -8.26 -2.47 -6.73
N GLY A 25 -8.14 -1.35 -6.01
CA GLY A 25 -8.47 -0.06 -6.60
C GLY A 25 -7.35 0.49 -7.45
N LEU A 26 -6.11 0.14 -7.11
CA LEU A 26 -4.95 0.60 -7.86
C LEU A 26 -5.21 0.58 -9.36
N ASP A 27 -5.56 -0.60 -9.88
CA ASP A 27 -5.84 -0.76 -11.29
C ASP A 27 -6.65 -2.03 -11.54
N ASP A 28 -7.11 -2.19 -12.79
CA ASP A 28 -7.90 -3.36 -13.15
C ASP A 28 -7.00 -4.51 -13.57
N SER A 29 -5.78 -4.18 -14.02
CA SER A 29 -4.83 -5.19 -14.46
C SER A 29 -4.25 -5.94 -13.27
N LEU A 30 -4.47 -5.40 -12.07
CA LEU A 30 -3.97 -6.02 -10.84
C LEU A 30 -5.11 -6.63 -10.04
N GLN A 31 -6.28 -5.99 -10.08
CA GLN A 31 -7.44 -6.49 -9.37
C GLN A 31 -7.63 -7.99 -9.58
N ASP A 32 -7.02 -8.50 -10.65
CA ASP A 32 -7.12 -9.93 -10.97
C ASP A 32 -6.32 -10.76 -9.97
N TYR A 33 -5.12 -10.31 -9.66
CA TYR A 33 -4.26 -11.01 -8.72
C TYR A 33 -5.00 -11.32 -7.42
N PRO A 34 -4.78 -12.51 -6.88
CA PRO A 34 -5.42 -12.95 -5.64
C PRO A 34 -4.88 -12.20 -4.42
N PHE A 35 -5.42 -11.02 -4.18
CA PHE A 35 -4.99 -10.21 -3.04
C PHE A 35 -5.47 -10.80 -1.73
N GLU A 36 -6.61 -11.49 -1.77
CA GLU A 36 -7.17 -12.12 -0.57
C GLU A 36 -6.35 -13.33 -0.17
N ASP A 37 -5.42 -13.73 -1.03
CA ASP A 37 -4.56 -14.87 -0.75
C ASP A 37 -3.20 -14.42 -0.23
N TRP A 38 -2.82 -13.19 -0.57
CA TRP A 38 -1.55 -12.64 -0.14
C TRP A 38 -1.46 -12.57 1.38
N GLN A 39 -2.52 -12.06 2.01
CA GLN A 39 -2.57 -11.95 3.46
C GLN A 39 -1.34 -11.19 3.98
N LEU A 40 -0.92 -10.17 3.24
CA LEU A 40 0.23 -9.37 3.63
C LEU A 40 -0.19 -8.17 4.46
N PRO A 41 0.35 -8.06 5.68
CA PRO A 41 0.04 -6.97 6.59
C PRO A 41 0.63 -5.64 6.12
N GLY A 42 -0.06 -4.55 6.45
CA GLY A 42 0.40 -3.23 6.05
C GLY A 42 1.86 -3.01 6.38
N LYS A 43 2.28 -3.45 7.57
CA LYS A 43 3.66 -3.29 8.00
C LYS A 43 4.63 -3.65 6.87
N ASN A 44 4.38 -4.77 6.21
CA ASN A 44 5.23 -5.21 5.11
C ASN A 44 4.88 -4.47 3.83
N LEU A 45 3.62 -4.12 3.67
CA LEU A 45 3.16 -3.40 2.49
C LEU A 45 4.11 -2.26 2.14
N LEU A 46 4.54 -1.52 3.15
CA LEU A 46 5.45 -0.40 2.94
C LEU A 46 6.91 -0.88 2.90
N GLN A 47 7.13 -2.10 3.41
CA GLN A 47 8.47 -2.67 3.42
C GLN A 47 8.63 -3.68 2.30
N LEU A 48 7.67 -3.70 1.38
CA LEU A 48 7.71 -4.62 0.25
C LEU A 48 8.89 -4.31 -0.66
N CYS A 49 9.13 -5.18 -1.65
CA CYS A 49 10.22 -4.99 -2.60
C CYS A 49 9.96 -5.76 -3.88
N PRO A 50 10.66 -5.37 -4.96
CA PRO A 50 10.52 -6.01 -6.27
C PRO A 50 11.10 -7.42 -6.29
N GLN A 51 11.88 -7.75 -5.26
CA GLN A 51 12.49 -9.07 -5.16
C GLN A 51 11.56 -10.06 -4.47
N SER A 52 10.74 -9.55 -3.55
CA SER A 52 9.79 -10.39 -2.82
C SER A 52 8.50 -10.57 -3.60
N LEU A 53 7.97 -9.48 -4.13
CA LEU A 53 6.73 -9.52 -4.91
C LEU A 53 6.72 -10.73 -5.84
N GLU A 54 7.87 -11.03 -6.42
CA GLU A 54 7.99 -12.16 -7.33
C GLU A 54 7.43 -13.43 -6.70
N ALA A 55 7.75 -13.64 -5.43
CA ALA A 55 7.28 -14.82 -4.71
C ALA A 55 5.76 -14.92 -4.77
N LEU A 56 5.09 -13.77 -4.79
CA LEU A 56 3.63 -13.74 -4.84
C LEU A 56 3.14 -13.78 -6.29
N ALA A 57 3.94 -14.40 -7.15
CA ALA A 57 3.59 -14.51 -8.56
C ALA A 57 3.53 -13.14 -9.23
N VAL A 58 4.43 -12.26 -8.83
CA VAL A 58 4.49 -10.92 -9.38
C VAL A 58 5.89 -10.58 -9.89
N ARG A 59 6.19 -11.03 -11.11
CA ARG A 59 7.50 -10.78 -11.72
C ARG A 59 7.42 -9.64 -12.71
N SER A 60 6.38 -9.63 -13.53
CA SER A 60 6.18 -8.60 -14.53
C SER A 60 6.50 -7.22 -13.96
N LEU A 61 7.48 -6.54 -14.56
CA LEU A 61 7.89 -5.22 -14.11
C LEU A 61 6.71 -4.26 -14.13
N GLY A 62 5.99 -4.23 -15.25
CA GLY A 62 4.84 -3.35 -15.38
C GLY A 62 3.92 -3.43 -14.18
N HIS A 63 3.50 -4.64 -13.83
CA HIS A 63 2.60 -4.84 -12.69
C HIS A 63 3.22 -4.28 -11.42
N GLN A 64 4.51 -4.49 -11.24
CA GLN A 64 5.22 -4.01 -10.07
C GLN A 64 5.17 -2.48 -9.98
N GLU A 65 5.51 -1.83 -11.08
CA GLU A 65 5.49 -0.37 -11.13
C GLU A 65 4.15 0.18 -10.68
N LEU A 66 3.08 -0.48 -11.11
CA LEU A 66 1.72 -0.06 -10.75
C LEU A 66 1.55 -0.01 -9.23
N ILE A 67 1.97 -1.07 -8.56
CA ILE A 67 1.87 -1.14 -7.10
C ILE A 67 2.93 -0.26 -6.43
N LEU A 68 4.18 -0.68 -6.55
CA LEU A 68 5.29 0.06 -5.96
C LEU A 68 5.04 1.57 -6.04
N GLY A 69 4.54 2.01 -7.19
CA GLY A 69 4.27 3.43 -7.39
C GLY A 69 3.32 3.98 -6.33
N GLY A 70 2.19 3.32 -6.14
CA GLY A 70 1.22 3.77 -5.16
C GLY A 70 1.77 3.74 -3.75
N VAL A 71 2.54 2.69 -3.43
CA VAL A 71 3.12 2.56 -2.11
C VAL A 71 4.03 3.74 -1.78
N GLU A 72 4.79 4.18 -2.77
CA GLU A 72 5.70 5.30 -2.59
C GLU A 72 4.99 6.48 -1.94
N GLN A 73 3.75 6.72 -2.36
CA GLN A 73 2.95 7.83 -1.82
C GLN A 73 2.54 7.54 -0.38
N LEU A 74 2.13 6.30 -0.12
CA LEU A 74 1.71 5.89 1.22
C LEU A 74 2.83 6.09 2.23
N GLN A 75 3.98 5.48 1.95
CA GLN A 75 5.13 5.59 2.84
C GLN A 75 5.27 7.00 3.39
N ALA A 76 4.88 7.99 2.59
CA ALA A 76 4.94 9.39 3.00
C ALA A 76 3.85 9.71 4.01
N LEU A 77 2.60 9.76 3.54
CA LEU A 77 1.47 10.06 4.40
C LEU A 77 1.56 9.29 5.71
N SER A 78 1.83 7.99 5.61
CA SER A 78 1.94 7.15 6.80
C SER A 78 2.98 7.70 7.76
N SER A 79 4.24 7.74 7.32
CA SER A 79 5.32 8.23 8.15
C SER A 79 5.61 9.70 7.84
N ARG A 80 5.11 10.58 8.69
CA ARG A 80 5.32 12.02 8.51
C ARG A 80 6.76 12.41 8.80
N LEU A 81 7.18 13.56 8.31
CA LEU A 81 8.53 14.05 8.52
C LEU A 81 8.52 15.45 9.13
N GLN A 82 9.45 15.69 10.05
CA GLN A 82 9.55 16.99 10.70
C GLN A 82 10.45 17.93 9.92
N THR A 83 11.66 17.46 9.61
CA THR A 83 12.63 18.26 8.85
C THR A 83 13.09 17.52 7.61
N GLU A 84 12.72 18.04 6.44
CA GLU A 84 13.10 17.43 5.17
C GLU A 84 14.62 17.28 5.08
N ASN A 85 15.07 16.47 4.13
CA ASN A 85 16.50 16.24 3.93
C ASN A 85 17.23 17.55 3.72
N SER A 86 18.18 17.84 4.60
CA SER A 86 18.97 19.08 4.52
C SER A 86 20.01 18.98 3.41
N GLY A 87 20.52 20.12 2.99
CA GLY A 87 21.52 20.15 1.94
C GLY A 87 21.36 21.34 1.01
N PRO A 88 22.40 21.62 0.21
CA PRO A 88 22.39 22.73 -0.75
C PRO A 88 21.43 22.50 -1.91
N SER A 89 21.37 23.46 -2.82
CA SER A 89 20.49 23.36 -3.98
C SER A 89 21.30 23.31 -5.28
N SER A 90 20.70 22.76 -6.33
CA SER A 90 21.36 22.65 -7.62
C SER A 90 20.44 23.10 -8.75
N GLY A 91 19.25 22.50 -8.80
CA GLY A 91 18.29 22.86 -9.84
C GLY A 91 16.90 22.34 -9.54
N GLY A 1 1.29 7.23 24.40
CA GLY A 1 0.96 7.11 23.00
C GLY A 1 0.22 8.33 22.47
N SER A 2 -0.36 8.20 21.28
CA SER A 2 -1.08 9.31 20.67
C SER A 2 -2.44 8.83 20.15
N SER A 3 -3.47 9.65 20.36
CA SER A 3 -4.82 9.32 19.92
C SER A 3 -5.31 10.33 18.89
N GLY A 4 -6.32 9.92 18.11
CA GLY A 4 -6.87 10.80 17.09
C GLY A 4 -7.57 10.04 15.99
N SER A 5 -8.82 10.38 15.73
CA SER A 5 -9.60 9.73 14.69
C SER A 5 -9.48 10.46 13.37
N SER A 6 -9.50 11.79 13.43
CA SER A 6 -9.40 12.62 12.24
C SER A 6 -8.46 11.99 11.22
N GLY A 7 -7.18 11.95 11.56
CA GLY A 7 -6.18 11.37 10.66
C GLY A 7 -6.46 9.91 10.38
N MET A 8 -5.88 9.42 9.29
CA MET A 8 -6.06 8.02 8.90
C MET A 8 -4.98 7.14 9.52
N GLU A 9 -5.31 5.87 9.74
CA GLU A 9 -4.37 4.92 10.33
C GLU A 9 -3.17 4.71 9.41
N PRO A 10 -2.00 4.42 10.02
CA PRO A 10 -0.76 4.19 9.28
C PRO A 10 -0.79 2.88 8.51
N VAL A 11 -0.53 2.96 7.21
CA VAL A 11 -0.52 1.77 6.35
C VAL A 11 0.45 0.72 6.88
N GLU A 12 1.47 1.17 7.59
CA GLU A 12 2.47 0.26 8.15
C GLU A 12 1.83 -0.65 9.20
N THR A 13 0.64 -0.29 9.65
CA THR A 13 -0.07 -1.07 10.66
C THR A 13 -1.28 -1.77 10.05
N TRP A 14 -1.79 -1.23 8.95
CA TRP A 14 -2.94 -1.80 8.27
C TRP A 14 -2.88 -3.33 8.28
N THR A 15 -4.03 -3.97 8.46
CA THR A 15 -4.09 -5.43 8.49
C THR A 15 -3.88 -6.02 7.10
N PRO A 16 -3.41 -7.26 7.06
CA PRO A 16 -3.15 -7.98 5.80
C PRO A 16 -4.43 -8.32 5.06
N GLY A 17 -5.56 -7.88 5.60
CA GLY A 17 -6.84 -8.16 4.97
C GLY A 17 -7.44 -6.94 4.31
N LYS A 18 -6.84 -5.78 4.57
CA LYS A 18 -7.33 -4.53 4.00
C LYS A 18 -6.58 -4.20 2.70
N VAL A 19 -5.26 -4.36 2.73
CA VAL A 19 -4.44 -4.07 1.56
C VAL A 19 -5.09 -4.61 0.29
N ALA A 20 -5.83 -5.70 0.43
CA ALA A 20 -6.51 -6.32 -0.71
C ALA A 20 -7.40 -5.31 -1.42
N THR A 21 -8.13 -4.52 -0.65
CA THR A 21 -9.02 -3.51 -1.22
C THR A 21 -8.24 -2.39 -1.89
N TRP A 22 -7.34 -1.78 -1.13
CA TRP A 22 -6.52 -0.69 -1.66
C TRP A 22 -5.80 -1.11 -2.94
N LEU A 23 -5.48 -2.40 -3.03
CA LEU A 23 -4.79 -2.94 -4.20
C LEU A 23 -5.73 -3.03 -5.39
N ARG A 24 -6.97 -3.45 -5.13
CA ARG A 24 -7.97 -3.59 -6.18
C ARG A 24 -8.28 -2.24 -6.81
N GLY A 25 -8.19 -1.18 -6.02
CA GLY A 25 -8.46 0.16 -6.51
C GLY A 25 -7.35 0.68 -7.38
N LEU A 26 -6.11 0.40 -6.99
CA LEU A 26 -4.95 0.85 -7.74
C LEU A 26 -5.20 0.78 -9.25
N ASP A 27 -5.59 -0.39 -9.72
CA ASP A 27 -5.87 -0.60 -11.13
C ASP A 27 -6.65 -1.89 -11.36
N ASP A 28 -7.17 -2.06 -12.58
CA ASP A 28 -7.93 -3.25 -12.91
C ASP A 28 -7.01 -4.36 -13.42
N SER A 29 -5.80 -3.98 -13.82
CA SER A 29 -4.82 -4.94 -14.33
C SER A 29 -4.22 -5.76 -13.20
N LEU A 30 -4.49 -5.34 -11.97
CA LEU A 30 -3.97 -6.03 -10.79
C LEU A 30 -5.08 -6.76 -10.05
N GLN A 31 -6.30 -6.24 -10.17
CA GLN A 31 -7.45 -6.84 -9.51
C GLN A 31 -7.50 -8.35 -9.76
N ASP A 32 -6.80 -8.78 -10.80
CA ASP A 32 -6.77 -10.21 -11.14
C ASP A 32 -6.01 -11.00 -10.08
N TYR A 33 -4.81 -10.54 -9.73
CA TYR A 33 -3.99 -11.21 -8.74
C TYR A 33 -4.79 -11.52 -7.48
N PRO A 34 -4.60 -12.73 -6.93
CA PRO A 34 -5.30 -13.16 -5.72
C PRO A 34 -4.83 -12.41 -4.48
N PHE A 35 -5.43 -11.26 -4.24
CA PHE A 35 -5.08 -10.44 -3.08
C PHE A 35 -5.59 -11.08 -1.79
N GLU A 36 -6.69 -11.80 -1.89
CA GLU A 36 -7.28 -12.47 -0.74
C GLU A 36 -6.38 -13.60 -0.24
N ASP A 37 -5.37 -13.93 -1.03
CA ASP A 37 -4.44 -15.00 -0.68
C ASP A 37 -3.08 -14.42 -0.30
N TRP A 38 -2.77 -13.25 -0.84
CA TRP A 38 -1.50 -12.60 -0.56
C TRP A 38 -1.25 -12.49 0.94
N GLN A 39 -2.34 -12.29 1.70
CA GLN A 39 -2.24 -12.18 3.14
C GLN A 39 -1.04 -11.32 3.55
N LEU A 40 -0.79 -10.27 2.79
CA LEU A 40 0.33 -9.37 3.06
C LEU A 40 -0.10 -8.22 3.97
N PRO A 41 0.47 -8.17 5.17
CA PRO A 41 0.17 -7.12 6.15
C PRO A 41 0.69 -5.76 5.74
N GLY A 42 0.10 -4.71 6.29
CA GLY A 42 0.53 -3.36 5.97
C GLY A 42 2.00 -3.12 6.27
N LYS A 43 2.40 -3.41 7.50
CA LYS A 43 3.79 -3.23 7.91
C LYS A 43 4.75 -3.68 6.82
N ASN A 44 4.37 -4.76 6.12
CA ASN A 44 5.19 -5.29 5.05
C ASN A 44 4.95 -4.55 3.74
N LEU A 45 3.72 -4.08 3.56
CA LEU A 45 3.35 -3.35 2.35
C LEU A 45 4.32 -2.21 2.08
N LEU A 46 4.51 -1.34 3.07
CA LEU A 46 5.42 -0.21 2.93
C LEU A 46 6.87 -0.69 2.91
N GLN A 47 7.10 -1.88 3.42
CA GLN A 47 8.44 -2.45 3.46
C GLN A 47 8.63 -3.47 2.34
N LEU A 48 7.67 -3.54 1.44
CA LEU A 48 7.73 -4.47 0.31
C LEU A 48 9.01 -4.26 -0.50
N CYS A 49 9.15 -5.04 -1.57
CA CYS A 49 10.32 -4.94 -2.43
C CYS A 49 10.10 -5.69 -3.74
N PRO A 50 10.92 -5.37 -4.75
CA PRO A 50 10.83 -6.01 -6.07
C PRO A 50 11.28 -7.46 -6.05
N GLN A 51 11.99 -7.84 -4.98
CA GLN A 51 12.48 -9.20 -4.85
C GLN A 51 11.47 -10.07 -4.11
N SER A 52 10.74 -9.46 -3.17
CA SER A 52 9.75 -10.17 -2.39
C SER A 52 8.47 -10.39 -3.20
N LEU A 53 7.96 -9.31 -3.79
CA LEU A 53 6.75 -9.38 -4.60
C LEU A 53 6.73 -10.66 -5.43
N GLU A 54 7.86 -10.97 -6.06
CA GLU A 54 7.97 -12.16 -6.90
C GLU A 54 7.37 -13.37 -6.19
N ALA A 55 7.66 -13.51 -4.90
CA ALA A 55 7.14 -14.62 -4.12
C ALA A 55 5.63 -14.77 -4.29
N LEU A 56 4.94 -13.63 -4.40
CA LEU A 56 3.49 -13.63 -4.57
C LEU A 56 3.12 -13.80 -6.04
N ALA A 57 4.02 -14.41 -6.80
CA ALA A 57 3.79 -14.64 -8.23
C ALA A 57 3.75 -13.33 -9.00
N VAL A 58 4.54 -12.35 -8.53
CA VAL A 58 4.60 -11.04 -9.17
C VAL A 58 6.00 -10.78 -9.73
N ARG A 59 6.27 -11.31 -10.91
CA ARG A 59 7.57 -11.12 -11.55
C ARG A 59 7.51 -10.00 -12.58
N SER A 60 6.40 -9.88 -13.27
CA SER A 60 6.22 -8.85 -14.29
C SER A 60 6.61 -7.48 -13.74
N LEU A 61 7.14 -6.63 -14.62
CA LEU A 61 7.56 -5.29 -14.21
C LEU A 61 6.37 -4.34 -14.18
N GLY A 62 5.76 -4.13 -15.33
CA GLY A 62 4.61 -3.23 -15.40
C GLY A 62 3.72 -3.31 -14.17
N HIS A 63 3.47 -4.53 -13.70
CA HIS A 63 2.65 -4.74 -12.52
C HIS A 63 3.31 -4.14 -11.28
N GLN A 64 4.60 -4.43 -11.11
CA GLN A 64 5.35 -3.93 -9.97
C GLN A 64 5.33 -2.40 -9.93
N GLU A 65 5.57 -1.78 -11.09
CA GLU A 65 5.58 -0.33 -11.18
C GLU A 65 4.24 0.25 -10.74
N LEU A 66 3.16 -0.37 -11.18
CA LEU A 66 1.81 0.08 -10.83
C LEU A 66 1.62 0.11 -9.32
N ILE A 67 1.96 -1.00 -8.67
CA ILE A 67 1.82 -1.11 -7.22
C ILE A 67 2.86 -0.25 -6.50
N LEU A 68 4.13 -0.59 -6.70
CA LEU A 68 5.23 0.16 -6.08
C LEU A 68 5.05 1.66 -6.29
N GLY A 69 4.51 2.03 -7.45
CA GLY A 69 4.29 3.44 -7.74
C GLY A 69 3.32 4.09 -6.79
N GLY A 70 2.38 3.30 -6.27
CA GLY A 70 1.39 3.82 -5.34
C GLY A 70 1.84 3.72 -3.90
N VAL A 71 2.61 2.68 -3.59
CA VAL A 71 3.10 2.48 -2.23
C VAL A 71 4.03 3.62 -1.80
N GLU A 72 4.96 3.97 -2.68
CA GLU A 72 5.90 5.05 -2.39
C GLU A 72 5.17 6.29 -1.89
N GLN A 73 3.98 6.51 -2.41
CA GLN A 73 3.18 7.68 -2.02
C GLN A 73 2.65 7.51 -0.60
N LEU A 74 2.26 6.29 -0.25
CA LEU A 74 1.74 6.01 1.08
C LEU A 74 2.80 6.22 2.15
N GLN A 75 3.95 5.57 1.97
CA GLN A 75 5.06 5.69 2.91
C GLN A 75 5.16 7.11 3.45
N ALA A 76 4.74 8.07 2.63
CA ALA A 76 4.78 9.48 3.02
C ALA A 76 3.74 9.78 4.09
N LEU A 77 2.47 9.71 3.71
CA LEU A 77 1.37 9.99 4.64
C LEU A 77 1.44 9.07 5.84
N SER A 78 2.14 7.95 5.68
CA SER A 78 2.27 6.97 6.76
C SER A 78 3.20 7.51 7.86
N SER A 79 2.68 7.58 9.08
CA SER A 79 3.45 8.07 10.22
C SER A 79 3.71 9.57 10.08
N ARG A 80 2.77 10.28 9.45
CA ARG A 80 2.89 11.72 9.27
C ARG A 80 1.59 12.42 9.63
N LEU A 81 1.70 13.53 10.35
CA LEU A 81 0.53 14.31 10.76
C LEU A 81 -0.11 15.01 9.56
N GLN A 82 -1.40 14.80 9.39
CA GLN A 82 -2.13 15.42 8.29
C GLN A 82 -2.28 16.92 8.50
N THR A 83 -1.23 17.67 8.17
CA THR A 83 -1.24 19.11 8.33
C THR A 83 -0.17 19.77 7.46
N GLU A 84 -0.61 20.57 6.50
CA GLU A 84 0.31 21.26 5.60
C GLU A 84 -0.41 22.37 4.83
N ASN A 85 0.31 23.46 4.57
CA ASN A 85 -0.26 24.59 3.85
C ASN A 85 -1.11 24.11 2.67
N SER A 86 -0.49 23.35 1.77
CA SER A 86 -1.19 22.83 0.60
C SER A 86 -2.62 22.41 0.96
N GLY A 87 -2.74 21.50 1.92
CA GLY A 87 -4.05 21.03 2.34
C GLY A 87 -4.90 20.58 1.17
N PRO A 88 -6.22 20.57 1.37
CA PRO A 88 -7.18 20.15 0.34
C PRO A 88 -7.27 21.15 -0.81
N SER A 89 -6.80 22.37 -0.55
CA SER A 89 -6.84 23.42 -1.56
C SER A 89 -6.17 22.95 -2.86
N SER A 90 -7.00 22.64 -3.85
CA SER A 90 -6.50 22.16 -5.14
C SER A 90 -7.21 22.88 -6.28
N GLY A 91 -8.53 22.95 -6.21
CA GLY A 91 -9.30 23.60 -7.24
C GLY A 91 -10.50 22.77 -7.68
N GLY A 1 -23.53 2.05 12.82
CA GLY A 1 -22.22 2.52 13.21
C GLY A 1 -21.26 1.38 13.53
N SER A 2 -20.52 0.95 12.52
CA SER A 2 -19.57 -0.15 12.69
C SER A 2 -18.24 0.37 13.23
N SER A 3 -17.87 -0.09 14.43
CA SER A 3 -16.62 0.33 15.06
C SER A 3 -15.52 0.51 14.01
N GLY A 4 -15.07 1.75 13.85
CA GLY A 4 -14.02 2.03 12.89
C GLY A 4 -13.10 3.15 13.35
N SER A 5 -11.80 2.91 13.26
CA SER A 5 -10.81 3.89 13.68
C SER A 5 -11.15 5.27 13.12
N SER A 6 -11.17 6.26 13.99
CA SER A 6 -11.48 7.63 13.59
C SER A 6 -10.37 8.20 12.71
N GLY A 7 -9.17 8.33 13.27
CA GLY A 7 -8.05 8.86 12.53
C GLY A 7 -7.61 7.93 11.42
N MET A 8 -6.53 8.31 10.74
CA MET A 8 -6.00 7.51 9.64
C MET A 8 -4.69 6.85 10.05
N GLU A 9 -4.77 5.59 10.46
CA GLU A 9 -3.58 4.84 10.87
C GLU A 9 -2.63 4.63 9.70
N PRO A 10 -1.33 4.50 10.01
CA PRO A 10 -0.30 4.30 8.99
C PRO A 10 -0.38 2.93 8.34
N VAL A 11 -0.08 2.87 7.05
CA VAL A 11 -0.12 1.61 6.31
C VAL A 11 0.83 0.58 6.92
N GLU A 12 2.01 1.04 7.33
CA GLU A 12 2.99 0.16 7.94
C GLU A 12 2.40 -0.60 9.12
N THR A 13 1.26 -0.12 9.61
CA THR A 13 0.59 -0.75 10.74
C THR A 13 -0.69 -1.44 10.30
N TRP A 14 -1.19 -1.07 9.12
CA TRP A 14 -2.41 -1.65 8.59
C TRP A 14 -2.37 -3.17 8.68
N THR A 15 -3.54 -3.79 8.69
CA THR A 15 -3.63 -5.25 8.76
C THR A 15 -3.52 -5.88 7.37
N PRO A 16 -3.08 -7.14 7.33
CA PRO A 16 -2.92 -7.88 6.08
C PRO A 16 -4.25 -8.21 5.43
N GLY A 17 -5.34 -7.71 6.01
CA GLY A 17 -6.66 -7.96 5.46
C GLY A 17 -7.24 -6.75 4.76
N LYS A 18 -6.64 -5.59 5.00
CA LYS A 18 -7.10 -4.34 4.40
C LYS A 18 -6.36 -4.06 3.10
N VAL A 19 -5.06 -4.29 3.11
CA VAL A 19 -4.23 -4.06 1.92
C VAL A 19 -4.94 -4.55 0.66
N ALA A 20 -5.85 -5.50 0.82
CA ALA A 20 -6.60 -6.05 -0.30
C ALA A 20 -7.48 -4.98 -0.95
N THR A 21 -8.15 -4.19 -0.11
CA THR A 21 -9.03 -3.14 -0.59
C THR A 21 -8.25 -2.09 -1.38
N TRP A 22 -7.17 -1.60 -0.78
CA TRP A 22 -6.33 -0.59 -1.43
C TRP A 22 -5.73 -1.13 -2.72
N LEU A 23 -5.35 -2.40 -2.70
CA LEU A 23 -4.75 -3.04 -3.87
C LEU A 23 -5.81 -3.32 -4.93
N ARG A 24 -7.04 -3.56 -4.50
CA ARG A 24 -8.14 -3.84 -5.41
C ARG A 24 -8.53 -2.58 -6.19
N GLY A 25 -8.39 -1.43 -5.54
CA GLY A 25 -8.74 -0.17 -6.18
C GLY A 25 -7.68 0.28 -7.16
N LEU A 26 -6.55 -0.40 -7.17
CA LEU A 26 -5.45 -0.06 -8.07
C LEU A 26 -5.78 -0.43 -9.51
N ASP A 27 -4.81 -0.26 -10.39
CA ASP A 27 -5.00 -0.59 -11.81
C ASP A 27 -5.84 -1.86 -11.97
N ASP A 28 -6.75 -1.83 -12.93
CA ASP A 28 -7.61 -2.98 -13.18
C ASP A 28 -6.79 -4.25 -13.42
N SER A 29 -5.65 -4.08 -14.08
CA SER A 29 -4.77 -5.22 -14.37
C SER A 29 -4.26 -5.85 -13.08
N LEU A 30 -4.31 -5.09 -11.99
CA LEU A 30 -3.84 -5.57 -10.70
C LEU A 30 -4.99 -6.22 -9.92
N GLN A 31 -6.21 -5.82 -10.24
CA GLN A 31 -7.39 -6.36 -9.58
C GLN A 31 -7.47 -7.87 -9.75
N ASP A 32 -6.73 -8.40 -10.73
CA ASP A 32 -6.71 -9.82 -11.00
C ASP A 32 -5.96 -10.57 -9.89
N TYR A 33 -4.79 -10.07 -9.52
CA TYR A 33 -3.99 -10.70 -8.49
C TYR A 33 -4.82 -10.98 -7.24
N PRO A 34 -4.70 -12.20 -6.72
CA PRO A 34 -5.43 -12.62 -5.52
C PRO A 34 -4.92 -11.93 -4.26
N PHE A 35 -5.37 -10.69 -4.05
CA PHE A 35 -4.97 -9.92 -2.88
C PHE A 35 -5.44 -10.59 -1.59
N GLU A 36 -6.68 -11.05 -1.59
CA GLU A 36 -7.26 -11.72 -0.43
C GLU A 36 -6.44 -12.94 -0.04
N ASP A 37 -5.55 -13.36 -0.94
CA ASP A 37 -4.71 -14.52 -0.70
C ASP A 37 -3.31 -14.10 -0.23
N TRP A 38 -2.86 -12.95 -0.73
CA TRP A 38 -1.54 -12.44 -0.37
C TRP A 38 -1.34 -12.46 1.14
N GLN A 39 -2.36 -12.04 1.88
CA GLN A 39 -2.30 -12.03 3.33
C GLN A 39 -1.04 -11.31 3.81
N LEU A 40 -0.64 -10.27 3.07
CA LEU A 40 0.55 -9.51 3.42
C LEU A 40 0.19 -8.31 4.30
N PRO A 41 0.83 -8.23 5.48
CA PRO A 41 0.59 -7.14 6.44
C PRO A 41 1.13 -5.80 5.93
N GLY A 42 0.41 -4.72 6.24
CA GLY A 42 0.84 -3.41 5.81
C GLY A 42 2.30 -3.15 6.10
N LYS A 43 2.73 -3.45 7.32
CA LYS A 43 4.11 -3.24 7.72
C LYS A 43 5.07 -3.69 6.62
N ASN A 44 4.72 -4.79 5.95
CA ASN A 44 5.54 -5.32 4.87
C ASN A 44 5.24 -4.60 3.56
N LEU A 45 4.01 -4.12 3.42
CA LEU A 45 3.60 -3.41 2.21
C LEU A 45 4.55 -2.27 1.89
N LEU A 46 4.82 -1.44 2.88
CA LEU A 46 5.72 -0.31 2.71
C LEU A 46 7.18 -0.77 2.65
N GLN A 47 7.43 -2.00 3.10
CA GLN A 47 8.77 -2.56 3.09
C GLN A 47 8.89 -3.68 2.05
N LEU A 48 7.97 -3.70 1.11
CA LEU A 48 7.96 -4.71 0.06
C LEU A 48 9.18 -4.57 -0.84
N CYS A 49 9.43 -5.58 -1.67
CA CYS A 49 10.56 -5.56 -2.59
C CYS A 49 10.21 -6.27 -3.89
N PRO A 50 10.97 -5.96 -4.96
CA PRO A 50 10.76 -6.55 -6.28
C PRO A 50 11.14 -8.03 -6.31
N GLN A 51 11.90 -8.46 -5.32
CA GLN A 51 12.33 -9.85 -5.24
C GLN A 51 11.33 -10.70 -4.47
N SER A 52 10.57 -10.04 -3.58
CA SER A 52 9.58 -10.73 -2.78
C SER A 52 8.23 -10.80 -3.50
N LEU A 53 7.98 -9.79 -4.32
CA LEU A 53 6.72 -9.73 -5.08
C LEU A 53 6.62 -10.90 -6.06
N GLU A 54 7.78 -11.40 -6.50
CA GLU A 54 7.82 -12.52 -7.43
C GLU A 54 7.13 -13.74 -6.84
N ALA A 55 7.20 -13.88 -5.52
CA ALA A 55 6.59 -15.00 -4.83
C ALA A 55 5.08 -14.97 -4.97
N LEU A 56 4.51 -13.77 -5.02
CA LEU A 56 3.07 -13.60 -5.16
C LEU A 56 2.65 -13.62 -6.63
N ALA A 57 3.44 -14.31 -7.45
CA ALA A 57 3.14 -14.42 -8.88
C ALA A 57 3.27 -13.06 -9.56
N VAL A 58 4.07 -12.17 -8.97
CA VAL A 58 4.27 -10.84 -9.53
C VAL A 58 5.73 -10.61 -9.91
N ARG A 59 6.08 -11.07 -11.12
CA ARG A 59 7.45 -10.92 -11.61
C ARG A 59 7.53 -9.81 -12.65
N SER A 60 6.49 -9.71 -13.48
CA SER A 60 6.45 -8.69 -14.52
C SER A 60 6.79 -7.31 -13.96
N LEU A 61 7.90 -6.75 -14.43
CA LEU A 61 8.34 -5.43 -13.97
C LEU A 61 7.21 -4.41 -14.07
N GLY A 62 6.71 -4.22 -15.29
CA GLY A 62 5.63 -3.28 -15.50
C GLY A 62 4.64 -3.26 -14.35
N HIS A 63 4.11 -4.43 -14.01
CA HIS A 63 3.14 -4.54 -12.93
C HIS A 63 3.74 -4.04 -11.62
N GLN A 64 4.96 -4.47 -11.32
CA GLN A 64 5.64 -4.07 -10.09
C GLN A 64 5.65 -2.54 -9.96
N GLU A 65 5.97 -1.85 -11.05
CA GLU A 65 6.02 -0.41 -11.05
C GLU A 65 4.66 0.19 -10.70
N LEU A 66 3.60 -0.42 -11.22
CA LEU A 66 2.24 0.04 -10.96
C LEU A 66 1.95 0.03 -9.46
N ILE A 67 2.21 -1.10 -8.81
CA ILE A 67 1.98 -1.23 -7.38
C ILE A 67 2.99 -0.43 -6.58
N LEU A 68 4.27 -0.77 -6.73
CA LEU A 68 5.34 -0.09 -6.02
C LEU A 68 5.13 1.42 -6.06
N GLY A 69 4.59 1.91 -7.17
CA GLY A 69 4.34 3.34 -7.30
C GLY A 69 3.36 3.86 -6.26
N GLY A 70 2.25 3.17 -6.09
CA GLY A 70 1.25 3.58 -5.13
C GLY A 70 1.76 3.53 -3.71
N VAL A 71 2.60 2.55 -3.43
CA VAL A 71 3.17 2.39 -2.10
C VAL A 71 4.05 3.57 -1.72
N GLU A 72 4.68 4.17 -2.73
CA GLU A 72 5.56 5.32 -2.51
C GLU A 72 4.79 6.48 -1.89
N GLN A 73 3.56 6.68 -2.35
CA GLN A 73 2.73 7.76 -1.84
C GLN A 73 2.21 7.43 -0.44
N LEU A 74 2.07 6.14 -0.16
CA LEU A 74 1.58 5.70 1.14
C LEU A 74 2.61 5.98 2.24
N GLN A 75 3.85 5.60 1.99
CA GLN A 75 4.93 5.81 2.94
C GLN A 75 4.98 7.27 3.39
N ALA A 76 4.44 8.15 2.55
CA ALA A 76 4.43 9.58 2.86
C ALA A 76 3.32 9.92 3.85
N LEU A 77 2.07 9.81 3.41
CA LEU A 77 0.93 10.10 4.26
C LEU A 77 1.01 9.31 5.57
N SER A 78 1.27 8.01 5.46
CA SER A 78 1.37 7.15 6.62
C SER A 78 2.34 7.74 7.66
N SER A 79 3.60 7.83 7.29
CA SER A 79 4.63 8.37 8.18
C SER A 79 5.39 9.50 7.51
N ARG A 80 5.66 10.56 8.27
CA ARG A 80 6.38 11.71 7.75
C ARG A 80 7.60 12.01 8.60
N LEU A 81 8.75 12.19 7.94
CA LEU A 81 9.99 12.49 8.64
C LEU A 81 10.19 13.99 8.79
N GLN A 82 10.00 14.72 7.69
CA GLN A 82 10.15 16.16 7.70
C GLN A 82 9.04 16.84 6.90
N THR A 83 8.80 18.10 7.19
CA THR A 83 7.75 18.87 6.50
C THR A 83 8.20 20.30 6.25
N GLU A 84 7.78 20.85 5.11
CA GLU A 84 8.13 22.22 4.75
C GLU A 84 7.29 23.22 5.54
N ASN A 85 7.92 24.32 5.93
CA ASN A 85 7.24 25.36 6.69
C ASN A 85 7.26 26.69 5.94
N SER A 86 8.46 27.17 5.62
CA SER A 86 8.61 28.43 4.91
C SER A 86 10.02 28.54 4.31
N GLY A 87 10.10 29.12 3.12
CA GLY A 87 11.38 29.28 2.45
C GLY A 87 11.25 29.99 1.12
N PRO A 88 12.35 29.97 0.34
CA PRO A 88 12.38 30.62 -0.98
C PRO A 88 11.51 29.90 -2.01
N SER A 89 10.37 30.51 -2.33
CA SER A 89 9.44 29.92 -3.29
C SER A 89 9.26 30.84 -4.50
N SER A 90 9.13 30.23 -5.67
CA SER A 90 8.96 31.00 -6.90
C SER A 90 7.54 30.83 -7.45
N GLY A 91 6.69 31.82 -7.19
CA GLY A 91 5.32 31.77 -7.65
C GLY A 91 4.83 33.10 -8.18
N GLY A 1 -18.11 4.42 10.76
CA GLY A 1 -18.43 4.92 12.09
C GLY A 1 -17.39 5.90 12.61
N SER A 2 -16.77 5.56 13.74
CA SER A 2 -15.76 6.40 14.35
C SER A 2 -14.36 5.89 14.03
N SER A 3 -13.74 6.50 13.02
CA SER A 3 -12.39 6.10 12.61
C SER A 3 -11.45 6.08 13.80
N GLY A 4 -11.26 7.23 14.44
CA GLY A 4 -10.38 7.31 15.58
C GLY A 4 -10.00 8.74 15.92
N SER A 5 -8.70 9.00 16.01
CA SER A 5 -8.21 10.33 16.34
C SER A 5 -8.06 11.18 15.08
N SER A 6 -8.05 12.50 15.25
CA SER A 6 -7.92 13.42 14.13
C SER A 6 -6.72 13.05 13.27
N GLY A 7 -6.96 12.90 11.97
CA GLY A 7 -5.89 12.54 11.04
C GLY A 7 -6.21 11.31 10.22
N MET A 8 -5.23 10.85 9.46
CA MET A 8 -5.42 9.68 8.61
C MET A 8 -4.55 8.51 9.09
N GLU A 9 -5.20 7.39 9.40
CA GLU A 9 -4.49 6.22 9.88
C GLU A 9 -3.43 5.78 8.88
N PRO A 10 -2.21 5.50 9.39
CA PRO A 10 -1.08 5.08 8.57
C PRO A 10 -1.27 3.66 8.01
N VAL A 11 -0.58 3.37 6.91
CA VAL A 11 -0.68 2.06 6.29
C VAL A 11 0.10 1.01 7.08
N GLU A 12 1.22 1.44 7.66
CA GLU A 12 2.06 0.54 8.44
C GLU A 12 1.28 -0.06 9.62
N THR A 13 0.10 0.51 9.87
CA THR A 13 -0.75 0.04 10.96
C THR A 13 -1.96 -0.73 10.44
N TRP A 14 -2.28 -0.50 9.16
CA TRP A 14 -3.42 -1.16 8.54
C TRP A 14 -3.33 -2.68 8.72
N THR A 15 -4.45 -3.37 8.46
CA THR A 15 -4.49 -4.82 8.60
C THR A 15 -4.33 -5.50 7.24
N PRO A 16 -3.94 -6.78 7.27
CA PRO A 16 -3.74 -7.58 6.05
C PRO A 16 -5.07 -7.91 5.36
N GLY A 17 -6.16 -7.38 5.91
CA GLY A 17 -7.46 -7.63 5.32
C GLY A 17 -7.99 -6.44 4.55
N LYS A 18 -7.41 -5.26 4.80
CA LYS A 18 -7.81 -4.05 4.10
C LYS A 18 -6.95 -3.79 2.89
N VAL A 19 -5.67 -4.18 2.97
CA VAL A 19 -4.74 -4.00 1.87
C VAL A 19 -5.34 -4.48 0.55
N ALA A 20 -6.12 -5.56 0.62
CA ALA A 20 -6.76 -6.12 -0.55
C ALA A 20 -7.60 -5.07 -1.27
N THR A 21 -8.16 -4.14 -0.51
CA THR A 21 -9.00 -3.09 -1.06
C THR A 21 -8.15 -1.99 -1.69
N TRP A 22 -6.99 -1.74 -1.10
CA TRP A 22 -6.08 -0.71 -1.60
C TRP A 22 -5.28 -1.22 -2.79
N LEU A 23 -5.19 -2.54 -2.91
CA LEU A 23 -4.45 -3.16 -4.01
C LEU A 23 -5.35 -3.38 -5.22
N ARG A 24 -6.58 -3.83 -4.97
CA ARG A 24 -7.54 -4.08 -6.04
C ARG A 24 -7.96 -2.76 -6.70
N GLY A 25 -7.98 -1.70 -5.91
CA GLY A 25 -8.37 -0.40 -6.44
C GLY A 25 -7.29 0.23 -7.29
N LEU A 26 -6.04 0.02 -6.91
CA LEU A 26 -4.91 0.58 -7.65
C LEU A 26 -5.16 0.52 -9.15
N ASP A 27 -5.60 -0.63 -9.63
CA ASP A 27 -5.88 -0.81 -11.05
C ASP A 27 -6.49 -2.18 -11.31
N ASP A 28 -7.07 -2.35 -12.50
CA ASP A 28 -7.70 -3.61 -12.87
C ASP A 28 -6.65 -4.64 -13.29
N SER A 29 -5.60 -4.16 -13.97
CA SER A 29 -4.53 -5.03 -14.43
C SER A 29 -3.95 -5.84 -13.27
N LEU A 30 -4.26 -5.42 -12.05
CA LEU A 30 -3.77 -6.11 -10.87
C LEU A 30 -4.91 -6.82 -10.14
N GLN A 31 -6.13 -6.39 -10.43
CA GLN A 31 -7.32 -6.99 -9.81
C GLN A 31 -7.33 -8.51 -9.98
N ASP A 32 -6.50 -8.99 -10.90
CA ASP A 32 -6.41 -10.43 -11.17
C ASP A 32 -5.72 -11.15 -10.01
N TYR A 33 -4.55 -10.66 -9.64
CA TYR A 33 -3.78 -11.26 -8.55
C TYR A 33 -4.66 -11.46 -7.31
N PRO A 34 -4.60 -12.66 -6.73
CA PRO A 34 -5.37 -13.00 -5.53
C PRO A 34 -4.88 -12.27 -4.29
N PHE A 35 -5.34 -11.03 -4.12
CA PHE A 35 -4.95 -10.21 -2.98
C PHE A 35 -5.53 -10.78 -1.69
N GLU A 36 -6.80 -11.19 -1.74
CA GLU A 36 -7.46 -11.75 -0.58
C GLU A 36 -6.69 -12.94 -0.02
N ASP A 37 -5.82 -13.51 -0.85
CA ASP A 37 -5.03 -14.65 -0.45
C ASP A 37 -3.66 -14.22 0.08
N TRP A 38 -3.20 -13.07 -0.39
CA TRP A 38 -1.90 -12.53 0.02
C TRP A 38 -1.85 -12.37 1.54
N GLN A 39 -2.97 -11.94 2.13
CA GLN A 39 -3.04 -11.74 3.57
C GLN A 39 -1.81 -11.00 4.09
N LEU A 40 -1.31 -10.06 3.29
CA LEU A 40 -0.13 -9.29 3.66
C LEU A 40 -0.53 -8.07 4.48
N PRO A 41 0.03 -7.96 5.69
CA PRO A 41 -0.23 -6.84 6.60
C PRO A 41 0.36 -5.53 6.10
N GLY A 42 -0.25 -4.42 6.52
CA GLY A 42 0.23 -3.11 6.10
C GLY A 42 1.71 -2.92 6.39
N LYS A 43 2.09 -3.11 7.65
CA LYS A 43 3.48 -2.95 8.06
C LYS A 43 4.43 -3.58 7.04
N ASN A 44 3.93 -4.57 6.31
CA ASN A 44 4.73 -5.25 5.30
C ASN A 44 4.56 -4.59 3.93
N LEU A 45 3.36 -4.07 3.68
CA LEU A 45 3.06 -3.42 2.42
C LEU A 45 4.14 -2.40 2.07
N LEU A 46 4.37 -1.46 2.98
CA LEU A 46 5.38 -0.43 2.77
C LEU A 46 6.79 -1.03 2.75
N GLN A 47 6.90 -2.26 3.23
CA GLN A 47 8.19 -2.95 3.27
C GLN A 47 8.41 -3.75 1.99
N LEU A 48 7.32 -4.12 1.33
CA LEU A 48 7.40 -4.88 0.09
C LEU A 48 8.51 -4.35 -0.81
N CYS A 49 9.00 -5.20 -1.70
CA CYS A 49 10.07 -4.83 -2.62
C CYS A 49 9.79 -5.33 -4.03
N PRO A 50 10.47 -4.74 -5.02
CA PRO A 50 10.30 -5.12 -6.43
C PRO A 50 10.88 -6.50 -6.73
N GLN A 51 11.84 -6.92 -5.92
CA GLN A 51 12.47 -8.23 -6.11
C GLN A 51 11.71 -9.31 -5.35
N SER A 52 11.09 -8.92 -4.25
CA SER A 52 10.33 -9.86 -3.42
C SER A 52 8.96 -10.13 -4.03
N LEU A 53 8.34 -9.08 -4.58
CA LEU A 53 7.02 -9.20 -5.19
C LEU A 53 6.97 -10.42 -6.11
N GLU A 54 8.09 -10.72 -6.75
CA GLU A 54 8.17 -11.86 -7.67
C GLU A 54 7.66 -13.13 -6.99
N ALA A 55 7.99 -13.28 -5.71
CA ALA A 55 7.56 -14.45 -4.96
C ALA A 55 6.05 -14.60 -4.97
N LEU A 56 5.35 -13.48 -5.01
CA LEU A 56 3.89 -13.48 -5.03
C LEU A 56 3.37 -13.57 -6.46
N ALA A 57 4.16 -14.17 -7.34
CA ALA A 57 3.77 -14.32 -8.74
C ALA A 57 3.70 -12.96 -9.43
N VAL A 58 4.46 -11.99 -8.92
CA VAL A 58 4.48 -10.66 -9.50
C VAL A 58 5.87 -10.31 -10.02
N ARG A 59 6.13 -10.70 -11.27
CA ARG A 59 7.42 -10.43 -11.89
C ARG A 59 7.30 -9.30 -12.92
N SER A 60 6.28 -9.39 -13.77
CA SER A 60 6.06 -8.38 -14.80
C SER A 60 6.29 -6.97 -14.24
N LEU A 61 7.26 -6.28 -14.82
CA LEU A 61 7.58 -4.92 -14.38
C LEU A 61 6.33 -4.03 -14.39
N GLY A 62 5.76 -3.83 -15.57
CA GLY A 62 4.56 -3.00 -15.69
C GLY A 62 3.64 -3.16 -14.51
N HIS A 63 3.50 -4.40 -14.03
CA HIS A 63 2.62 -4.68 -12.90
C HIS A 63 3.23 -4.16 -11.60
N GLN A 64 4.50 -4.47 -11.37
CA GLN A 64 5.20 -4.03 -10.16
C GLN A 64 5.16 -2.51 -10.04
N GLU A 65 5.41 -1.82 -11.15
CA GLU A 65 5.40 -0.37 -11.15
C GLU A 65 4.07 0.17 -10.66
N LEU A 66 2.98 -0.39 -11.16
CA LEU A 66 1.64 0.03 -10.76
C LEU A 66 1.49 0.01 -9.24
N ILE A 67 1.65 -1.18 -8.66
CA ILE A 67 1.54 -1.33 -7.22
C ILE A 67 2.59 -0.48 -6.48
N LEU A 68 3.85 -0.82 -6.69
CA LEU A 68 4.95 -0.09 -6.04
C LEU A 68 4.72 1.41 -6.15
N GLY A 69 4.26 1.86 -7.31
CA GLY A 69 4.02 3.27 -7.52
C GLY A 69 3.37 3.93 -6.31
N GLY A 70 2.23 3.38 -5.88
CA GLY A 70 1.53 3.94 -4.73
C GLY A 70 2.21 3.60 -3.42
N VAL A 71 2.64 2.36 -3.28
CA VAL A 71 3.31 1.91 -2.07
C VAL A 71 4.38 2.89 -1.64
N GLU A 72 4.88 3.67 -2.59
CA GLU A 72 5.91 4.67 -2.30
C GLU A 72 5.30 5.94 -1.72
N GLN A 73 4.17 6.35 -2.27
CA GLN A 73 3.49 7.55 -1.80
C GLN A 73 2.88 7.33 -0.42
N LEU A 74 2.52 6.08 -0.13
CA LEU A 74 1.92 5.75 1.15
C LEU A 74 2.90 6.02 2.29
N GLN A 75 4.10 5.45 2.18
CA GLN A 75 5.13 5.63 3.20
C GLN A 75 5.25 7.10 3.60
N ALA A 76 4.90 7.98 2.67
CA ALA A 76 4.96 9.42 2.93
C ALA A 76 3.83 9.87 3.84
N LEU A 77 2.61 9.86 3.31
CA LEU A 77 1.45 10.27 4.08
C LEU A 77 1.37 9.52 5.41
N SER A 78 1.79 8.26 5.38
CA SER A 78 1.78 7.43 6.59
C SER A 78 2.80 7.93 7.60
N SER A 79 4.02 8.15 7.15
CA SER A 79 5.09 8.62 8.02
C SER A 79 5.37 10.11 7.77
N ARG A 80 4.74 10.97 8.58
CA ARG A 80 4.93 12.40 8.45
C ARG A 80 5.73 12.95 9.63
N LEU A 81 6.72 12.18 10.08
CA LEU A 81 7.57 12.59 11.20
C LEU A 81 9.03 12.56 10.81
N GLN A 82 9.85 13.34 11.51
CA GLN A 82 11.28 13.38 11.25
C GLN A 82 11.55 13.59 9.76
N THR A 83 10.70 14.38 9.11
CA THR A 83 10.85 14.66 7.68
C THR A 83 12.11 15.47 7.40
N GLU A 84 13.13 14.79 6.87
CA GLU A 84 14.39 15.44 6.55
C GLU A 84 14.82 15.14 5.12
N ASN A 85 15.83 15.87 4.64
CA ASN A 85 16.33 15.68 3.29
C ASN A 85 17.84 15.89 3.23
N SER A 86 18.52 15.07 2.44
CA SER A 86 19.96 15.16 2.30
C SER A 86 20.37 16.55 1.83
N GLY A 87 19.66 17.08 0.85
CA GLY A 87 19.96 18.40 0.33
C GLY A 87 19.11 18.77 -0.88
N PRO A 88 19.05 20.07 -1.19
CA PRO A 88 18.27 20.58 -2.33
C PRO A 88 18.87 20.17 -3.67
N SER A 89 17.99 19.79 -4.60
CA SER A 89 18.43 19.36 -5.92
C SER A 89 18.96 20.54 -6.72
N SER A 90 20.27 20.77 -6.63
CA SER A 90 20.91 21.87 -7.34
C SER A 90 20.24 23.20 -7.00
N GLY A 91 19.94 23.37 -5.71
CA GLY A 91 19.30 24.61 -5.27
C GLY A 91 20.25 25.49 -4.48
N GLY A 1 -15.02 -3.03 14.30
CA GLY A 1 -15.46 -2.07 13.30
C GLY A 1 -14.33 -1.23 12.77
N SER A 2 -13.89 -1.51 11.54
CA SER A 2 -12.81 -0.77 10.92
C SER A 2 -13.19 0.70 10.75
N SER A 3 -14.37 0.94 10.20
CA SER A 3 -14.86 2.30 9.97
C SER A 3 -15.07 3.03 11.30
N GLY A 4 -14.28 4.08 11.51
CA GLY A 4 -14.40 4.84 12.75
C GLY A 4 -13.05 5.13 13.38
N SER A 5 -12.35 6.11 12.84
CA SER A 5 -11.04 6.49 13.36
C SER A 5 -10.86 8.00 13.34
N SER A 6 -9.99 8.51 14.21
CA SER A 6 -9.72 9.93 14.30
C SER A 6 -9.18 10.47 12.97
N GLY A 7 -8.04 9.95 12.55
CA GLY A 7 -7.44 10.39 11.30
C GLY A 7 -7.10 9.23 10.38
N MET A 8 -6.15 9.44 9.48
CA MET A 8 -5.74 8.42 8.54
C MET A 8 -4.62 7.56 9.12
N GLU A 9 -4.99 6.39 9.64
CA GLU A 9 -4.02 5.48 10.24
C GLU A 9 -2.93 5.12 9.24
N PRO A 10 -1.72 4.83 9.76
CA PRO A 10 -0.57 4.46 8.92
C PRO A 10 -0.74 3.10 8.26
N VAL A 11 -0.21 2.96 7.05
CA VAL A 11 -0.29 1.70 6.32
C VAL A 11 0.52 0.61 7.00
N GLU A 12 1.65 0.99 7.58
CA GLU A 12 2.52 0.04 8.27
C GLU A 12 1.76 -0.69 9.36
N THR A 13 0.63 -0.13 9.76
CA THR A 13 -0.20 -0.72 10.81
C THR A 13 -1.40 -1.46 10.22
N TRP A 14 -1.84 -1.01 9.05
CA TRP A 14 -2.98 -1.62 8.37
C TRP A 14 -2.91 -3.14 8.46
N THR A 15 -4.08 -3.78 8.51
CA THR A 15 -4.15 -5.23 8.60
C THR A 15 -3.97 -5.87 7.22
N PRO A 16 -3.54 -7.14 7.21
CA PRO A 16 -3.31 -7.88 5.97
C PRO A 16 -4.62 -8.22 5.26
N GLY A 17 -5.73 -7.74 5.81
CA GLY A 17 -7.03 -8.00 5.20
C GLY A 17 -7.59 -6.77 4.50
N LYS A 18 -7.01 -5.61 4.78
CA LYS A 18 -7.46 -4.37 4.17
C LYS A 18 -6.66 -4.06 2.90
N VAL A 19 -5.37 -4.34 2.95
CA VAL A 19 -4.49 -4.09 1.81
C VAL A 19 -5.16 -4.51 0.51
N ALA A 20 -5.88 -5.63 0.54
CA ALA A 20 -6.57 -6.12 -0.63
C ALA A 20 -7.42 -5.03 -1.28
N THR A 21 -8.10 -4.24 -0.45
CA THR A 21 -8.95 -3.16 -0.94
C THR A 21 -8.11 -2.09 -1.63
N TRP A 22 -7.07 -1.61 -0.95
CA TRP A 22 -6.21 -0.58 -1.50
C TRP A 22 -5.57 -1.04 -2.80
N LEU A 23 -5.27 -2.33 -2.89
CA LEU A 23 -4.65 -2.90 -4.07
C LEU A 23 -5.69 -3.07 -5.19
N ARG A 24 -6.85 -3.62 -4.84
CA ARG A 24 -7.91 -3.84 -5.81
C ARG A 24 -8.30 -2.53 -6.49
N GLY A 25 -7.99 -1.42 -5.83
CA GLY A 25 -8.32 -0.11 -6.38
C GLY A 25 -7.21 0.43 -7.28
N LEU A 26 -5.98 0.08 -6.96
CA LEU A 26 -4.83 0.54 -7.74
C LEU A 26 -5.13 0.51 -9.23
N ASP A 27 -5.54 -0.66 -9.72
CA ASP A 27 -5.87 -0.83 -11.13
C ASP A 27 -6.53 -2.17 -11.38
N ASP A 28 -7.11 -2.33 -12.57
CA ASP A 28 -7.79 -3.57 -12.94
C ASP A 28 -6.78 -4.65 -13.33
N SER A 29 -5.74 -4.24 -14.06
CA SER A 29 -4.71 -5.17 -14.51
C SER A 29 -4.11 -5.92 -13.32
N LEU A 30 -4.37 -5.42 -12.12
CA LEU A 30 -3.86 -6.05 -10.91
C LEU A 30 -5.00 -6.63 -10.07
N GLN A 31 -6.13 -5.95 -10.07
CA GLN A 31 -7.29 -6.39 -9.31
C GLN A 31 -7.51 -7.90 -9.47
N ASP A 32 -6.97 -8.44 -10.56
CA ASP A 32 -7.11 -9.87 -10.83
C ASP A 32 -6.33 -10.69 -9.81
N TYR A 33 -5.10 -10.25 -9.53
CA TYR A 33 -4.24 -10.95 -8.57
C TYR A 33 -5.01 -11.29 -7.30
N PRO A 34 -4.77 -12.50 -6.77
CA PRO A 34 -5.43 -12.98 -5.55
C PRO A 34 -4.95 -12.23 -4.30
N PHE A 35 -5.50 -11.05 -4.09
CA PHE A 35 -5.14 -10.23 -2.94
C PHE A 35 -5.69 -10.83 -1.65
N GLU A 36 -6.87 -11.45 -1.75
CA GLU A 36 -7.51 -12.05 -0.59
C GLU A 36 -6.66 -13.20 -0.05
N ASP A 37 -5.81 -13.76 -0.90
CA ASP A 37 -4.95 -14.86 -0.51
C ASP A 37 -3.59 -14.35 -0.03
N TRP A 38 -3.13 -13.26 -0.64
CA TRP A 38 -1.85 -12.68 -0.28
C TRP A 38 -1.71 -12.53 1.23
N GLN A 39 -2.78 -12.08 1.88
CA GLN A 39 -2.78 -11.90 3.32
C GLN A 39 -1.53 -11.17 3.78
N LEU A 40 -1.07 -10.21 2.98
CA LEU A 40 0.12 -9.45 3.30
C LEU A 40 -0.22 -8.27 4.21
N PRO A 41 0.39 -8.24 5.40
CA PRO A 41 0.17 -7.18 6.38
C PRO A 41 0.76 -5.85 5.94
N GLY A 42 0.11 -4.75 6.32
CA GLY A 42 0.59 -3.44 5.96
C GLY A 42 2.06 -3.24 6.30
N LYS A 43 2.41 -3.49 7.55
CA LYS A 43 3.79 -3.34 8.01
C LYS A 43 4.77 -3.79 6.93
N ASN A 44 4.40 -4.84 6.20
CA ASN A 44 5.24 -5.37 5.13
C ASN A 44 4.97 -4.65 3.82
N LEU A 45 3.72 -4.26 3.60
CA LEU A 45 3.34 -3.56 2.39
C LEU A 45 4.29 -2.40 2.10
N LEU A 46 4.42 -1.49 3.05
CA LEU A 46 5.30 -0.33 2.90
C LEU A 46 6.76 -0.78 2.79
N GLN A 47 7.03 -2.00 3.23
CA GLN A 47 8.39 -2.54 3.18
C GLN A 47 8.52 -3.58 2.07
N LEU A 48 7.63 -3.49 1.08
CA LEU A 48 7.65 -4.43 -0.04
C LEU A 48 8.80 -4.12 -0.99
N CYS A 49 9.21 -5.11 -1.78
CA CYS A 49 10.29 -4.94 -2.73
C CYS A 49 9.99 -5.66 -4.04
N PRO A 50 10.70 -5.27 -5.10
CA PRO A 50 10.52 -5.86 -6.43
C PRO A 50 11.01 -7.30 -6.50
N GLN A 51 11.82 -7.69 -5.53
CA GLN A 51 12.37 -9.05 -5.48
C GLN A 51 11.42 -9.98 -4.74
N SER A 52 10.77 -9.47 -3.70
CA SER A 52 9.83 -10.25 -2.91
C SER A 52 8.54 -10.49 -3.66
N LEU A 53 7.98 -9.43 -4.23
CA LEU A 53 6.73 -9.52 -4.98
C LEU A 53 6.77 -10.69 -5.94
N GLU A 54 7.92 -10.91 -6.57
CA GLU A 54 8.07 -12.02 -7.51
C GLU A 54 7.55 -13.32 -6.91
N ALA A 55 7.83 -13.53 -5.63
CA ALA A 55 7.38 -14.74 -4.95
C ALA A 55 5.87 -14.87 -5.01
N LEU A 56 5.17 -13.74 -4.99
CA LEU A 56 3.72 -13.73 -5.05
C LEU A 56 3.22 -13.74 -6.50
N ALA A 57 4.02 -14.31 -7.39
CA ALA A 57 3.66 -14.39 -8.80
C ALA A 57 3.61 -13.00 -9.42
N VAL A 58 4.51 -12.12 -8.97
CA VAL A 58 4.57 -10.75 -9.48
C VAL A 58 5.98 -10.39 -9.94
N ARG A 59 6.29 -10.72 -11.20
CA ARG A 59 7.60 -10.43 -11.76
C ARG A 59 7.51 -9.34 -12.82
N SER A 60 6.50 -9.43 -13.68
CA SER A 60 6.31 -8.45 -14.74
C SER A 60 6.52 -7.04 -14.22
N LEU A 61 7.68 -6.46 -14.53
CA LEU A 61 8.00 -5.11 -14.10
C LEU A 61 6.78 -4.20 -14.20
N GLY A 62 6.07 -4.29 -15.32
CA GLY A 62 4.89 -3.48 -15.53
C GLY A 62 3.96 -3.48 -14.33
N HIS A 63 3.57 -4.68 -13.90
CA HIS A 63 2.67 -4.83 -12.76
C HIS A 63 3.29 -4.22 -11.50
N GLN A 64 4.56 -4.52 -11.27
CA GLN A 64 5.26 -4.01 -10.10
C GLN A 64 5.19 -2.48 -10.05
N GLU A 65 5.59 -1.84 -11.16
CA GLU A 65 5.58 -0.39 -11.23
C GLU A 65 4.24 0.17 -10.73
N LEU A 66 3.15 -0.41 -11.21
CA LEU A 66 1.82 0.03 -10.81
C LEU A 66 1.69 0.07 -9.29
N ILE A 67 1.83 -1.09 -8.66
CA ILE A 67 1.74 -1.19 -7.21
C ILE A 67 2.75 -0.28 -6.53
N LEU A 68 4.03 -0.61 -6.70
CA LEU A 68 5.11 0.17 -6.11
C LEU A 68 4.81 1.66 -6.17
N GLY A 69 4.33 2.12 -7.33
CA GLY A 69 4.00 3.52 -7.50
C GLY A 69 3.30 4.10 -6.29
N GLY A 70 2.22 3.46 -5.86
CA GLY A 70 1.47 3.93 -4.71
C GLY A 70 2.19 3.65 -3.40
N VAL A 71 2.70 2.43 -3.25
CA VAL A 71 3.40 2.04 -2.04
C VAL A 71 4.42 3.10 -1.64
N GLU A 72 4.90 3.87 -2.61
CA GLU A 72 5.88 4.92 -2.35
C GLU A 72 5.20 6.18 -1.81
N GLN A 73 4.06 6.53 -2.41
CA GLN A 73 3.32 7.71 -1.98
C GLN A 73 2.72 7.51 -0.59
N LEU A 74 2.44 6.25 -0.25
CA LEU A 74 1.87 5.92 1.06
C LEU A 74 2.85 6.25 2.18
N GLN A 75 4.06 5.71 2.07
CA GLN A 75 5.08 5.94 3.08
C GLN A 75 5.09 7.41 3.52
N ALA A 76 4.65 8.28 2.63
CA ALA A 76 4.60 9.72 2.93
C ALA A 76 3.44 10.04 3.87
N LEU A 77 2.23 9.93 3.35
CA LEU A 77 1.03 10.22 4.13
C LEU A 77 1.02 9.40 5.42
N SER A 78 1.35 8.12 5.31
CA SER A 78 1.38 7.23 6.46
C SER A 78 2.51 7.60 7.42
N SER A 79 2.26 7.44 8.71
CA SER A 79 3.26 7.78 9.72
C SER A 79 4.07 8.99 9.31
N ARG A 80 3.38 10.07 8.98
CA ARG A 80 4.04 11.31 8.57
C ARG A 80 5.31 11.55 9.38
N LEU A 81 6.45 11.21 8.78
CA LEU A 81 7.74 11.40 9.44
C LEU A 81 8.02 12.88 9.70
N GLN A 82 7.96 13.67 8.64
CA GLN A 82 8.20 15.11 8.75
C GLN A 82 7.87 15.82 7.45
N THR A 83 7.34 17.04 7.56
CA THR A 83 6.97 17.82 6.38
C THR A 83 8.14 18.67 5.91
N GLU A 84 8.35 18.70 4.60
CA GLU A 84 9.44 19.48 4.01
C GLU A 84 8.92 20.40 2.92
N ASN A 85 8.28 19.82 1.91
CA ASN A 85 7.73 20.59 0.80
C ASN A 85 6.24 20.84 0.99
N SER A 86 5.83 22.09 0.80
CA SER A 86 4.43 22.47 0.96
C SER A 86 3.66 22.24 -0.33
N GLY A 87 2.74 21.27 -0.29
CA GLY A 87 1.94 20.97 -1.46
C GLY A 87 2.77 20.84 -2.72
N PRO A 88 2.72 21.86 -3.58
CA PRO A 88 3.47 21.88 -4.85
C PRO A 88 4.97 22.03 -4.62
N SER A 89 5.76 21.57 -5.59
CA SER A 89 7.21 21.67 -5.49
C SER A 89 7.71 23.00 -6.04
N SER A 90 8.17 23.86 -5.14
CA SER A 90 8.67 25.17 -5.53
C SER A 90 10.20 25.15 -5.64
N GLY A 91 10.72 25.86 -6.64
CA GLY A 91 12.15 25.92 -6.85
C GLY A 91 12.57 27.10 -7.70
N GLY A 1 -21.13 -3.73 10.46
CA GLY A 1 -20.87 -2.74 11.49
C GLY A 1 -19.48 -2.14 11.38
N SER A 2 -19.42 -0.82 11.25
CA SER A 2 -18.15 -0.11 11.12
C SER A 2 -18.37 1.40 11.13
N SER A 3 -17.60 2.08 11.97
CA SER A 3 -17.70 3.54 12.09
C SER A 3 -16.47 4.22 11.49
N GLY A 4 -16.61 4.73 10.27
CA GLY A 4 -15.50 5.40 9.63
C GLY A 4 -14.96 6.57 10.43
N SER A 5 -13.84 6.35 11.10
CA SER A 5 -13.23 7.39 11.93
C SER A 5 -12.73 8.54 11.06
N SER A 6 -12.83 9.76 11.58
CA SER A 6 -12.38 10.94 10.85
C SER A 6 -10.90 10.84 10.51
N GLY A 7 -10.11 10.35 11.45
CA GLY A 7 -8.68 10.21 11.23
C GLY A 7 -8.34 8.97 10.42
N MET A 8 -7.24 9.05 9.68
CA MET A 8 -6.81 7.93 8.85
C MET A 8 -5.51 7.34 9.38
N GLU A 9 -5.56 6.08 9.82
CA GLU A 9 -4.39 5.40 10.35
C GLU A 9 -3.38 5.11 9.25
N PRO A 10 -2.10 5.03 9.62
CA PRO A 10 -1.02 4.76 8.67
C PRO A 10 -1.04 3.32 8.16
N VAL A 11 -0.78 3.15 6.87
CA VAL A 11 -0.78 1.83 6.25
C VAL A 11 0.11 0.86 7.03
N GLU A 12 1.20 1.38 7.59
CA GLU A 12 2.13 0.56 8.36
C GLU A 12 1.40 -0.16 9.49
N THR A 13 0.25 0.38 9.88
CA THR A 13 -0.54 -0.19 10.96
C THR A 13 -1.73 -0.98 10.42
N TRP A 14 -2.15 -0.64 9.21
CA TRP A 14 -3.27 -1.32 8.57
C TRP A 14 -3.15 -2.83 8.71
N THR A 15 -4.27 -3.52 8.54
CA THR A 15 -4.29 -4.98 8.65
C THR A 15 -4.12 -5.64 7.29
N PRO A 16 -3.70 -6.91 7.29
CA PRO A 16 -3.50 -7.68 6.06
C PRO A 16 -4.81 -8.00 5.35
N GLY A 17 -5.91 -7.50 5.89
CA GLY A 17 -7.20 -7.75 5.29
C GLY A 17 -7.73 -6.55 4.54
N LYS A 18 -7.23 -5.37 4.87
CA LYS A 18 -7.65 -4.15 4.21
C LYS A 18 -6.81 -3.87 2.97
N VAL A 19 -5.53 -4.22 3.04
CA VAL A 19 -4.63 -4.01 1.92
C VAL A 19 -5.24 -4.50 0.61
N ALA A 20 -5.94 -5.63 0.68
CA ALA A 20 -6.58 -6.20 -0.50
C ALA A 20 -7.55 -5.19 -1.14
N THR A 21 -8.14 -4.35 -0.30
CA THR A 21 -9.08 -3.34 -0.77
C THR A 21 -8.37 -2.16 -1.41
N TRP A 22 -7.12 -1.95 -1.01
CA TRP A 22 -6.31 -0.85 -1.54
C TRP A 22 -5.56 -1.29 -2.79
N LEU A 23 -5.41 -2.59 -2.97
CA LEU A 23 -4.71 -3.14 -4.13
C LEU A 23 -5.65 -3.27 -5.31
N ARG A 24 -6.89 -3.67 -5.05
CA ARG A 24 -7.89 -3.83 -6.09
C ARG A 24 -8.28 -2.48 -6.69
N GLY A 25 -8.09 -1.43 -5.92
CA GLY A 25 -8.43 -0.09 -6.38
C GLY A 25 -7.31 0.53 -7.20
N LEU A 26 -6.09 0.14 -6.93
CA LEU A 26 -4.93 0.66 -7.65
C LEU A 26 -5.17 0.63 -9.16
N ASP A 27 -5.62 -0.53 -9.65
CA ASP A 27 -5.88 -0.70 -11.08
C ASP A 27 -6.56 -2.04 -11.34
N ASP A 28 -7.13 -2.18 -12.53
CA ASP A 28 -7.80 -3.42 -12.91
C ASP A 28 -6.79 -4.48 -13.33
N SER A 29 -5.69 -4.05 -13.92
CA SER A 29 -4.65 -4.97 -14.37
C SER A 29 -4.13 -5.81 -13.21
N LEU A 30 -4.38 -5.34 -11.99
CA LEU A 30 -3.94 -6.05 -10.79
C LEU A 30 -5.12 -6.67 -10.06
N GLN A 31 -6.31 -6.18 -10.35
CA GLN A 31 -7.52 -6.70 -9.73
C GLN A 31 -7.61 -8.22 -9.87
N ASP A 32 -6.87 -8.75 -10.83
CA ASP A 32 -6.87 -10.20 -11.08
C ASP A 32 -6.09 -10.93 -10.00
N TYR A 33 -4.91 -10.41 -9.68
CA TYR A 33 -4.06 -11.01 -8.65
C TYR A 33 -4.86 -11.29 -7.38
N PRO A 34 -4.68 -12.51 -6.82
CA PRO A 34 -5.38 -12.92 -5.60
C PRO A 34 -4.87 -12.17 -4.37
N PHE A 35 -5.35 -10.95 -4.19
CA PHE A 35 -4.95 -10.12 -3.05
C PHE A 35 -5.43 -10.74 -1.74
N GLU A 36 -6.69 -11.18 -1.73
CA GLU A 36 -7.28 -11.78 -0.53
C GLU A 36 -6.47 -13.01 -0.10
N ASP A 37 -5.62 -13.50 -0.99
CA ASP A 37 -4.80 -14.67 -0.70
C ASP A 37 -3.41 -14.25 -0.24
N TRP A 38 -3.02 -13.03 -0.60
CA TRP A 38 -1.71 -12.51 -0.21
C TRP A 38 -1.57 -12.44 1.31
N GLN A 39 -2.64 -11.98 1.96
CA GLN A 39 -2.64 -11.87 3.42
C GLN A 39 -1.43 -11.08 3.90
N LEU A 40 -1.06 -10.06 3.14
CA LEU A 40 0.09 -9.21 3.49
C LEU A 40 -0.34 -8.05 4.37
N PRO A 41 0.22 -7.98 5.58
CA PRO A 41 -0.09 -6.92 6.55
C PRO A 41 0.47 -5.57 6.12
N GLY A 42 -0.27 -4.50 6.40
CA GLY A 42 0.17 -3.17 6.04
C GLY A 42 1.65 -2.95 6.33
N LYS A 43 2.02 -3.09 7.60
CA LYS A 43 3.41 -2.90 8.00
C LYS A 43 4.36 -3.44 6.95
N ASN A 44 3.99 -4.55 6.32
CA ASN A 44 4.82 -5.17 5.30
C ASN A 44 4.61 -4.48 3.95
N LEU A 45 3.38 -4.06 3.68
CA LEU A 45 3.05 -3.39 2.43
C LEU A 45 4.06 -2.28 2.14
N LEU A 46 4.50 -1.61 3.19
CA LEU A 46 5.47 -0.52 3.04
C LEU A 46 6.89 -1.05 3.06
N GLN A 47 7.06 -2.29 3.51
CA GLN A 47 8.37 -2.92 3.58
C GLN A 47 8.59 -3.87 2.41
N LEU A 48 7.57 -3.99 1.56
CA LEU A 48 7.65 -4.86 0.39
C LEU A 48 8.82 -4.46 -0.51
N CYS A 49 9.02 -5.24 -1.57
CA CYS A 49 10.10 -4.97 -2.51
C CYS A 49 9.93 -5.76 -3.80
N PRO A 50 10.60 -5.32 -4.87
CA PRO A 50 10.52 -5.97 -6.19
C PRO A 50 11.20 -7.33 -6.20
N GLN A 51 11.99 -7.60 -5.15
CA GLN A 51 12.70 -8.87 -5.04
C GLN A 51 11.82 -9.93 -4.38
N SER A 52 10.90 -9.48 -3.54
CA SER A 52 10.00 -10.38 -2.84
C SER A 52 8.70 -10.58 -3.63
N LEU A 53 8.19 -9.49 -4.19
CA LEU A 53 6.96 -9.55 -4.98
C LEU A 53 6.97 -10.74 -5.92
N GLU A 54 8.12 -11.01 -6.51
CA GLU A 54 8.26 -12.13 -7.44
C GLU A 54 7.73 -13.42 -6.84
N ALA A 55 7.94 -13.59 -5.53
CA ALA A 55 7.48 -14.77 -4.83
C ALA A 55 5.96 -14.90 -4.90
N LEU A 56 5.29 -13.76 -4.94
CA LEU A 56 3.83 -13.74 -5.01
C LEU A 56 3.35 -13.78 -6.46
N ALA A 57 4.16 -14.38 -7.32
CA ALA A 57 3.81 -14.50 -8.74
C ALA A 57 3.78 -13.13 -9.41
N VAL A 58 4.59 -12.22 -8.90
CA VAL A 58 4.66 -10.87 -9.45
C VAL A 58 6.07 -10.53 -9.92
N ARG A 59 6.39 -10.92 -11.15
CA ARG A 59 7.70 -10.67 -11.71
C ARG A 59 7.64 -9.56 -12.76
N SER A 60 6.54 -9.51 -13.50
CA SER A 60 6.36 -8.51 -14.54
C SER A 60 6.60 -7.11 -13.99
N LEU A 61 7.59 -6.42 -14.55
CA LEU A 61 7.94 -5.08 -14.12
C LEU A 61 6.71 -4.17 -14.15
N GLY A 62 6.05 -4.11 -15.30
CA GLY A 62 4.88 -3.28 -15.45
C GLY A 62 3.98 -3.34 -14.22
N HIS A 63 3.60 -4.55 -13.82
CA HIS A 63 2.75 -4.74 -12.65
C HIS A 63 3.39 -4.15 -11.40
N GLN A 64 4.66 -4.47 -11.19
CA GLN A 64 5.39 -3.97 -10.03
C GLN A 64 5.33 -2.46 -9.95
N GLU A 65 5.50 -1.80 -11.10
CA GLU A 65 5.46 -0.35 -11.16
C GLU A 65 4.10 0.18 -10.72
N LEU A 66 3.05 -0.50 -11.13
CA LEU A 66 1.69 -0.11 -10.78
C LEU A 66 1.50 -0.06 -9.27
N ILE A 67 1.83 -1.16 -8.60
CA ILE A 67 1.71 -1.23 -7.15
C ILE A 67 2.76 -0.36 -6.46
N LEU A 68 4.03 -0.62 -6.77
CA LEU A 68 5.13 0.14 -6.19
C LEU A 68 4.88 1.65 -6.33
N GLY A 69 4.28 2.04 -7.44
CA GLY A 69 4.00 3.45 -7.67
C GLY A 69 3.10 4.05 -6.60
N GLY A 70 2.25 3.21 -6.03
CA GLY A 70 1.34 3.68 -5.00
C GLY A 70 1.95 3.61 -3.61
N VAL A 71 2.70 2.54 -3.35
CA VAL A 71 3.35 2.36 -2.06
C VAL A 71 4.29 3.51 -1.74
N GLU A 72 5.05 3.94 -2.75
CA GLU A 72 5.99 5.04 -2.58
C GLU A 72 5.29 6.29 -2.07
N GLN A 73 4.02 6.44 -2.44
CA GLN A 73 3.24 7.59 -2.03
C GLN A 73 2.73 7.42 -0.59
N LEU A 74 2.33 6.21 -0.26
CA LEU A 74 1.84 5.91 1.09
C LEU A 74 2.92 6.16 2.14
N GLN A 75 4.07 5.55 1.95
CA GLN A 75 5.18 5.71 2.88
C GLN A 75 5.23 7.13 3.43
N ALA A 76 4.81 8.09 2.61
CA ALA A 76 4.80 9.49 3.02
C ALA A 76 3.68 9.76 4.02
N LEU A 77 2.44 9.71 3.54
CA LEU A 77 1.28 9.95 4.38
C LEU A 77 1.28 9.00 5.58
N SER A 78 2.04 7.93 5.47
CA SER A 78 2.12 6.93 6.54
C SER A 78 3.32 7.19 7.44
N SER A 79 4.29 7.94 6.92
CA SER A 79 5.49 8.27 7.68
C SER A 79 5.40 9.66 8.29
N ARG A 80 5.40 10.67 7.42
CA ARG A 80 5.31 12.06 7.86
C ARG A 80 6.50 12.43 8.74
N LEU A 81 7.69 12.04 8.30
CA LEU A 81 8.92 12.31 9.05
C LEU A 81 10.10 12.48 8.10
N GLN A 82 10.71 13.66 8.12
CA GLN A 82 11.86 13.93 7.27
C GLN A 82 11.49 13.82 5.80
N THR A 83 10.30 14.30 5.45
CA THR A 83 9.83 14.25 4.08
C THR A 83 10.32 15.45 3.27
N GLU A 84 10.98 15.17 2.15
CA GLU A 84 11.50 16.22 1.29
C GLU A 84 11.23 15.92 -0.18
N ASN A 85 10.57 16.84 -0.86
CA ASN A 85 10.25 16.67 -2.27
C ASN A 85 11.49 16.85 -3.14
N SER A 86 11.98 15.75 -3.71
CA SER A 86 13.16 15.79 -4.57
C SER A 86 12.92 16.67 -5.80
N GLY A 87 13.88 17.54 -6.10
CA GLY A 87 13.75 18.41 -7.24
C GLY A 87 13.76 19.88 -6.86
N PRO A 88 14.96 20.46 -6.76
CA PRO A 88 15.13 21.87 -6.39
C PRO A 88 14.65 22.82 -7.49
N SER A 89 14.79 22.39 -8.74
CA SER A 89 14.38 23.20 -9.87
C SER A 89 13.00 22.76 -10.38
N SER A 90 12.01 23.62 -10.19
CA SER A 90 10.65 23.32 -10.62
C SER A 90 10.58 23.22 -12.14
N GLY A 91 10.41 21.99 -12.64
CA GLY A 91 10.34 21.77 -14.07
C GLY A 91 11.65 22.02 -14.77
N GLY A 1 -11.63 6.88 27.91
CA GLY A 1 -12.21 8.12 28.40
C GLY A 1 -12.96 8.87 27.31
N SER A 2 -12.94 10.20 27.38
CA SER A 2 -13.63 11.03 26.41
C SER A 2 -12.64 11.95 25.70
N SER A 3 -12.10 11.49 24.58
CA SER A 3 -11.15 12.27 23.80
C SER A 3 -11.16 11.86 22.34
N GLY A 4 -10.53 12.66 21.50
CA GLY A 4 -10.48 12.37 20.07
C GLY A 4 -9.07 12.34 19.54
N SER A 5 -8.60 13.46 19.00
CA SER A 5 -7.26 13.55 18.44
C SER A 5 -6.90 12.27 17.68
N SER A 6 -7.85 11.79 16.88
CA SER A 6 -7.64 10.58 16.10
C SER A 6 -7.44 10.91 14.62
N GLY A 7 -6.28 10.53 14.10
CA GLY A 7 -5.98 10.80 12.70
C GLY A 7 -5.91 9.52 11.87
N MET A 8 -5.50 9.66 10.62
CA MET A 8 -5.39 8.52 9.72
C MET A 8 -4.39 7.51 10.25
N GLU A 9 -4.67 6.22 10.06
CA GLU A 9 -3.80 5.16 10.52
C GLU A 9 -2.68 4.90 9.51
N PRO A 10 -1.49 4.57 10.02
CA PRO A 10 -0.32 4.28 9.19
C PRO A 10 -0.45 2.97 8.42
N VAL A 11 -0.23 3.02 7.11
CA VAL A 11 -0.33 1.83 6.28
C VAL A 11 0.69 0.77 6.70
N GLU A 12 1.62 1.17 7.56
CA GLU A 12 2.64 0.26 8.05
C GLU A 12 2.07 -0.68 9.11
N THR A 13 0.95 -0.29 9.70
CA THR A 13 0.32 -1.08 10.74
C THR A 13 -0.95 -1.77 10.21
N TRP A 14 -1.46 -1.25 9.09
CA TRP A 14 -2.66 -1.82 8.48
C TRP A 14 -2.61 -3.35 8.50
N THR A 15 -3.79 -3.96 8.55
CA THR A 15 -3.89 -5.41 8.57
C THR A 15 -3.71 -5.99 7.17
N PRO A 16 -3.27 -7.26 7.11
CA PRO A 16 -3.05 -7.96 5.85
C PRO A 16 -4.34 -8.28 5.12
N GLY A 17 -5.46 -7.80 5.67
CA GLY A 17 -6.75 -8.03 5.04
C GLY A 17 -7.32 -6.77 4.42
N LYS A 18 -6.73 -5.63 4.72
CA LYS A 18 -7.18 -4.35 4.17
C LYS A 18 -6.42 -4.00 2.90
N VAL A 19 -5.13 -4.30 2.89
CA VAL A 19 -4.29 -4.02 1.73
C VAL A 19 -4.93 -4.54 0.44
N ALA A 20 -5.58 -5.70 0.53
CA ALA A 20 -6.24 -6.29 -0.62
C ALA A 20 -7.31 -5.37 -1.18
N THR A 21 -7.87 -4.53 -0.31
CA THR A 21 -8.91 -3.58 -0.72
C THR A 21 -8.30 -2.35 -1.37
N TRP A 22 -7.11 -1.99 -0.94
CA TRP A 22 -6.43 -0.82 -1.50
C TRP A 22 -5.65 -1.19 -2.76
N LEU A 23 -5.47 -2.49 -2.99
CA LEU A 23 -4.75 -2.97 -4.16
C LEU A 23 -5.70 -3.16 -5.34
N ARG A 24 -6.92 -3.58 -5.05
CA ARG A 24 -7.92 -3.79 -6.09
C ARG A 24 -8.40 -2.45 -6.67
N GLY A 25 -8.22 -1.38 -5.90
CA GLY A 25 -8.62 -0.06 -6.36
C GLY A 25 -7.55 0.63 -7.17
N LEU A 26 -6.29 0.32 -6.86
CA LEU A 26 -5.16 0.92 -7.57
C LEU A 26 -5.41 0.92 -9.08
N ASP A 27 -5.57 -0.27 -9.65
CA ASP A 27 -5.81 -0.40 -11.08
C ASP A 27 -6.38 -1.78 -11.41
N ASP A 28 -7.31 -1.81 -12.36
CA ASP A 28 -7.94 -3.07 -12.77
C ASP A 28 -6.89 -4.06 -13.25
N SER A 29 -5.83 -3.55 -13.87
CA SER A 29 -4.77 -4.40 -14.39
C SER A 29 -4.14 -5.22 -13.27
N LEU A 30 -4.47 -4.88 -12.04
CA LEU A 30 -3.94 -5.59 -10.87
C LEU A 30 -5.05 -6.35 -10.15
N GLN A 31 -6.28 -5.87 -10.28
CA GLN A 31 -7.42 -6.51 -9.65
C GLN A 31 -7.40 -8.02 -9.89
N ASP A 32 -6.67 -8.44 -10.92
CA ASP A 32 -6.57 -9.85 -11.25
C ASP A 32 -5.84 -10.62 -10.16
N TYR A 33 -4.67 -10.13 -9.77
CA TYR A 33 -3.87 -10.78 -8.73
C TYR A 33 -4.70 -11.01 -7.47
N PRO A 34 -4.67 -12.25 -6.97
CA PRO A 34 -5.42 -12.63 -5.76
C PRO A 34 -4.83 -12.00 -4.50
N PHE A 35 -5.17 -10.73 -4.26
CA PHE A 35 -4.68 -10.02 -3.09
C PHE A 35 -5.20 -10.66 -1.80
N GLU A 36 -6.45 -11.09 -1.83
CA GLU A 36 -7.06 -11.73 -0.66
C GLU A 36 -6.25 -12.93 -0.22
N ASP A 37 -5.40 -13.42 -1.09
CA ASP A 37 -4.55 -14.58 -0.79
C ASP A 37 -3.16 -14.13 -0.34
N TRP A 38 -2.69 -13.02 -0.90
CA TRP A 38 -1.38 -12.50 -0.56
C TRP A 38 -1.19 -12.43 0.95
N GLN A 39 -2.29 -12.25 1.68
CA GLN A 39 -2.23 -12.17 3.13
C GLN A 39 -1.00 -11.38 3.59
N LEU A 40 -0.68 -10.33 2.87
CA LEU A 40 0.48 -9.49 3.20
C LEU A 40 0.07 -8.33 4.09
N PRO A 41 0.65 -8.27 5.29
CA PRO A 41 0.36 -7.22 6.27
C PRO A 41 0.91 -5.86 5.84
N GLY A 42 0.28 -4.80 6.32
CA GLY A 42 0.73 -3.46 5.97
C GLY A 42 2.21 -3.24 6.22
N LYS A 43 2.64 -3.51 7.45
CA LYS A 43 4.04 -3.34 7.81
C LYS A 43 4.96 -3.84 6.69
N ASN A 44 4.52 -4.88 5.99
CA ASN A 44 5.30 -5.44 4.89
C ASN A 44 5.06 -4.67 3.60
N LEU A 45 3.85 -4.15 3.45
CA LEU A 45 3.49 -3.38 2.25
C LEU A 45 4.51 -2.28 1.99
N LEU A 46 4.61 -1.33 2.91
CA LEU A 46 5.55 -0.23 2.78
C LEU A 46 6.98 -0.74 2.73
N GLN A 47 7.17 -1.98 3.15
CA GLN A 47 8.50 -2.59 3.16
C GLN A 47 8.63 -3.64 2.07
N LEU A 48 7.72 -3.60 1.10
CA LEU A 48 7.72 -4.55 0.00
C LEU A 48 8.93 -4.33 -0.91
N CYS A 49 9.26 -5.33 -1.71
CA CYS A 49 10.39 -5.24 -2.63
C CYS A 49 10.04 -5.87 -3.97
N PRO A 50 10.80 -5.49 -5.01
CA PRO A 50 10.59 -5.99 -6.37
C PRO A 50 10.98 -7.46 -6.51
N GLN A 51 11.83 -7.92 -5.60
CA GLN A 51 12.27 -9.32 -5.63
C GLN A 51 11.34 -10.20 -4.80
N SER A 52 10.77 -9.64 -3.75
CA SER A 52 9.86 -10.37 -2.88
C SER A 52 8.52 -10.62 -3.58
N LEU A 53 8.03 -9.59 -4.26
CA LEU A 53 6.75 -9.69 -4.97
C LEU A 53 6.74 -10.92 -5.88
N GLU A 54 7.89 -11.24 -6.46
CA GLU A 54 8.00 -12.38 -7.35
C GLU A 54 7.41 -13.64 -6.71
N ALA A 55 7.62 -13.77 -5.40
CA ALA A 55 7.11 -14.92 -4.67
C ALA A 55 5.59 -15.00 -4.76
N LEU A 56 4.94 -13.84 -4.83
CA LEU A 56 3.49 -13.78 -4.92
C LEU A 56 3.03 -13.92 -6.37
N ALA A 57 3.83 -14.60 -7.18
CA ALA A 57 3.50 -14.81 -8.58
C ALA A 57 3.43 -13.49 -9.34
N VAL A 58 4.29 -12.55 -8.96
CA VAL A 58 4.31 -11.24 -9.60
C VAL A 58 5.69 -10.93 -10.15
N ARG A 59 6.08 -11.64 -11.22
CA ARG A 59 7.37 -11.43 -11.84
C ARG A 59 7.34 -10.25 -12.80
N SER A 60 6.30 -10.19 -13.63
CA SER A 60 6.15 -9.12 -14.59
C SER A 60 6.30 -7.76 -13.92
N LEU A 61 7.50 -7.19 -14.04
CA LEU A 61 7.79 -5.89 -13.44
C LEU A 61 6.71 -4.87 -13.83
N GLY A 62 6.30 -4.90 -15.09
CA GLY A 62 5.27 -3.98 -15.56
C GLY A 62 4.10 -3.87 -14.60
N HIS A 63 3.87 -4.94 -13.83
CA HIS A 63 2.77 -4.97 -12.87
C HIS A 63 3.25 -4.55 -11.48
N GLN A 64 4.55 -4.68 -11.25
CA GLN A 64 5.14 -4.33 -9.96
C GLN A 64 5.21 -2.81 -9.80
N GLU A 65 5.47 -2.11 -10.91
CA GLU A 65 5.57 -0.66 -10.88
C GLU A 65 4.24 -0.03 -10.50
N LEU A 66 3.16 -0.50 -11.12
CA LEU A 66 1.82 0.01 -10.85
C LEU A 66 1.55 0.07 -9.35
N ILE A 67 1.95 -0.99 -8.64
CA ILE A 67 1.76 -1.07 -7.20
C ILE A 67 2.85 -0.31 -6.46
N LEU A 68 4.07 -0.84 -6.49
CA LEU A 68 5.19 -0.21 -5.82
C LEU A 68 5.10 1.31 -5.91
N GLY A 69 4.70 1.80 -7.08
CA GLY A 69 4.57 3.24 -7.28
C GLY A 69 3.58 3.87 -6.32
N GLY A 70 2.37 3.34 -6.29
CA GLY A 70 1.35 3.87 -5.40
C GLY A 70 1.76 3.84 -3.95
N VAL A 71 2.47 2.79 -3.56
CA VAL A 71 2.94 2.64 -2.19
C VAL A 71 3.85 3.79 -1.79
N GLU A 72 4.79 4.13 -2.66
CA GLU A 72 5.73 5.21 -2.39
C GLU A 72 4.99 6.46 -1.89
N GLN A 73 3.79 6.68 -2.42
CA GLN A 73 2.98 7.84 -2.03
C GLN A 73 2.45 7.66 -0.61
N LEU A 74 2.03 6.44 -0.29
CA LEU A 74 1.48 6.14 1.03
C LEU A 74 2.54 6.38 2.11
N GLN A 75 3.70 5.74 1.97
CA GLN A 75 4.77 5.90 2.93
C GLN A 75 4.84 7.32 3.46
N ALA A 76 4.45 8.28 2.62
CA ALA A 76 4.46 9.69 3.00
C ALA A 76 3.38 9.99 4.03
N LEU A 77 2.13 9.93 3.60
CA LEU A 77 1.01 10.20 4.50
C LEU A 77 1.08 9.30 5.73
N SER A 78 1.60 8.10 5.56
CA SER A 78 1.72 7.15 6.66
C SER A 78 2.66 7.69 7.74
N SER A 79 3.78 8.25 7.31
CA SER A 79 4.77 8.80 8.24
C SER A 79 4.33 10.17 8.76
N ARG A 80 3.96 11.05 7.83
CA ARG A 80 3.52 12.40 8.19
C ARG A 80 2.14 12.35 8.85
N LEU A 81 2.11 12.10 10.14
CA LEU A 81 0.86 12.03 10.89
C LEU A 81 0.35 13.43 11.22
N GLN A 82 -0.88 13.73 10.82
CA GLN A 82 -1.48 15.02 11.07
C GLN A 82 -2.99 15.00 10.83
N THR A 83 -3.68 16.03 11.29
CA THR A 83 -5.12 16.12 11.11
C THR A 83 -5.53 17.49 10.58
N GLU A 84 -6.48 17.49 9.66
CA GLU A 84 -6.97 18.75 9.07
C GLU A 84 -8.33 19.12 9.64
N ASN A 85 -9.26 18.17 9.61
CA ASN A 85 -10.61 18.41 10.12
C ASN A 85 -11.16 17.15 10.78
N SER A 86 -11.51 17.26 12.06
CA SER A 86 -12.05 16.14 12.82
C SER A 86 -13.21 15.50 12.07
N GLY A 87 -13.09 14.20 11.80
CA GLY A 87 -14.13 13.48 11.10
C GLY A 87 -13.59 12.50 10.08
N PRO A 88 -14.20 11.30 10.03
CA PRO A 88 -13.79 10.25 9.09
C PRO A 88 -14.09 10.60 7.64
N SER A 89 -13.15 10.32 6.76
CA SER A 89 -13.31 10.60 5.34
C SER A 89 -12.80 9.44 4.49
N SER A 90 -13.30 9.35 3.26
CA SER A 90 -12.90 8.29 2.35
C SER A 90 -11.53 8.58 1.75
N GLY A 91 -10.51 7.90 2.27
CA GLY A 91 -9.16 8.11 1.77
C GLY A 91 -8.23 6.98 2.15
N GLY A 1 -20.14 12.64 6.24
CA GLY A 1 -18.94 12.40 7.00
C GLY A 1 -18.04 13.62 7.07
N SER A 2 -16.72 13.39 7.06
CA SER A 2 -15.76 14.48 7.12
C SER A 2 -16.18 15.52 8.16
N SER A 3 -16.60 15.04 9.32
CA SER A 3 -17.04 15.93 10.40
C SER A 3 -15.99 15.97 11.51
N GLY A 4 -15.56 17.17 11.87
CA GLY A 4 -14.58 17.34 12.92
C GLY A 4 -13.29 16.59 12.61
N SER A 5 -12.65 16.08 13.66
CA SER A 5 -11.39 15.36 13.50
C SER A 5 -11.53 14.24 12.47
N SER A 6 -10.58 14.15 11.55
CA SER A 6 -10.61 13.13 10.51
C SER A 6 -9.19 12.77 10.08
N GLY A 7 -8.91 11.46 10.04
CA GLY A 7 -7.60 11.00 9.65
C GLY A 7 -7.63 9.57 9.11
N MET A 8 -6.52 8.86 9.27
CA MET A 8 -6.42 7.48 8.81
C MET A 8 -5.20 6.79 9.41
N GLU A 9 -5.38 5.53 9.80
CA GLU A 9 -4.30 4.75 10.40
C GLU A 9 -3.16 4.55 9.40
N PRO A 10 -1.94 4.37 9.93
CA PRO A 10 -0.75 4.17 9.11
C PRO A 10 -0.75 2.81 8.41
N VAL A 11 -0.57 2.82 7.10
CA VAL A 11 -0.55 1.59 6.32
C VAL A 11 0.47 0.60 6.87
N GLU A 12 1.50 1.13 7.51
CA GLU A 12 2.54 0.29 8.10
C GLU A 12 1.96 -0.65 9.15
N THR A 13 0.77 -0.32 9.63
CA THR A 13 0.10 -1.13 10.64
C THR A 13 -1.11 -1.85 10.06
N TRP A 14 -1.67 -1.29 8.99
CA TRP A 14 -2.83 -1.88 8.34
C TRP A 14 -2.74 -3.41 8.34
N THR A 15 -3.88 -4.06 8.51
CA THR A 15 -3.93 -5.53 8.54
C THR A 15 -3.69 -6.11 7.15
N PRO A 16 -3.21 -7.36 7.11
CA PRO A 16 -2.94 -8.05 5.85
C PRO A 16 -4.21 -8.41 5.08
N GLY A 17 -5.35 -7.97 5.61
CA GLY A 17 -6.62 -8.25 4.98
C GLY A 17 -7.24 -7.01 4.35
N LYS A 18 -6.66 -5.86 4.66
CA LYS A 18 -7.16 -4.59 4.12
C LYS A 18 -6.42 -4.20 2.86
N VAL A 19 -5.10 -4.41 2.86
CA VAL A 19 -4.28 -4.08 1.71
C VAL A 19 -4.95 -4.48 0.41
N ALA A 20 -5.55 -5.66 0.41
CA ALA A 20 -6.24 -6.17 -0.78
C ALA A 20 -7.12 -5.09 -1.41
N THR A 21 -7.79 -4.31 -0.57
CA THR A 21 -8.65 -3.24 -1.05
C THR A 21 -7.84 -2.13 -1.70
N TRP A 22 -6.70 -1.79 -1.11
CA TRP A 22 -5.84 -0.75 -1.64
C TRP A 22 -5.07 -1.25 -2.86
N LEU A 23 -4.92 -2.57 -2.96
CA LEU A 23 -4.21 -3.17 -4.08
C LEU A 23 -5.12 -3.33 -5.29
N ARG A 24 -6.32 -3.86 -5.06
CA ARG A 24 -7.29 -4.05 -6.13
C ARG A 24 -7.73 -2.72 -6.72
N GLY A 25 -7.70 -1.68 -5.90
CA GLY A 25 -8.10 -0.36 -6.36
C GLY A 25 -7.05 0.30 -7.23
N LEU A 26 -5.78 0.06 -6.89
CA LEU A 26 -4.67 0.63 -7.64
C LEU A 26 -4.97 0.62 -9.14
N ASP A 27 -5.11 -0.56 -9.71
CA ASP A 27 -5.40 -0.71 -11.13
C ASP A 27 -6.35 -1.88 -11.37
N ASP A 28 -7.03 -1.85 -12.51
CA ASP A 28 -7.98 -2.90 -12.86
C ASP A 28 -7.26 -4.11 -13.44
N SER A 29 -6.00 -3.90 -13.84
CA SER A 29 -5.19 -4.98 -14.42
C SER A 29 -4.59 -5.86 -13.33
N LEU A 30 -4.31 -5.25 -12.18
CA LEU A 30 -3.73 -5.98 -11.06
C LEU A 30 -4.80 -6.70 -10.26
N GLN A 31 -6.03 -6.21 -10.35
CA GLN A 31 -7.15 -6.81 -9.65
C GLN A 31 -7.24 -8.30 -9.92
N ASP A 32 -6.66 -8.73 -11.03
CA ASP A 32 -6.65 -10.13 -11.42
C ASP A 32 -5.92 -10.98 -10.39
N TYR A 33 -4.82 -10.43 -9.86
CA TYR A 33 -4.01 -11.14 -8.87
C TYR A 33 -4.82 -11.39 -7.60
N PRO A 34 -4.63 -12.58 -7.01
CA PRO A 34 -5.33 -12.97 -5.78
C PRO A 34 -4.85 -12.17 -4.57
N PHE A 35 -5.35 -10.96 -4.42
CA PHE A 35 -4.98 -10.10 -3.30
C PHE A 35 -5.57 -10.61 -2.00
N GLU A 36 -6.55 -11.51 -2.11
CA GLU A 36 -7.21 -12.08 -0.95
C GLU A 36 -6.43 -13.28 -0.42
N ASP A 37 -5.50 -13.78 -1.22
CA ASP A 37 -4.69 -14.93 -0.84
C ASP A 37 -3.21 -14.57 -0.81
N TRP A 38 -2.93 -13.29 -0.59
CA TRP A 38 -1.56 -12.80 -0.54
C TRP A 38 -1.02 -12.86 0.88
N GLN A 39 -1.90 -12.64 1.85
CA GLN A 39 -1.51 -12.67 3.26
C GLN A 39 -0.34 -11.73 3.51
N LEU A 40 -0.44 -10.50 3.02
CA LEU A 40 0.62 -9.51 3.19
C LEU A 40 0.14 -8.36 4.07
N PRO A 41 0.70 -8.26 5.28
CA PRO A 41 0.35 -7.21 6.24
C PRO A 41 0.84 -5.84 5.81
N GLY A 42 0.13 -4.80 6.21
CA GLY A 42 0.52 -3.44 5.85
C GLY A 42 1.99 -3.17 6.09
N LYS A 43 2.44 -3.41 7.31
CA LYS A 43 3.84 -3.19 7.67
C LYS A 43 4.76 -3.58 6.52
N ASN A 44 4.46 -4.70 5.88
CA ASN A 44 5.25 -5.19 4.75
C ASN A 44 4.94 -4.39 3.48
N LEU A 45 3.68 -4.04 3.31
CA LEU A 45 3.24 -3.28 2.14
C LEU A 45 4.18 -2.11 1.88
N LEU A 46 4.46 -1.33 2.91
CA LEU A 46 5.34 -0.18 2.79
C LEU A 46 6.80 -0.62 2.67
N GLN A 47 7.12 -1.77 3.26
CA GLN A 47 8.47 -2.31 3.23
C GLN A 47 8.59 -3.39 2.16
N LEU A 48 7.71 -3.35 1.18
CA LEU A 48 7.73 -4.33 0.10
C LEU A 48 8.96 -4.16 -0.79
N CYS A 49 9.05 -4.97 -1.82
CA CYS A 49 10.18 -4.91 -2.75
C CYS A 49 9.85 -5.61 -4.06
N PRO A 50 10.62 -5.28 -5.11
CA PRO A 50 10.43 -5.86 -6.44
C PRO A 50 10.81 -7.33 -6.50
N GLN A 51 11.64 -7.76 -5.55
CA GLN A 51 12.08 -9.15 -5.48
C GLN A 51 11.13 -9.99 -4.63
N SER A 52 10.67 -9.41 -3.53
CA SER A 52 9.75 -10.09 -2.62
C SER A 52 8.39 -10.30 -3.28
N LEU A 53 7.94 -9.28 -4.01
CA LEU A 53 6.65 -9.35 -4.68
C LEU A 53 6.55 -10.60 -5.55
N GLU A 54 7.66 -10.97 -6.18
CA GLU A 54 7.69 -12.14 -7.04
C GLU A 54 7.15 -13.37 -6.31
N ALA A 55 7.40 -13.43 -5.01
CA ALA A 55 6.93 -14.54 -4.20
C ALA A 55 5.41 -14.65 -4.24
N LEU A 56 4.74 -13.52 -4.39
CA LEU A 56 3.28 -13.49 -4.45
C LEU A 56 2.79 -13.75 -5.87
N ALA A 57 3.65 -14.34 -6.69
CA ALA A 57 3.30 -14.62 -8.08
C ALA A 57 3.16 -13.35 -8.89
N VAL A 58 3.85 -12.29 -8.45
CA VAL A 58 3.79 -11.00 -9.15
C VAL A 58 5.11 -10.69 -9.83
N ARG A 59 5.66 -11.67 -10.54
CA ARG A 59 6.92 -11.51 -11.24
C ARG A 59 6.83 -10.38 -12.27
N SER A 60 5.64 -10.21 -12.83
CA SER A 60 5.41 -9.17 -13.83
C SER A 60 5.95 -7.82 -13.35
N LEU A 61 7.04 -7.37 -13.94
CA LEU A 61 7.65 -6.09 -13.57
C LEU A 61 6.66 -4.95 -13.77
N GLY A 62 5.95 -4.98 -14.88
CA GLY A 62 4.98 -3.94 -15.17
C GLY A 62 3.98 -3.76 -14.05
N HIS A 63 3.36 -4.85 -13.62
CA HIS A 63 2.37 -4.80 -12.56
C HIS A 63 2.98 -4.22 -11.28
N GLN A 64 4.23 -4.58 -11.01
CA GLN A 64 4.93 -4.09 -9.82
C GLN A 64 5.01 -2.57 -9.82
N GLU A 65 5.18 -2.00 -11.02
CA GLU A 65 5.28 -0.55 -11.15
C GLU A 65 3.94 0.12 -10.88
N LEU A 66 2.85 -0.59 -11.20
CA LEU A 66 1.51 -0.07 -11.00
C LEU A 66 1.18 0.02 -9.50
N ILE A 67 1.78 -0.86 -8.72
CA ILE A 67 1.55 -0.88 -7.28
C ILE A 67 2.57 0.00 -6.55
N LEU A 68 3.85 -0.31 -6.74
CA LEU A 68 4.92 0.45 -6.10
C LEU A 68 4.68 1.95 -6.27
N GLY A 69 4.24 2.35 -7.45
CA GLY A 69 3.98 3.76 -7.71
C GLY A 69 3.04 4.37 -6.71
N GLY A 70 2.13 3.57 -6.18
CA GLY A 70 1.18 4.05 -5.20
C GLY A 70 1.68 3.88 -3.78
N VAL A 71 2.59 2.93 -3.58
CA VAL A 71 3.14 2.67 -2.26
C VAL A 71 4.04 3.81 -1.80
N GLU A 72 4.96 4.21 -2.67
CA GLU A 72 5.89 5.29 -2.37
C GLU A 72 5.15 6.51 -1.82
N GLN A 73 3.91 6.68 -2.25
CA GLN A 73 3.09 7.80 -1.81
C GLN A 73 2.56 7.57 -0.40
N LEU A 74 2.34 6.31 -0.06
CA LEU A 74 1.83 5.96 1.27
C LEU A 74 2.90 6.19 2.33
N GLN A 75 4.07 5.60 2.12
CA GLN A 75 5.17 5.74 3.07
C GLN A 75 5.27 7.17 3.59
N ALA A 76 4.76 8.12 2.81
CA ALA A 76 4.78 9.52 3.19
C ALA A 76 3.71 9.82 4.23
N LEU A 77 2.45 9.76 3.81
CA LEU A 77 1.33 10.03 4.70
C LEU A 77 1.38 9.14 5.93
N SER A 78 1.70 7.87 5.71
CA SER A 78 1.79 6.90 6.80
C SER A 78 2.73 7.40 7.89
N SER A 79 3.80 8.07 7.47
CA SER A 79 4.79 8.58 8.41
C SER A 79 4.61 10.09 8.61
N ARG A 80 3.37 10.55 8.49
CA ARG A 80 3.07 11.97 8.64
C ARG A 80 2.06 12.19 9.77
N LEU A 81 2.27 13.23 10.55
CA LEU A 81 1.38 13.54 11.67
C LEU A 81 -0.08 13.51 11.22
N GLN A 82 -0.78 12.45 11.59
CA GLN A 82 -2.18 12.30 11.22
C GLN A 82 -2.93 13.62 11.37
N THR A 83 -3.83 13.90 10.43
CA THR A 83 -4.60 15.13 10.46
C THR A 83 -5.45 15.22 11.72
N GLU A 84 -5.48 16.40 12.32
CA GLU A 84 -6.26 16.62 13.54
C GLU A 84 -7.54 17.39 13.24
N ASN A 85 -7.39 18.53 12.57
CA ASN A 85 -8.54 19.36 12.23
C ASN A 85 -8.41 19.89 10.80
N SER A 86 -9.39 19.58 9.96
CA SER A 86 -9.39 20.03 8.57
C SER A 86 -9.49 21.54 8.49
N GLY A 87 -10.52 22.09 9.13
CA GLY A 87 -10.72 23.53 9.12
C GLY A 87 -11.82 23.95 8.17
N PRO A 88 -12.42 25.13 8.42
CA PRO A 88 -13.48 25.67 7.58
C PRO A 88 -12.99 26.11 6.21
N SER A 89 -11.67 26.20 6.06
CA SER A 89 -11.07 26.60 4.80
C SER A 89 -11.32 25.57 3.71
N SER A 90 -11.15 24.30 4.07
CA SER A 90 -11.34 23.21 3.12
C SER A 90 -12.57 23.46 2.25
N GLY A 91 -13.69 23.78 2.89
CA GLY A 91 -14.92 24.04 2.16
C GLY A 91 -15.95 22.95 2.35
N GLY A 1 -9.36 -9.69 12.45
CA GLY A 1 -8.54 -8.56 12.02
C GLY A 1 -8.88 -7.29 12.79
N SER A 2 -9.13 -6.21 12.05
CA SER A 2 -9.47 -4.93 12.67
C SER A 2 -10.93 -4.90 13.10
N SER A 3 -11.20 -4.23 14.20
CA SER A 3 -12.56 -4.11 14.72
C SER A 3 -12.87 -2.68 15.13
N GLY A 4 -13.71 -2.01 14.35
CA GLY A 4 -14.09 -0.64 14.65
C GLY A 4 -12.89 0.27 14.73
N SER A 5 -12.74 1.16 13.75
CA SER A 5 -11.62 2.10 13.72
C SER A 5 -12.07 3.46 13.21
N SER A 6 -11.50 4.51 13.78
CA SER A 6 -11.84 5.88 13.40
C SER A 6 -10.59 6.64 12.94
N GLY A 7 -10.81 7.68 12.15
CA GLY A 7 -9.70 8.47 11.65
C GLY A 7 -8.74 7.67 10.81
N MET A 8 -8.07 8.33 9.88
CA MET A 8 -7.10 7.65 9.00
C MET A 8 -5.94 7.11 9.81
N GLU A 9 -5.30 6.06 9.29
CA GLU A 9 -4.16 5.44 9.97
C GLU A 9 -3.05 5.11 8.97
N PRO A 10 -1.84 4.92 9.49
CA PRO A 10 -0.66 4.60 8.66
C PRO A 10 -0.74 3.19 8.07
N VAL A 11 -0.26 3.05 6.85
CA VAL A 11 -0.27 1.75 6.17
C VAL A 11 0.69 0.78 6.83
N GLU A 12 1.73 1.32 7.45
CA GLU A 12 2.73 0.50 8.12
C GLU A 12 2.12 -0.25 9.31
N THR A 13 0.92 0.17 9.71
CA THR A 13 0.23 -0.46 10.82
C THR A 13 -0.98 -1.24 10.34
N TRP A 14 -1.51 -0.85 9.19
CA TRP A 14 -2.67 -1.53 8.61
C TRP A 14 -2.54 -3.05 8.73
N THR A 15 -3.66 -3.74 8.57
CA THR A 15 -3.66 -5.20 8.66
C THR A 15 -3.64 -5.83 7.27
N PRO A 16 -3.25 -7.12 7.22
CA PRO A 16 -3.17 -7.86 5.96
C PRO A 16 -4.55 -8.16 5.39
N GLY A 17 -5.59 -7.66 6.05
CA GLY A 17 -6.94 -7.89 5.58
C GLY A 17 -7.50 -6.70 4.83
N LYS A 18 -6.91 -5.54 5.05
CA LYS A 18 -7.35 -4.31 4.38
C LYS A 18 -6.55 -4.07 3.11
N VAL A 19 -5.23 -4.26 3.19
CA VAL A 19 -4.35 -4.07 2.06
C VAL A 19 -4.96 -4.65 0.79
N ALA A 20 -5.71 -5.74 0.95
CA ALA A 20 -6.36 -6.39 -0.18
C ALA A 20 -7.36 -5.46 -0.86
N THR A 21 -8.11 -4.73 -0.05
CA THR A 21 -9.11 -3.80 -0.56
C THR A 21 -8.46 -2.63 -1.30
N TRP A 22 -7.34 -2.17 -0.78
CA TRP A 22 -6.61 -1.05 -1.39
C TRP A 22 -5.91 -1.50 -2.66
N LEU A 23 -5.14 -2.57 -2.56
CA LEU A 23 -4.40 -3.10 -3.70
C LEU A 23 -5.32 -3.28 -4.90
N ARG A 24 -6.49 -3.87 -4.65
CA ARG A 24 -7.47 -4.11 -5.72
C ARG A 24 -8.08 -2.80 -6.19
N GLY A 25 -8.20 -1.84 -5.28
CA GLY A 25 -8.78 -0.55 -5.62
C GLY A 25 -7.71 0.48 -6.00
N LEU A 26 -6.50 0.00 -6.22
CA LEU A 26 -5.39 0.89 -6.59
C LEU A 26 -5.20 0.90 -8.10
N ASP A 27 -5.42 -0.24 -8.74
CA ASP A 27 -5.26 -0.36 -10.19
C ASP A 27 -6.04 -1.56 -10.71
N ASP A 28 -6.67 -1.39 -11.87
CA ASP A 28 -7.44 -2.46 -12.49
C ASP A 28 -6.53 -3.59 -12.95
N SER A 29 -5.51 -3.24 -13.71
CA SER A 29 -4.56 -4.23 -14.23
C SER A 29 -4.05 -5.12 -13.10
N LEU A 30 -4.06 -4.59 -11.89
CA LEU A 30 -3.60 -5.35 -10.73
C LEU A 30 -4.77 -5.97 -9.97
N GLN A 31 -5.93 -5.32 -10.06
CA GLN A 31 -7.13 -5.81 -9.39
C GLN A 31 -7.33 -7.30 -9.67
N ASP A 32 -6.78 -7.78 -10.77
CA ASP A 32 -6.90 -9.18 -11.15
C ASP A 32 -6.15 -10.07 -10.16
N TYR A 33 -4.91 -9.72 -9.88
CA TYR A 33 -4.08 -10.49 -8.96
C TYR A 33 -4.85 -10.81 -7.68
N PRO A 34 -4.68 -12.04 -7.18
CA PRO A 34 -5.35 -12.51 -5.96
C PRO A 34 -4.82 -11.82 -4.71
N PHE A 35 -5.32 -10.61 -4.44
CA PHE A 35 -4.89 -9.85 -3.28
C PHE A 35 -5.45 -10.46 -2.00
N GLU A 36 -6.72 -10.86 -2.04
CA GLU A 36 -7.37 -11.46 -0.89
C GLU A 36 -6.59 -12.68 -0.39
N ASP A 37 -5.83 -13.28 -1.29
CA ASP A 37 -5.03 -14.46 -0.95
C ASP A 37 -3.63 -14.06 -0.51
N TRP A 38 -3.15 -12.92 -1.02
CA TRP A 38 -1.82 -12.43 -0.68
C TRP A 38 -1.60 -12.45 0.83
N GLN A 39 -2.61 -12.01 1.57
CA GLN A 39 -2.51 -11.97 3.03
C GLN A 39 -1.26 -11.25 3.48
N LEU A 40 -0.94 -10.15 2.82
CA LEU A 40 0.24 -9.36 3.14
C LEU A 40 -0.11 -8.20 4.06
N PRO A 41 0.54 -8.14 5.23
CA PRO A 41 0.31 -7.08 6.21
C PRO A 41 0.83 -5.73 5.74
N GLY A 42 0.29 -4.65 6.31
CA GLY A 42 0.70 -3.31 5.93
C GLY A 42 2.19 -3.09 6.16
N LYS A 43 2.63 -3.27 7.39
CA LYS A 43 4.04 -3.09 7.74
C LYS A 43 4.95 -3.57 6.61
N ASN A 44 4.60 -4.72 6.03
CA ASN A 44 5.38 -5.29 4.94
C ASN A 44 5.09 -4.56 3.63
N LEU A 45 3.84 -4.17 3.43
CA LEU A 45 3.43 -3.48 2.22
C LEU A 45 4.43 -2.38 1.87
N LEU A 46 4.54 -1.38 2.73
CA LEU A 46 5.47 -0.27 2.50
C LEU A 46 6.90 -0.76 2.43
N GLN A 47 7.13 -1.98 2.92
CA GLN A 47 8.46 -2.57 2.92
C GLN A 47 8.60 -3.59 1.79
N LEU A 48 7.68 -3.54 0.84
CA LEU A 48 7.69 -4.46 -0.29
C LEU A 48 9.00 -4.33 -1.08
N CYS A 49 9.12 -5.13 -2.13
CA CYS A 49 10.32 -5.11 -2.96
C CYS A 49 10.07 -5.82 -4.29
N PRO A 50 10.94 -5.54 -5.28
CA PRO A 50 10.83 -6.14 -6.62
C PRO A 50 11.16 -7.62 -6.62
N GLN A 51 11.92 -8.06 -5.61
CA GLN A 51 12.30 -9.46 -5.48
C GLN A 51 11.27 -10.24 -4.68
N SER A 52 10.76 -9.62 -3.62
CA SER A 52 9.78 -10.27 -2.76
C SER A 52 8.45 -10.45 -3.50
N LEU A 53 8.10 -9.47 -4.32
CA LEU A 53 6.85 -9.52 -5.08
C LEU A 53 6.77 -10.80 -5.90
N GLU A 54 7.89 -11.17 -6.53
CA GLU A 54 7.94 -12.38 -7.34
C GLU A 54 7.31 -13.56 -6.60
N ALA A 55 7.53 -13.64 -5.30
CA ALA A 55 6.98 -14.70 -4.48
C ALA A 55 5.46 -14.78 -4.63
N LEU A 56 4.82 -13.62 -4.74
CA LEU A 56 3.38 -13.57 -4.89
C LEU A 56 2.97 -13.68 -6.37
N ALA A 57 3.81 -14.35 -7.15
CA ALA A 57 3.54 -14.54 -8.57
C ALA A 57 3.55 -13.19 -9.31
N VAL A 58 4.39 -12.28 -8.85
CA VAL A 58 4.50 -10.97 -9.46
C VAL A 58 5.92 -10.67 -9.91
N ARG A 59 6.30 -11.23 -11.06
CA ARG A 59 7.64 -11.04 -11.60
C ARG A 59 7.65 -9.94 -12.65
N SER A 60 6.63 -9.95 -13.51
CA SER A 60 6.53 -8.95 -14.57
C SER A 60 6.80 -7.54 -14.04
N LEU A 61 7.84 -6.92 -14.57
CA LEU A 61 8.22 -5.58 -14.15
C LEU A 61 7.03 -4.62 -14.21
N GLY A 62 6.42 -4.52 -15.38
CA GLY A 62 5.27 -3.65 -15.55
C GLY A 62 4.38 -3.62 -14.32
N HIS A 63 3.75 -4.73 -14.01
CA HIS A 63 2.87 -4.83 -12.86
C HIS A 63 3.57 -4.33 -11.60
N GLN A 64 4.82 -4.74 -11.41
CA GLN A 64 5.60 -4.34 -10.25
C GLN A 64 5.69 -2.82 -10.17
N GLU A 65 5.89 -2.18 -11.32
CA GLU A 65 6.00 -0.73 -11.38
C GLU A 65 4.74 -0.06 -10.85
N LEU A 66 3.59 -0.57 -11.27
CA LEU A 66 2.31 -0.02 -10.83
C LEU A 66 2.18 -0.07 -9.31
N ILE A 67 2.14 -1.29 -8.77
CA ILE A 67 2.02 -1.47 -7.32
C ILE A 67 3.02 -0.59 -6.58
N LEU A 68 4.30 -0.78 -6.87
CA LEU A 68 5.35 0.00 -6.23
C LEU A 68 5.05 1.49 -6.32
N GLY A 69 4.43 1.91 -7.41
CA GLY A 69 4.09 3.30 -7.59
C GLY A 69 3.03 3.78 -6.63
N GLY A 70 2.12 2.87 -6.26
CA GLY A 70 1.05 3.22 -5.35
C GLY A 70 1.49 3.18 -3.90
N VAL A 71 2.49 2.37 -3.62
CA VAL A 71 3.02 2.24 -2.26
C VAL A 71 3.90 3.43 -1.89
N GLU A 72 4.92 3.68 -2.71
CA GLU A 72 5.84 4.79 -2.46
C GLU A 72 5.07 6.06 -2.11
N GLN A 73 3.83 6.16 -2.58
CA GLN A 73 3.00 7.32 -2.30
C GLN A 73 2.43 7.26 -0.89
N LEU A 74 2.05 6.06 -0.46
CA LEU A 74 1.48 5.86 0.87
C LEU A 74 2.50 6.24 1.95
N GLN A 75 3.67 5.63 1.88
CA GLN A 75 4.72 5.88 2.85
C GLN A 75 4.71 7.35 3.28
N ALA A 76 4.33 8.24 2.37
CA ALA A 76 4.26 9.66 2.65
C ALA A 76 3.16 9.97 3.66
N LEU A 77 1.91 9.85 3.22
CA LEU A 77 0.77 10.11 4.09
C LEU A 77 0.83 9.26 5.35
N SER A 78 1.01 7.96 5.17
CA SER A 78 1.09 7.04 6.31
C SER A 78 1.97 7.61 7.41
N SER A 79 3.19 7.99 7.04
CA SER A 79 4.14 8.55 8.00
C SER A 79 3.90 10.04 8.20
N ARG A 80 4.78 10.67 8.97
CA ARG A 80 4.66 12.10 9.25
C ARG A 80 3.19 12.52 9.34
N LEU A 81 2.44 11.82 10.19
CA LEU A 81 1.02 12.11 10.38
C LEU A 81 0.77 13.62 10.33
N GLN A 82 -0.34 14.01 9.70
CA GLN A 82 -0.69 15.42 9.60
C GLN A 82 -2.20 15.60 9.75
N THR A 83 -2.60 16.32 10.80
CA THR A 83 -4.01 16.57 11.07
C THR A 83 -4.72 17.04 9.80
N GLU A 84 -5.60 16.20 9.27
CA GLU A 84 -6.35 16.54 8.07
C GLU A 84 -7.73 15.86 8.07
N ASN A 85 -8.61 16.34 7.20
CA ASN A 85 -9.96 15.78 7.11
C ASN A 85 -10.06 14.80 5.95
N SER A 86 -11.22 14.15 5.84
CA SER A 86 -11.44 13.17 4.78
C SER A 86 -12.73 13.47 4.03
N GLY A 87 -13.83 13.53 4.77
CA GLY A 87 -15.12 13.81 4.16
C GLY A 87 -16.25 13.03 4.80
N PRO A 88 -17.42 13.67 4.93
CA PRO A 88 -18.60 13.04 5.53
C PRO A 88 -19.19 11.95 4.65
N SER A 89 -19.04 12.11 3.33
CA SER A 89 -19.56 11.14 2.38
C SER A 89 -18.83 11.24 1.05
N SER A 90 -18.17 10.15 0.66
CA SER A 90 -17.43 10.12 -0.60
C SER A 90 -18.00 9.06 -1.54
N GLY A 91 -18.36 9.48 -2.74
CA GLY A 91 -18.91 8.56 -3.72
C GLY A 91 -19.88 9.23 -4.67
N GLY A 1 -5.80 4.18 22.73
CA GLY A 1 -6.80 4.82 23.57
C GLY A 1 -6.87 6.31 23.38
N SER A 2 -7.36 6.73 22.22
CA SER A 2 -7.47 8.16 21.90
C SER A 2 -8.81 8.46 21.25
N SER A 3 -9.62 9.26 21.92
CA SER A 3 -10.94 9.62 21.40
C SER A 3 -10.89 9.78 19.88
N GLY A 4 -11.47 8.80 19.19
CA GLY A 4 -11.48 8.84 17.73
C GLY A 4 -10.10 8.69 17.13
N SER A 5 -9.91 9.26 15.94
CA SER A 5 -8.63 9.20 15.26
C SER A 5 -8.27 10.54 14.64
N SER A 6 -6.98 10.73 14.37
CA SER A 6 -6.50 11.98 13.78
C SER A 6 -5.83 11.72 12.44
N GLY A 7 -5.83 12.75 11.58
CA GLY A 7 -5.23 12.61 10.27
C GLY A 7 -5.72 11.39 9.52
N MET A 8 -4.91 10.33 9.50
CA MET A 8 -5.28 9.11 8.82
C MET A 8 -4.36 7.96 9.22
N GLU A 9 -4.94 6.91 9.78
CA GLU A 9 -4.16 5.75 10.21
C GLU A 9 -3.12 5.36 9.16
N PRO A 10 -1.90 5.06 9.62
CA PRO A 10 -0.80 4.67 8.73
C PRO A 10 -1.01 3.30 8.12
N VAL A 11 -0.52 3.12 6.89
CA VAL A 11 -0.66 1.85 6.19
C VAL A 11 0.21 0.77 6.82
N GLU A 12 1.44 1.15 7.18
CA GLU A 12 2.37 0.21 7.79
C GLU A 12 1.72 -0.51 8.97
N THR A 13 0.64 0.07 9.48
CA THR A 13 -0.08 -0.52 10.61
C THR A 13 -1.30 -1.30 10.14
N TRP A 14 -1.87 -0.89 9.01
CA TRP A 14 -3.04 -1.56 8.45
C TRP A 14 -2.92 -3.07 8.58
N THR A 15 -4.04 -3.76 8.45
CA THR A 15 -4.06 -5.23 8.55
C THR A 15 -3.89 -5.87 7.18
N PRO A 16 -3.42 -7.13 7.18
CA PRO A 16 -3.20 -7.88 5.94
C PRO A 16 -4.51 -8.26 5.24
N GLY A 17 -5.63 -7.80 5.82
CA GLY A 17 -6.93 -8.09 5.24
C GLY A 17 -7.51 -6.90 4.50
N LYS A 18 -7.00 -5.71 4.80
CA LYS A 18 -7.49 -4.49 4.16
C LYS A 18 -6.66 -4.17 2.92
N VAL A 19 -5.37 -4.46 2.98
CA VAL A 19 -4.47 -4.19 1.86
C VAL A 19 -5.10 -4.64 0.54
N ALA A 20 -5.84 -5.73 0.59
CA ALA A 20 -6.50 -6.27 -0.60
C ALA A 20 -7.41 -5.22 -1.24
N THR A 21 -8.08 -4.43 -0.40
CA THR A 21 -8.99 -3.40 -0.88
C THR A 21 -8.22 -2.27 -1.55
N TRP A 22 -7.08 -1.91 -0.98
CA TRP A 22 -6.25 -0.84 -1.53
C TRP A 22 -5.55 -1.30 -2.81
N LEU A 23 -5.28 -2.59 -2.89
CA LEU A 23 -4.62 -3.15 -4.07
C LEU A 23 -5.60 -3.34 -5.22
N ARG A 24 -6.74 -3.95 -4.93
CA ARG A 24 -7.77 -4.18 -5.94
C ARG A 24 -8.28 -2.86 -6.50
N GLY A 25 -8.13 -1.80 -5.73
CA GLY A 25 -8.59 -0.49 -6.17
C GLY A 25 -7.57 0.21 -7.05
N LEU A 26 -6.29 0.04 -6.72
CA LEU A 26 -5.22 0.67 -7.49
C LEU A 26 -5.55 0.68 -8.98
N ASP A 27 -5.80 -0.50 -9.54
CA ASP A 27 -6.14 -0.63 -10.95
C ASP A 27 -6.87 -1.93 -11.22
N ASP A 28 -7.47 -2.03 -12.40
CA ASP A 28 -8.22 -3.23 -12.79
C ASP A 28 -7.27 -4.30 -13.32
N SER A 29 -6.12 -3.88 -13.80
CA SER A 29 -5.13 -4.81 -14.35
C SER A 29 -4.43 -5.57 -13.23
N LEU A 30 -4.66 -5.14 -11.99
CA LEU A 30 -4.05 -5.79 -10.84
C LEU A 30 -5.10 -6.51 -10.01
N GLN A 31 -6.30 -5.94 -9.95
CA GLN A 31 -7.40 -6.54 -9.19
C GLN A 31 -7.51 -8.03 -9.48
N ASP A 32 -7.01 -8.44 -10.64
CA ASP A 32 -7.06 -9.85 -11.04
C ASP A 32 -6.25 -10.71 -10.08
N TYR A 33 -5.08 -10.19 -9.68
CA TYR A 33 -4.20 -10.92 -8.77
C TYR A 33 -4.91 -11.21 -7.45
N PRO A 34 -4.74 -12.43 -6.94
CA PRO A 34 -5.34 -12.87 -5.68
C PRO A 34 -4.72 -12.18 -4.47
N PHE A 35 -5.14 -10.94 -4.21
CA PHE A 35 -4.62 -10.17 -3.10
C PHE A 35 -5.07 -10.77 -1.76
N GLU A 36 -6.35 -11.10 -1.67
CA GLU A 36 -6.90 -11.68 -0.46
C GLU A 36 -6.06 -12.86 0.01
N ASP A 37 -5.35 -13.49 -0.93
CA ASP A 37 -4.50 -14.62 -0.60
C ASP A 37 -3.13 -14.16 -0.11
N TRP A 38 -2.65 -13.05 -0.67
CA TRP A 38 -1.35 -12.51 -0.28
C TRP A 38 -1.24 -12.40 1.23
N GLN A 39 -2.35 -12.10 1.89
CA GLN A 39 -2.36 -11.97 3.34
C GLN A 39 -1.16 -11.18 3.83
N LEU A 40 -0.74 -10.20 3.04
CA LEU A 40 0.40 -9.37 3.40
C LEU A 40 -0.02 -8.19 4.26
N PRO A 41 0.57 -8.09 5.47
CA PRO A 41 0.26 -7.01 6.41
C PRO A 41 0.78 -5.66 5.93
N GLY A 42 0.14 -4.59 6.37
CA GLY A 42 0.55 -3.25 5.99
C GLY A 42 2.01 -2.99 6.27
N LYS A 43 2.46 -3.38 7.45
CA LYS A 43 3.85 -3.19 7.86
C LYS A 43 4.80 -3.60 6.74
N ASN A 44 4.55 -4.77 6.16
CA ASN A 44 5.38 -5.28 5.07
C ASN A 44 5.00 -4.63 3.75
N LEU A 45 3.72 -4.30 3.61
CA LEU A 45 3.22 -3.68 2.38
C LEU A 45 4.10 -2.51 1.96
N LEU A 46 4.46 -1.67 2.92
CA LEU A 46 5.32 -0.52 2.64
C LEU A 46 6.77 -0.94 2.49
N GLN A 47 7.12 -2.08 3.08
CA GLN A 47 8.48 -2.60 3.01
C GLN A 47 8.62 -3.61 1.87
N LEU A 48 7.58 -3.71 1.05
CA LEU A 48 7.58 -4.64 -0.07
C LEU A 48 8.77 -4.37 -1.00
N CYS A 49 9.12 -5.37 -1.79
CA CYS A 49 10.24 -5.24 -2.73
C CYS A 49 9.96 -6.01 -4.01
N PRO A 50 10.70 -5.67 -5.08
CA PRO A 50 10.55 -6.32 -6.39
C PRO A 50 11.05 -7.76 -6.38
N GLN A 51 11.76 -8.13 -5.32
CA GLN A 51 12.30 -9.48 -5.19
C GLN A 51 11.29 -10.40 -4.50
N SER A 52 10.52 -9.83 -3.58
CA SER A 52 9.52 -10.60 -2.83
C SER A 52 8.21 -10.66 -3.60
N LEU A 53 7.90 -9.61 -4.33
CA LEU A 53 6.66 -9.54 -5.11
C LEU A 53 6.59 -10.70 -6.10
N GLU A 54 7.75 -11.28 -6.41
CA GLU A 54 7.82 -12.39 -7.34
C GLU A 54 7.24 -13.66 -6.73
N ALA A 55 7.08 -13.65 -5.40
CA ALA A 55 6.53 -14.80 -4.69
C ALA A 55 5.01 -14.82 -4.79
N LEU A 56 4.41 -13.65 -4.98
CA LEU A 56 2.96 -13.53 -5.09
C LEU A 56 2.51 -13.67 -6.55
N ALA A 57 3.36 -14.27 -7.37
CA ALA A 57 3.04 -14.47 -8.78
C ALA A 57 3.12 -13.16 -9.55
N VAL A 58 3.90 -12.21 -9.02
CA VAL A 58 4.06 -10.91 -9.66
C VAL A 58 5.50 -10.68 -10.08
N ARG A 59 5.91 -11.33 -11.18
CA ARG A 59 7.26 -11.18 -11.69
C ARG A 59 7.37 -9.99 -12.63
N SER A 60 6.45 -9.91 -13.57
CA SER A 60 6.43 -8.82 -14.54
C SER A 60 6.67 -7.47 -13.86
N LEU A 61 7.69 -6.75 -14.32
CA LEU A 61 8.01 -5.45 -13.75
C LEU A 61 6.86 -4.47 -13.93
N GLY A 62 6.40 -4.33 -15.17
CA GLY A 62 5.30 -3.42 -15.46
C GLY A 62 4.25 -3.42 -14.36
N HIS A 63 3.91 -4.61 -13.86
CA HIS A 63 2.92 -4.74 -12.81
C HIS A 63 3.44 -4.18 -11.49
N GLN A 64 4.73 -4.39 -11.23
CA GLN A 64 5.35 -3.91 -10.01
C GLN A 64 5.35 -2.39 -9.96
N GLU A 65 5.74 -1.76 -11.07
CA GLU A 65 5.78 -0.31 -11.14
C GLU A 65 4.45 0.30 -10.74
N LEU A 66 3.36 -0.30 -11.23
CA LEU A 66 2.02 0.19 -10.91
C LEU A 66 1.81 0.27 -9.40
N ILE A 67 2.11 -0.82 -8.71
CA ILE A 67 1.95 -0.88 -7.27
C ILE A 67 3.07 -0.11 -6.56
N LEU A 68 4.30 -0.61 -6.68
CA LEU A 68 5.45 0.03 -6.06
C LEU A 68 5.32 1.55 -6.11
N GLY A 69 4.96 2.07 -7.28
CA GLY A 69 4.81 3.50 -7.43
C GLY A 69 3.88 4.10 -6.39
N GLY A 70 2.65 3.58 -6.34
CA GLY A 70 1.67 4.08 -5.38
C GLY A 70 2.14 3.93 -3.94
N VAL A 71 2.80 2.82 -3.64
CA VAL A 71 3.30 2.56 -2.30
C VAL A 71 4.23 3.69 -1.84
N GLU A 72 5.20 4.03 -2.67
CA GLU A 72 6.15 5.08 -2.36
C GLU A 72 5.44 6.30 -1.76
N GLN A 73 4.23 6.54 -2.23
CA GLN A 73 3.44 7.68 -1.76
C GLN A 73 2.75 7.34 -0.43
N LEU A 74 2.41 6.07 -0.25
CA LEU A 74 1.74 5.62 0.97
C LEU A 74 2.65 5.81 2.18
N GLN A 75 3.91 5.44 2.03
CA GLN A 75 4.87 5.58 3.12
C GLN A 75 4.92 7.01 3.63
N ALA A 76 4.68 7.96 2.74
CA ALA A 76 4.69 9.37 3.10
C ALA A 76 3.44 9.75 3.88
N LEU A 77 2.30 9.73 3.20
CA LEU A 77 1.01 10.07 3.82
C LEU A 77 0.81 9.26 5.10
N SER A 78 1.07 7.95 5.02
CA SER A 78 0.90 7.07 6.16
C SER A 78 1.55 7.67 7.41
N SER A 79 2.83 8.03 7.29
CA SER A 79 3.57 8.61 8.39
C SER A 79 3.08 10.02 8.70
N ARG A 80 3.11 10.88 7.69
CA ARG A 80 2.66 12.26 7.84
C ARG A 80 1.37 12.33 8.65
N LEU A 81 1.12 13.49 9.26
CA LEU A 81 -0.07 13.68 10.08
C LEU A 81 -1.21 14.26 9.23
N GLN A 82 -0.92 15.38 8.56
CA GLN A 82 -1.92 16.04 7.72
C GLN A 82 -1.49 16.03 6.26
N THR A 83 -2.21 15.28 5.44
CA THR A 83 -1.90 15.19 4.01
C THR A 83 -3.16 14.93 3.19
N GLU A 84 -3.33 15.72 2.13
CA GLU A 84 -4.50 15.57 1.25
C GLU A 84 -4.65 14.14 0.78
N ASN A 85 -5.55 13.40 1.42
CA ASN A 85 -5.78 12.00 1.06
C ASN A 85 -6.33 11.89 -0.36
N SER A 86 -7.49 12.50 -0.58
CA SER A 86 -8.13 12.46 -1.90
C SER A 86 -8.40 11.03 -2.34
N GLY A 87 -8.91 10.22 -1.41
CA GLY A 87 -9.20 8.83 -1.72
C GLY A 87 -10.64 8.64 -2.17
N PRO A 88 -11.51 8.27 -1.22
CA PRO A 88 -12.93 8.04 -1.50
C PRO A 88 -13.68 9.33 -1.83
N SER A 89 -14.38 9.33 -2.97
CA SER A 89 -15.13 10.51 -3.40
C SER A 89 -16.56 10.45 -2.86
N SER A 90 -17.20 9.31 -3.02
CA SER A 90 -18.58 9.13 -2.57
C SER A 90 -18.71 9.50 -1.09
N GLY A 91 -19.63 10.40 -0.79
CA GLY A 91 -19.83 10.82 0.59
C GLY A 91 -19.95 12.32 0.72
N GLY A 1 -13.85 1.03 20.52
CA GLY A 1 -13.08 1.70 19.49
C GLY A 1 -11.63 1.91 19.89
N SER A 2 -10.74 1.08 19.36
CA SER A 2 -9.32 1.18 19.68
C SER A 2 -8.66 2.31 18.89
N SER A 3 -8.10 3.27 19.60
CA SER A 3 -7.44 4.41 18.96
C SER A 3 -6.13 4.74 19.66
N GLY A 4 -5.09 5.00 18.87
CA GLY A 4 -3.80 5.32 19.44
C GLY A 4 -2.91 6.08 18.46
N SER A 5 -3.49 7.08 17.80
CA SER A 5 -2.74 7.87 16.83
C SER A 5 -3.40 9.25 16.65
N SER A 6 -2.59 10.22 16.23
CA SER A 6 -3.08 11.57 16.01
C SER A 6 -3.79 11.69 14.67
N GLY A 7 -3.08 11.35 13.60
CA GLY A 7 -3.66 11.43 12.27
C GLY A 7 -4.00 10.06 11.70
N MET A 8 -4.39 10.04 10.43
CA MET A 8 -4.73 8.78 9.77
C MET A 8 -3.77 7.67 10.17
N GLU A 9 -4.32 6.48 10.41
CA GLU A 9 -3.51 5.34 10.81
C GLU A 9 -2.46 5.01 9.75
N PRO A 10 -1.25 4.65 10.21
CA PRO A 10 -0.14 4.31 9.32
C PRO A 10 -0.37 2.99 8.58
N VAL A 11 -0.27 3.05 7.25
CA VAL A 11 -0.47 1.86 6.43
C VAL A 11 0.46 0.73 6.87
N GLU A 12 1.57 1.10 7.50
CA GLU A 12 2.54 0.12 7.97
C GLU A 12 1.93 -0.80 9.03
N THR A 13 0.88 -0.30 9.69
CA THR A 13 0.20 -1.07 10.73
C THR A 13 -1.06 -1.73 10.18
N TRP A 14 -1.48 -1.31 9.00
CA TRP A 14 -2.68 -1.86 8.38
C TRP A 14 -2.62 -3.39 8.37
N THR A 15 -3.79 -4.02 8.58
CA THR A 15 -3.87 -5.48 8.59
C THR A 15 -3.65 -6.05 7.19
N PRO A 16 -3.15 -7.30 7.14
CA PRO A 16 -2.88 -7.99 5.88
C PRO A 16 -4.17 -8.37 5.14
N GLY A 17 -5.31 -7.95 5.70
CA GLY A 17 -6.59 -8.25 5.08
C GLY A 17 -7.21 -7.04 4.42
N LYS A 18 -6.66 -5.86 4.70
CA LYS A 18 -7.17 -4.63 4.12
C LYS A 18 -6.44 -4.29 2.81
N VAL A 19 -5.12 -4.40 2.85
CA VAL A 19 -4.31 -4.12 1.66
C VAL A 19 -4.95 -4.68 0.40
N ALA A 20 -5.65 -5.80 0.54
CA ALA A 20 -6.31 -6.43 -0.58
C ALA A 20 -7.25 -5.46 -1.28
N THR A 21 -8.00 -4.70 -0.49
CA THR A 21 -8.94 -3.72 -1.05
C THR A 21 -8.20 -2.57 -1.72
N TRP A 22 -7.29 -1.94 -0.98
CA TRP A 22 -6.52 -0.82 -1.51
C TRP A 22 -5.75 -1.24 -2.76
N LEU A 23 -5.39 -2.52 -2.83
CA LEU A 23 -4.65 -3.04 -3.97
C LEU A 23 -5.57 -3.30 -5.16
N ARG A 24 -6.79 -3.75 -4.86
CA ARG A 24 -7.77 -4.03 -5.90
C ARG A 24 -8.22 -2.74 -6.59
N GLY A 25 -8.22 -1.65 -5.84
CA GLY A 25 -8.63 -0.37 -6.39
C GLY A 25 -7.53 0.30 -7.20
N LEU A 26 -6.28 -0.01 -6.86
CA LEU A 26 -5.14 0.57 -7.56
C LEU A 26 -5.41 0.65 -9.06
N ASP A 27 -5.58 -0.52 -9.69
CA ASP A 27 -5.85 -0.56 -11.13
C ASP A 27 -6.67 -1.80 -11.47
N ASP A 28 -7.37 -1.74 -12.60
CA ASP A 28 -8.20 -2.85 -13.05
C ASP A 28 -7.33 -3.98 -13.60
N SER A 29 -6.11 -3.65 -13.99
CA SER A 29 -5.19 -4.64 -14.53
C SER A 29 -4.55 -5.46 -13.43
N LEU A 30 -4.37 -4.85 -12.27
CA LEU A 30 -3.78 -5.52 -11.12
C LEU A 30 -4.85 -6.17 -10.24
N GLN A 31 -6.05 -5.60 -10.27
CA GLN A 31 -7.16 -6.11 -9.49
C GLN A 31 -7.35 -7.61 -9.74
N ASP A 32 -6.79 -8.09 -10.84
CA ASP A 32 -6.90 -9.51 -11.19
C ASP A 32 -6.12 -10.37 -10.21
N TYR A 33 -4.84 -10.03 -10.03
CA TYR A 33 -3.98 -10.79 -9.12
C TYR A 33 -4.71 -11.11 -7.82
N PRO A 34 -4.52 -12.34 -7.32
CA PRO A 34 -5.14 -12.80 -6.07
C PRO A 34 -4.58 -12.11 -4.84
N PHE A 35 -5.06 -10.90 -4.59
CA PHE A 35 -4.60 -10.11 -3.44
C PHE A 35 -4.99 -10.80 -2.13
N GLU A 36 -6.27 -11.17 -2.03
CA GLU A 36 -6.77 -11.84 -0.83
C GLU A 36 -5.85 -12.99 -0.42
N ASP A 37 -5.07 -13.49 -1.38
CA ASP A 37 -4.16 -14.59 -1.12
C ASP A 37 -2.81 -14.07 -0.62
N TRP A 38 -2.46 -12.86 -1.05
CA TRP A 38 -1.19 -12.25 -0.66
C TRP A 38 -1.04 -12.24 0.85
N GLN A 39 -2.12 -11.87 1.55
CA GLN A 39 -2.10 -11.82 3.01
C GLN A 39 -0.88 -11.06 3.51
N LEU A 40 -0.51 -10.01 2.79
CA LEU A 40 0.64 -9.20 3.17
C LEU A 40 0.25 -8.09 4.13
N PRO A 41 0.84 -8.10 5.33
CA PRO A 41 0.56 -7.10 6.36
C PRO A 41 1.10 -5.72 6.00
N GLY A 42 0.33 -4.69 6.32
CA GLY A 42 0.74 -3.33 6.02
C GLY A 42 2.22 -3.11 6.31
N LYS A 43 2.67 -3.59 7.46
CA LYS A 43 4.07 -3.43 7.86
C LYS A 43 5.01 -3.78 6.71
N ASN A 44 4.65 -4.83 5.96
CA ASN A 44 5.46 -5.26 4.83
C ASN A 44 5.05 -4.54 3.55
N LEU A 45 3.80 -4.08 3.51
CA LEU A 45 3.28 -3.37 2.35
C LEU A 45 4.18 -2.20 1.98
N LEU A 46 4.41 -1.30 2.93
CA LEU A 46 5.26 -0.14 2.71
C LEU A 46 6.72 -0.55 2.56
N GLN A 47 7.05 -1.71 3.12
CA GLN A 47 8.42 -2.21 3.05
C GLN A 47 8.57 -3.26 1.94
N LEU A 48 7.56 -3.33 1.08
CA LEU A 48 7.57 -4.29 -0.02
C LEU A 48 8.81 -4.12 -0.88
N CYS A 49 8.99 -5.02 -1.84
CA CYS A 49 10.14 -4.96 -2.74
C CYS A 49 9.80 -5.59 -4.09
N PRO A 50 10.55 -5.20 -5.13
CA PRO A 50 10.36 -5.70 -6.49
C PRO A 50 10.75 -7.17 -6.63
N GLN A 51 11.59 -7.64 -5.72
CA GLN A 51 12.04 -9.02 -5.74
C GLN A 51 11.11 -9.91 -4.93
N SER A 52 10.58 -9.36 -3.84
CA SER A 52 9.67 -10.10 -2.97
C SER A 52 8.31 -10.28 -3.64
N LEU A 53 7.83 -9.23 -4.27
CA LEU A 53 6.53 -9.26 -4.94
C LEU A 53 6.40 -10.53 -5.80
N GLU A 54 7.51 -10.94 -6.40
CA GLU A 54 7.51 -12.14 -7.24
C GLU A 54 6.95 -13.33 -6.48
N ALA A 55 7.26 -13.42 -5.20
CA ALA A 55 6.78 -14.51 -4.37
C ALA A 55 5.25 -14.57 -4.36
N LEU A 56 4.62 -13.41 -4.48
CA LEU A 56 3.17 -13.32 -4.49
C LEU A 56 2.61 -13.60 -5.88
N ALA A 57 3.40 -14.28 -6.70
CA ALA A 57 2.99 -14.62 -8.06
C ALA A 57 2.97 -13.38 -8.94
N VAL A 58 3.76 -12.37 -8.58
CA VAL A 58 3.83 -11.13 -9.34
C VAL A 58 5.20 -10.97 -9.99
N ARG A 59 5.40 -11.68 -11.11
CA ARG A 59 6.67 -11.61 -11.82
C ARG A 59 6.64 -10.50 -12.87
N SER A 60 5.45 -10.22 -13.39
CA SER A 60 5.29 -9.18 -14.40
C SER A 60 5.78 -7.83 -13.88
N LEU A 61 7.08 -7.61 -13.97
CA LEU A 61 7.68 -6.35 -13.51
C LEU A 61 6.76 -5.17 -13.79
N GLY A 62 6.05 -5.23 -14.92
CA GLY A 62 5.13 -4.17 -15.28
C GLY A 62 4.16 -3.84 -14.17
N HIS A 63 3.45 -4.85 -13.69
CA HIS A 63 2.47 -4.66 -12.63
C HIS A 63 3.16 -4.25 -11.33
N GLN A 64 4.39 -4.73 -11.12
CA GLN A 64 5.15 -4.42 -9.93
C GLN A 64 5.32 -2.90 -9.78
N GLU A 65 5.46 -2.22 -10.91
CA GLU A 65 5.64 -0.77 -10.91
C GLU A 65 4.32 -0.06 -10.65
N LEU A 66 3.24 -0.63 -11.17
CA LEU A 66 1.91 -0.05 -10.99
C LEU A 66 1.55 0.04 -9.51
N ILE A 67 2.01 -0.93 -8.74
CA ILE A 67 1.73 -0.96 -7.30
C ILE A 67 2.82 -0.23 -6.52
N LEU A 68 4.06 -0.70 -6.64
CA LEU A 68 5.17 -0.09 -5.95
C LEU A 68 5.05 1.43 -5.93
N GLY A 69 4.72 1.99 -7.09
CA GLY A 69 4.57 3.44 -7.18
C GLY A 69 3.58 3.99 -6.17
N GLY A 70 2.40 3.40 -6.12
CA GLY A 70 1.39 3.85 -5.18
C GLY A 70 1.84 3.75 -3.74
N VAL A 71 2.60 2.70 -3.43
CA VAL A 71 3.10 2.49 -2.08
C VAL A 71 4.03 3.62 -1.65
N GLU A 72 4.89 4.05 -2.58
CA GLU A 72 5.83 5.13 -2.29
C GLU A 72 5.11 6.36 -1.75
N GLN A 73 4.03 6.74 -2.42
CA GLN A 73 3.24 7.89 -2.01
C GLN A 73 2.63 7.68 -0.63
N LEU A 74 2.23 6.43 -0.35
CA LEU A 74 1.62 6.09 0.93
C LEU A 74 2.61 6.34 2.07
N GLN A 75 3.81 5.80 1.93
CA GLN A 75 4.85 5.96 2.95
C GLN A 75 4.98 7.42 3.38
N ALA A 76 4.49 8.32 2.52
CA ALA A 76 4.56 9.75 2.81
C ALA A 76 3.45 10.16 3.78
N LEU A 77 2.28 9.56 3.63
CA LEU A 77 1.14 9.86 4.49
C LEU A 77 1.09 8.90 5.69
N SER A 78 1.80 7.79 5.58
CA SER A 78 1.84 6.79 6.64
C SER A 78 2.58 7.34 7.86
N SER A 79 3.82 7.78 7.65
CA SER A 79 4.63 8.31 8.73
C SER A 79 4.44 9.83 8.85
N ARG A 80 4.52 10.52 7.72
CA ARG A 80 4.37 11.97 7.69
C ARG A 80 5.39 12.63 8.61
N LEU A 81 6.54 11.99 8.77
CA LEU A 81 7.61 12.53 9.62
C LEU A 81 8.90 12.72 8.82
N GLN A 82 8.80 13.40 7.69
CA GLN A 82 9.96 13.65 6.85
C GLN A 82 9.65 14.73 5.81
N THR A 83 10.70 15.30 5.23
CA THR A 83 10.54 16.35 4.23
C THR A 83 9.50 15.96 3.18
N GLU A 84 8.37 16.65 3.20
CA GLU A 84 7.29 16.39 2.26
C GLU A 84 7.58 17.02 0.90
N ASN A 85 6.93 16.52 -0.14
CA ASN A 85 7.11 17.04 -1.48
C ASN A 85 5.79 17.06 -2.25
N SER A 86 5.82 17.59 -3.47
CA SER A 86 4.63 17.66 -4.30
C SER A 86 4.98 17.49 -5.77
N GLY A 87 4.13 16.78 -6.51
CA GLY A 87 4.37 16.56 -7.93
C GLY A 87 4.05 15.14 -8.35
N PRO A 88 2.75 14.81 -8.43
CA PRO A 88 2.29 13.49 -8.83
C PRO A 88 2.56 13.19 -10.30
N SER A 89 2.85 14.23 -11.06
CA SER A 89 3.12 14.09 -12.49
C SER A 89 4.20 13.02 -12.73
N SER A 90 4.33 12.60 -13.98
CA SER A 90 5.32 11.58 -14.34
C SER A 90 5.57 11.59 -15.85
N GLY A 91 6.81 11.28 -16.22
CA GLY A 91 7.17 11.27 -17.63
C GLY A 91 8.51 11.92 -17.90
N GLY A 1 -14.15 12.56 18.98
CA GLY A 1 -13.99 12.44 20.42
C GLY A 1 -13.46 13.70 21.06
N SER A 2 -12.33 13.58 21.75
CA SER A 2 -11.71 14.72 22.42
C SER A 2 -10.34 15.02 21.82
N SER A 3 -10.26 16.11 21.07
CA SER A 3 -9.01 16.51 20.44
C SER A 3 -8.40 15.34 19.66
N GLY A 4 -9.26 14.56 19.01
CA GLY A 4 -8.79 13.43 18.23
C GLY A 4 -8.29 13.83 16.86
N SER A 5 -7.51 12.95 16.24
CA SER A 5 -6.96 13.21 14.91
C SER A 5 -7.96 12.85 13.83
N SER A 6 -8.39 13.86 13.06
CA SER A 6 -9.35 13.65 11.98
C SER A 6 -8.64 13.18 10.71
N GLY A 7 -7.68 12.27 10.87
CA GLY A 7 -6.95 11.77 9.72
C GLY A 7 -7.14 10.28 9.52
N MET A 8 -6.36 9.70 8.61
CA MET A 8 -6.46 8.27 8.33
C MET A 8 -5.30 7.52 8.98
N GLU A 9 -5.57 6.30 9.40
CA GLU A 9 -4.54 5.48 10.03
C GLU A 9 -3.40 5.18 9.07
N PRO A 10 -2.20 4.94 9.62
CA PRO A 10 -1.00 4.65 8.82
C PRO A 10 -1.08 3.28 8.15
N VAL A 11 -0.54 3.19 6.94
CA VAL A 11 -0.53 1.93 6.20
C VAL A 11 0.32 0.88 6.89
N GLU A 12 1.37 1.33 7.57
CA GLU A 12 2.28 0.43 8.28
C GLU A 12 1.54 -0.32 9.38
N THR A 13 0.32 0.12 9.68
CA THR A 13 -0.49 -0.52 10.72
C THR A 13 -1.66 -1.27 10.11
N TRP A 14 -1.98 -0.96 8.86
CA TRP A 14 -3.09 -1.61 8.16
C TRP A 14 -2.97 -3.13 8.26
N THR A 15 -4.10 -3.82 8.22
CA THR A 15 -4.12 -5.28 8.30
C THR A 15 -3.91 -5.91 6.93
N PRO A 16 -3.44 -7.17 6.92
CA PRO A 16 -3.20 -7.91 5.68
C PRO A 16 -4.48 -8.28 4.95
N GLY A 17 -5.60 -7.82 5.50
CA GLY A 17 -6.89 -8.12 4.88
C GLY A 17 -7.49 -6.92 4.17
N LYS A 18 -6.95 -5.74 4.45
CA LYS A 18 -7.42 -4.51 3.84
C LYS A 18 -6.64 -4.19 2.56
N VAL A 19 -5.33 -4.42 2.61
CA VAL A 19 -4.46 -4.17 1.47
C VAL A 19 -5.11 -4.64 0.17
N ALA A 20 -5.90 -5.71 0.27
CA ALA A 20 -6.58 -6.26 -0.90
C ALA A 20 -7.45 -5.20 -1.57
N THR A 21 -8.17 -4.43 -0.77
CA THR A 21 -9.05 -3.38 -1.29
C THR A 21 -8.24 -2.25 -1.88
N TRP A 22 -7.10 -1.95 -1.27
CA TRP A 22 -6.23 -0.88 -1.74
C TRP A 22 -5.46 -1.31 -2.98
N LEU A 23 -5.32 -2.62 -3.16
CA LEU A 23 -4.61 -3.16 -4.31
C LEU A 23 -5.52 -3.27 -5.53
N ARG A 24 -6.72 -3.78 -5.31
CA ARG A 24 -7.69 -3.93 -6.38
C ARG A 24 -8.09 -2.59 -6.97
N GLY A 25 -8.01 -1.54 -6.14
CA GLY A 25 -8.35 -0.21 -6.59
C GLY A 25 -7.27 0.41 -7.46
N LEU A 26 -6.01 0.20 -7.09
CA LEU A 26 -4.90 0.74 -7.84
C LEU A 26 -5.15 0.64 -9.34
N ASP A 27 -5.65 -0.51 -9.78
CA ASP A 27 -5.93 -0.74 -11.19
C ASP A 27 -6.68 -2.05 -11.39
N ASP A 28 -7.30 -2.21 -12.56
CA ASP A 28 -8.04 -3.42 -12.88
C ASP A 28 -7.10 -4.54 -13.31
N SER A 29 -5.91 -4.16 -13.79
CA SER A 29 -4.93 -5.13 -14.24
C SER A 29 -4.45 -6.00 -13.08
N LEU A 30 -4.67 -5.53 -11.86
CA LEU A 30 -4.26 -6.26 -10.67
C LEU A 30 -5.46 -6.95 -10.01
N GLN A 31 -6.65 -6.41 -10.26
CA GLN A 31 -7.87 -6.98 -9.69
C GLN A 31 -7.90 -8.50 -9.87
N ASP A 32 -7.12 -9.00 -10.83
CA ASP A 32 -7.05 -10.43 -11.09
C ASP A 32 -6.26 -11.14 -9.99
N TYR A 33 -5.09 -10.61 -9.68
CA TYR A 33 -4.24 -11.20 -8.65
C TYR A 33 -5.03 -11.47 -7.38
N PRO A 34 -4.90 -12.69 -6.85
CA PRO A 34 -5.59 -13.11 -5.62
C PRO A 34 -5.05 -12.41 -4.39
N PHE A 35 -5.51 -11.19 -4.14
CA PHE A 35 -5.06 -10.41 -2.99
C PHE A 35 -5.40 -11.14 -1.69
N GLU A 36 -6.60 -11.68 -1.61
CA GLU A 36 -7.04 -12.40 -0.42
C GLU A 36 -6.06 -13.52 -0.08
N ASP A 37 -5.21 -13.87 -1.04
CA ASP A 37 -4.23 -14.93 -0.83
C ASP A 37 -2.89 -14.35 -0.37
N TRP A 38 -2.53 -13.20 -0.93
CA TRP A 38 -1.28 -12.54 -0.57
C TRP A 38 -1.10 -12.51 0.95
N GLN A 39 -2.19 -12.30 1.67
CA GLN A 39 -2.15 -12.24 3.13
C GLN A 39 -0.96 -11.41 3.61
N LEU A 40 -0.66 -10.35 2.87
CA LEU A 40 0.47 -9.47 3.21
C LEU A 40 -0.01 -8.29 4.03
N PRO A 41 0.55 -8.14 5.24
CA PRO A 41 0.20 -7.03 6.15
C PRO A 41 0.70 -5.69 5.65
N GLY A 42 0.07 -4.62 6.12
CA GLY A 42 0.46 -3.29 5.71
C GLY A 42 1.90 -2.96 6.06
N LYS A 43 2.28 -3.27 7.30
CA LYS A 43 3.64 -3.01 7.76
C LYS A 43 4.66 -3.37 6.68
N ASN A 44 4.50 -4.55 6.09
CA ASN A 44 5.40 -5.01 5.05
C ASN A 44 5.04 -4.40 3.70
N LEU A 45 3.80 -3.93 3.58
CA LEU A 45 3.31 -3.32 2.35
C LEU A 45 4.08 -2.04 2.04
N LEU A 46 4.56 -1.38 3.09
CA LEU A 46 5.32 -0.14 2.94
C LEU A 46 6.79 -0.43 2.67
N GLN A 47 7.25 -1.60 3.10
CA GLN A 47 8.63 -2.00 2.91
C GLN A 47 8.74 -3.15 1.92
N LEU A 48 7.81 -3.22 0.98
CA LEU A 48 7.80 -4.28 -0.01
C LEU A 48 8.99 -4.16 -0.95
N CYS A 49 9.34 -5.27 -1.61
CA CYS A 49 10.47 -5.28 -2.53
C CYS A 49 10.14 -6.09 -3.78
N PRO A 50 10.85 -5.79 -4.89
CA PRO A 50 10.64 -6.47 -6.16
C PRO A 50 11.10 -7.93 -6.12
N GLN A 51 11.78 -8.31 -5.04
CA GLN A 51 12.27 -9.67 -4.88
C GLN A 51 11.23 -10.56 -4.19
N SER A 52 10.47 -9.96 -3.29
CA SER A 52 9.44 -10.69 -2.55
C SER A 52 8.18 -10.83 -3.38
N LEU A 53 7.73 -9.71 -3.96
CA LEU A 53 6.53 -9.71 -4.77
C LEU A 53 6.49 -10.92 -5.70
N GLU A 54 7.64 -11.25 -6.29
CA GLU A 54 7.73 -12.38 -7.20
C GLU A 54 7.08 -13.62 -6.58
N ALA A 55 7.32 -13.82 -5.29
CA ALA A 55 6.74 -14.97 -4.58
C ALA A 55 5.22 -15.00 -4.71
N LEU A 56 4.62 -13.82 -4.75
CA LEU A 56 3.16 -13.71 -4.87
C LEU A 56 2.74 -13.78 -6.33
N ALA A 57 3.58 -14.37 -7.17
CA ALA A 57 3.29 -14.49 -8.59
C ALA A 57 3.34 -13.13 -9.29
N VAL A 58 4.13 -12.23 -8.74
CA VAL A 58 4.27 -10.89 -9.30
C VAL A 58 5.70 -10.61 -9.74
N ARG A 59 6.04 -11.05 -10.95
CA ARG A 59 7.38 -10.86 -11.49
C ARG A 59 7.41 -9.73 -12.51
N SER A 60 6.39 -9.69 -13.37
CA SER A 60 6.29 -8.66 -14.40
C SER A 60 6.59 -7.29 -13.81
N LEU A 61 7.32 -6.47 -14.57
CA LEU A 61 7.67 -5.13 -14.13
C LEU A 61 6.45 -4.22 -14.13
N GLY A 62 5.87 -4.02 -15.32
CA GLY A 62 4.69 -3.18 -15.43
C GLY A 62 3.78 -3.27 -14.21
N HIS A 63 3.51 -4.50 -13.78
CA HIS A 63 2.64 -4.72 -12.63
C HIS A 63 3.29 -4.18 -11.35
N GLN A 64 4.55 -4.54 -11.14
CA GLN A 64 5.29 -4.09 -9.96
C GLN A 64 5.26 -2.57 -9.84
N GLU A 65 5.63 -1.90 -10.92
CA GLU A 65 5.65 -0.43 -10.94
C GLU A 65 4.29 0.14 -10.52
N LEU A 66 3.23 -0.36 -11.15
CA LEU A 66 1.88 0.11 -10.85
C LEU A 66 1.67 0.20 -9.34
N ILE A 67 1.95 -0.91 -8.64
CA ILE A 67 1.79 -0.94 -7.19
C ILE A 67 2.89 -0.14 -6.49
N LEU A 68 4.12 -0.60 -6.63
CA LEU A 68 5.26 0.07 -6.01
C LEU A 68 5.08 1.59 -6.07
N GLY A 69 4.50 2.07 -7.15
CA GLY A 69 4.28 3.50 -7.31
C GLY A 69 3.57 4.11 -6.11
N GLY A 70 2.36 3.64 -5.83
CA GLY A 70 1.61 4.15 -4.71
C GLY A 70 2.28 3.88 -3.38
N VAL A 71 2.83 2.69 -3.23
CA VAL A 71 3.51 2.31 -2.00
C VAL A 71 4.52 3.37 -1.58
N GLU A 72 4.94 4.19 -2.53
CA GLU A 72 5.90 5.25 -2.25
C GLU A 72 5.21 6.49 -1.71
N GLN A 73 4.04 6.80 -2.26
CA GLN A 73 3.28 7.96 -1.82
C GLN A 73 2.70 7.74 -0.43
N LEU A 74 2.43 6.48 -0.10
CA LEU A 74 1.87 6.14 1.20
C LEU A 74 2.89 6.37 2.32
N GLN A 75 4.07 5.76 2.17
CA GLN A 75 5.12 5.91 3.16
C GLN A 75 5.21 7.35 3.66
N ALA A 76 4.78 8.29 2.82
CA ALA A 76 4.80 9.71 3.18
C ALA A 76 3.66 10.04 4.14
N LEU A 77 2.44 10.03 3.63
CA LEU A 77 1.27 10.34 4.44
C LEU A 77 1.24 9.48 5.70
N SER A 78 1.81 8.28 5.61
CA SER A 78 1.84 7.35 6.73
C SER A 78 3.02 7.66 7.65
N SER A 79 2.88 7.30 8.93
CA SER A 79 3.94 7.54 9.91
C SER A 79 4.61 8.88 9.64
N ARG A 80 3.82 9.89 9.33
CA ARG A 80 4.35 11.22 9.06
C ARG A 80 5.55 11.53 9.96
N LEU A 81 6.61 12.07 9.36
CA LEU A 81 7.81 12.41 10.11
C LEU A 81 7.49 13.29 11.30
N GLN A 82 8.50 13.58 12.11
CA GLN A 82 8.32 14.41 13.29
C GLN A 82 8.31 15.89 12.91
N THR A 83 7.12 16.40 12.58
CA THR A 83 6.97 17.80 12.20
C THR A 83 5.74 18.41 12.84
N GLU A 84 5.82 19.72 13.12
CA GLU A 84 4.70 20.43 13.73
C GLU A 84 3.90 21.21 12.69
N ASN A 85 4.55 22.21 12.10
CA ASN A 85 3.90 23.03 11.08
C ASN A 85 3.88 22.33 9.73
N SER A 86 2.82 22.55 8.96
CA SER A 86 2.68 21.93 7.65
C SER A 86 3.52 22.66 6.61
N GLY A 87 4.34 21.90 5.88
CA GLY A 87 5.19 22.50 4.86
C GLY A 87 4.66 22.27 3.46
N PRO A 88 3.92 23.25 2.93
CA PRO A 88 3.35 23.17 1.58
C PRO A 88 4.40 23.24 0.49
N SER A 89 5.63 23.55 0.88
CA SER A 89 6.74 23.65 -0.06
C SER A 89 7.68 22.46 0.07
N SER A 90 7.74 21.64 -0.98
CA SER A 90 8.60 20.46 -0.98
C SER A 90 10.05 20.85 -0.67
N GLY A 91 10.59 21.75 -1.47
CA GLY A 91 11.96 22.19 -1.27
C GLY A 91 12.48 23.03 -2.43
#